data_1IGT
#
_entry.id   1IGT
#
_cell.length_a   65.820
_cell.length_b   76.770
_cell.length_c   100.640
_cell.angle_alpha   88.05
_cell.angle_beta   92.35
_cell.angle_gamma   97.23
#
_symmetry.space_group_name_H-M   'P 1'
#
loop_
_entity.id
_entity.type
_entity.pdbx_description
1 polymer 'IGG2A INTACT ANTIBODY - MAB231'
2 polymer 'IGG2A INTACT ANTIBODY - MAB231'
3 branched beta-D-galactopyranose-(1-4)-2-acetamido-2-deoxy-beta-D-glucopyranose-(1-2)-alpha-D-mannopyranose-(1-6)-[2-acetamido-2-deoxy-beta-D-glucopyranose-(1-2)-alpha-D-mannopyranose-(1-3)]beta-D-mannopyranose-(1-4)-2-acetamido-2-deoxy-beta-D-glucopyranose-(1-4)-[beta-L-fucopyranose-(1-6)]2-acetamido-2-deoxy-beta-D-glucopyranose
4 branched beta-D-galactopyranose-(1-4)-2-acetamido-2-deoxy-beta-D-glucopyranose-(1-2)-alpha-D-mannopyranose-(1-6)-[2-acetamido-2-deoxy-beta-D-glucopyranose-(1-2)-alpha-D-mannopyranose-(1-3)]beta-D-mannopyranose-(1-4)-2-acetamido-2-deoxy-beta-D-glucopyranose-(1-4)-[alpha-L-fucopyranose-(1-6)]2-acetamido-2-deoxy-beta-D-glucopyranose
#
loop_
_entity_poly.entity_id
_entity_poly.type
_entity_poly.pdbx_seq_one_letter_code
_entity_poly.pdbx_strand_id
1 'polypeptide(L)'
;DIVLTQSPSSLSASLGDTITITCHASQNINVWLSWYQQKPGNIPKLLIYKASNLHTGVPSRFSGSGSGTGFTLTISSLQP
EDIATYYCQQGQSYPLTFGGGTKLEIKRADAAPTVSIFPPSSEQLTSGGASVVCFLNNFYPKDINVKWKIDGSERQNGVL
NSWTDQDSKDSTYSMSSTLTLTKDEYERHNSYTCEATHKTSTSPIVKSFNRNEC
;
A,C
2 'polypeptide(L)'
;EVKLQESGGGLVQPGGSLKLSCATSGFTFSDYYMYWVRQTPEKRLEWVAYISNGGGSTYYPDTVKGRFTISRDNAKNTLY
LQMSRLKSEDTAMYYCARHGGYYAMDYWGQGTTVTVSSAKTTAPSVYPLAPVCGDTTGSSVTLGCLVKGYFPEPVTLTWN
SGSLSSGVHTFPAVLQSDLYTLSSSVTVTSSTWPSQSITCNVAHPASSTKVDKKIEPRGPTIKPCPPCKCPAPNLLGGPS
VFIFPPKIKDVLMISLSPIVTCVVVDVSEDDPDVQISWFVNNVEVHTAQTQTHREDYNSTLRVVSALPIQHQDWMSGKEF
KCKVNNKDLPAPIERTISKPKGSVRAPQVYVLPPPEEEMTKKQVTLTCMVTDFMPEDIYVEWTNNGKTELNYKNTEPVLD
SDGSYFMYSKLRVEKKNWVERNSYSCSVVHEGLHNHHTTKSFSR
;
B,D
#
# COMPACT_ATOMS: atom_id res chain seq x y z
N ASP A 1 -59.92 16.16 -44.84
CA ASP A 1 -59.54 14.71 -44.86
C ASP A 1 -60.62 13.93 -44.14
N ILE A 2 -60.67 12.64 -44.40
CA ILE A 2 -61.63 11.75 -43.75
C ILE A 2 -60.74 10.92 -42.87
N VAL A 3 -60.81 11.14 -41.56
CA VAL A 3 -59.96 10.37 -40.66
C VAL A 3 -60.71 9.11 -40.28
N LEU A 4 -60.01 7.99 -40.35
CA LEU A 4 -60.59 6.69 -39.99
C LEU A 4 -60.27 6.41 -38.50
N THR A 5 -61.10 5.65 -37.81
CA THR A 5 -60.84 5.36 -36.38
C THR A 5 -60.98 3.87 -36.07
N GLN A 6 -59.85 3.19 -36.14
CA GLN A 6 -59.81 1.77 -35.87
C GLN A 6 -59.79 1.58 -34.36
N SER A 7 -60.54 0.59 -33.89
CA SER A 7 -60.65 0.31 -32.48
C SER A 7 -60.74 -1.18 -32.33
N PRO A 8 -60.15 -1.74 -31.27
CA PRO A 8 -59.41 -1.03 -30.23
C PRO A 8 -58.06 -0.71 -30.82
N SER A 9 -57.03 -0.67 -29.97
CA SER A 9 -55.69 -0.37 -30.45
C SER A 9 -54.83 -1.64 -30.37
N SER A 10 -55.23 -2.58 -29.52
CA SER A 10 -54.52 -3.84 -29.37
C SER A 10 -55.48 -4.84 -28.75
N LEU A 11 -55.28 -6.12 -29.04
CA LEU A 11 -56.14 -7.15 -28.49
C LEU A 11 -55.42 -8.46 -28.29
N SER A 12 -55.87 -9.21 -27.29
CA SER A 12 -55.31 -10.51 -26.98
C SER A 12 -56.47 -11.47 -26.86
N ALA A 13 -56.30 -12.68 -27.38
CA ALA A 13 -57.33 -13.69 -27.32
C ALA A 13 -56.70 -15.05 -27.56
N SER A 14 -57.40 -16.11 -27.16
CA SER A 14 -56.89 -17.45 -27.31
C SER A 14 -57.04 -17.94 -28.74
N LEU A 15 -56.29 -18.99 -29.08
CA LEU A 15 -56.35 -19.58 -30.41
C LEU A 15 -57.79 -20.04 -30.66
N GLY A 16 -58.18 -20.09 -31.92
CA GLY A 16 -59.54 -20.52 -32.24
C GLY A 16 -60.63 -19.50 -31.98
N ASP A 17 -60.33 -18.51 -31.14
CA ASP A 17 -61.33 -17.50 -30.85
C ASP A 17 -61.73 -16.76 -32.12
N THR A 18 -62.88 -16.11 -32.04
CA THR A 18 -63.38 -15.31 -33.14
C THR A 18 -63.28 -13.91 -32.54
N ILE A 19 -62.66 -12.99 -33.27
CA ILE A 19 -62.48 -11.62 -32.77
C ILE A 19 -62.87 -10.57 -33.80
N THR A 20 -63.40 -9.44 -33.32
CA THR A 20 -63.83 -8.37 -34.22
C THR A 20 -63.14 -7.03 -34.04
N ILE A 21 -62.49 -6.59 -35.11
CA ILE A 21 -61.79 -5.31 -35.14
C ILE A 21 -62.75 -4.38 -35.86
N THR A 22 -62.74 -3.09 -35.55
CA THR A 22 -63.65 -2.19 -36.26
C THR A 22 -63.02 -0.87 -36.71
N CYS A 23 -63.64 -0.22 -37.68
CA CYS A 23 -63.16 1.05 -38.18
C CYS A 23 -64.36 1.96 -38.35
N HIS A 24 -64.14 3.26 -38.19
CA HIS A 24 -65.21 4.22 -38.35
C HIS A 24 -64.69 5.35 -39.13
N ALA A 25 -65.57 6.05 -39.81
CA ALA A 25 -65.12 7.16 -40.62
C ALA A 25 -65.91 8.40 -40.35
N SER A 26 -65.22 9.52 -40.46
CA SER A 26 -65.84 10.83 -40.28
C SER A 26 -66.95 10.92 -41.32
N GLN A 27 -66.56 11.11 -42.59
CA GLN A 27 -67.51 11.22 -43.69
C GLN A 27 -67.87 9.84 -44.23
N ASN A 28 -68.98 9.74 -44.96
CA ASN A 28 -69.42 8.48 -45.56
C ASN A 28 -68.43 8.06 -46.64
N ILE A 29 -68.08 6.77 -46.67
CA ILE A 29 -67.13 6.22 -47.66
C ILE A 29 -67.72 5.05 -48.43
N ASN A 30 -69.05 4.96 -48.36
CA ASN A 30 -69.82 3.96 -49.05
C ASN A 30 -69.41 2.55 -48.74
N VAL A 31 -68.44 2.03 -49.47
CA VAL A 31 -68.03 0.66 -49.25
C VAL A 31 -66.56 0.52 -49.60
N TRP A 32 -65.94 1.67 -49.81
CA TRP A 32 -64.53 1.76 -50.15
C TRP A 32 -63.60 1.60 -48.94
N LEU A 33 -63.46 0.38 -48.44
CA LEU A 33 -62.61 0.14 -47.30
C LEU A 33 -61.77 -1.11 -47.51
N SER A 34 -60.48 -0.99 -47.27
CA SER A 34 -59.58 -2.10 -47.43
C SER A 34 -59.14 -2.56 -46.04
N TRP A 35 -58.49 -3.70 -45.96
CA TRP A 35 -57.99 -4.22 -44.69
C TRP A 35 -56.68 -4.89 -44.98
N TYR A 36 -55.63 -4.43 -44.31
CA TYR A 36 -54.29 -4.94 -44.48
C TYR A 36 -53.76 -5.66 -43.25
N GLN A 37 -52.85 -6.59 -43.49
CA GLN A 37 -52.25 -7.35 -42.40
C GLN A 37 -50.73 -7.24 -42.48
N GLN A 38 -50.13 -6.78 -41.38
CA GLN A 38 -48.67 -6.60 -41.30
C GLN A 38 -48.09 -7.40 -40.13
N LYS A 39 -47.59 -8.60 -40.43
CA LYS A 39 -46.99 -9.42 -39.39
C LYS A 39 -45.62 -8.84 -39.12
N PRO A 40 -45.29 -8.60 -37.84
CA PRO A 40 -44.03 -8.03 -37.36
C PRO A 40 -42.81 -8.33 -38.24
N GLY A 41 -42.37 -7.29 -38.95
CA GLY A 41 -41.24 -7.43 -39.83
C GLY A 41 -41.64 -7.37 -41.29
N ASN A 42 -42.35 -8.40 -41.76
CA ASN A 42 -42.79 -8.50 -43.15
C ASN A 42 -43.64 -7.29 -43.59
N ILE A 43 -43.86 -7.16 -44.89
CA ILE A 43 -44.65 -6.05 -45.46
C ILE A 43 -46.16 -6.30 -45.34
N PRO A 44 -46.97 -5.25 -45.53
CA PRO A 44 -48.41 -5.46 -45.42
C PRO A 44 -48.95 -6.11 -46.70
N LYS A 45 -49.87 -7.05 -46.50
CA LYS A 45 -50.47 -7.72 -47.63
C LYS A 45 -51.93 -7.33 -47.56
N LEU A 46 -52.54 -7.21 -48.74
CA LEU A 46 -53.95 -6.85 -48.84
C LEU A 46 -54.81 -8.05 -48.42
N LEU A 47 -55.74 -7.80 -47.51
CA LEU A 47 -56.63 -8.84 -47.00
C LEU A 47 -58.05 -8.74 -47.57
N ILE A 48 -58.60 -7.53 -47.58
CA ILE A 48 -59.96 -7.32 -48.07
C ILE A 48 -60.13 -5.96 -48.69
N TYR A 49 -60.89 -5.92 -49.77
CA TYR A 49 -61.17 -4.67 -50.45
C TYR A 49 -62.67 -4.61 -50.56
N LYS A 50 -63.19 -3.47 -50.98
CA LYS A 50 -64.62 -3.27 -51.15
C LYS A 50 -65.35 -3.93 -49.98
N ALA A 51 -65.03 -3.43 -48.79
CA ALA A 51 -65.58 -3.86 -47.52
C ALA A 51 -65.63 -5.35 -47.20
N SER A 52 -66.19 -6.17 -48.08
CA SER A 52 -66.27 -7.59 -47.82
C SER A 52 -65.43 -8.43 -48.75
N ASN A 53 -65.12 -7.89 -49.92
CA ASN A 53 -64.35 -8.64 -50.89
C ASN A 53 -63.03 -9.18 -50.38
N LEU A 54 -62.95 -10.49 -50.22
CA LEU A 54 -61.71 -11.10 -49.78
C LEU A 54 -60.72 -11.14 -50.92
N HIS A 55 -59.45 -10.92 -50.61
CA HIS A 55 -58.39 -10.94 -51.63
C HIS A 55 -57.90 -12.38 -51.78
N THR A 56 -57.16 -12.63 -52.84
CA THR A 56 -56.62 -13.96 -53.10
C THR A 56 -55.89 -14.46 -51.84
N GLY A 57 -55.85 -15.77 -51.66
CA GLY A 57 -55.16 -16.31 -50.50
C GLY A 57 -55.97 -16.34 -49.21
N VAL A 58 -56.39 -15.17 -48.76
CA VAL A 58 -57.17 -15.03 -47.53
C VAL A 58 -58.10 -16.22 -47.20
N PRO A 59 -57.65 -17.10 -46.30
CA PRO A 59 -58.49 -18.25 -45.93
C PRO A 59 -59.85 -17.74 -45.45
N SER A 60 -60.90 -18.47 -45.79
CA SER A 60 -62.28 -18.11 -45.44
C SER A 60 -62.50 -17.49 -44.06
N ARG A 61 -61.70 -17.91 -43.07
CA ARG A 61 -61.83 -17.42 -41.70
C ARG A 61 -61.76 -15.89 -41.47
N PHE A 62 -61.43 -15.14 -42.52
CA PHE A 62 -61.38 -13.69 -42.44
C PHE A 62 -62.66 -13.19 -43.06
N SER A 63 -63.31 -12.23 -42.41
CA SER A 63 -64.57 -11.73 -42.94
C SER A 63 -64.73 -10.23 -42.76
N GLY A 64 -64.82 -9.52 -43.86
CA GLY A 64 -65.01 -8.09 -43.80
C GLY A 64 -66.49 -7.78 -43.90
N SER A 65 -66.89 -6.61 -43.43
CA SER A 65 -68.29 -6.26 -43.49
C SER A 65 -68.47 -4.81 -43.14
N GLY A 66 -69.71 -4.35 -43.25
CA GLY A 66 -70.03 -2.97 -42.93
C GLY A 66 -70.39 -2.16 -44.16
N SER A 67 -70.72 -0.89 -43.94
CA SER A 67 -71.08 0.06 -45.00
C SER A 67 -71.36 1.47 -44.48
N GLY A 68 -70.92 2.47 -45.23
CA GLY A 68 -71.18 3.84 -44.84
C GLY A 68 -70.09 4.47 -44.03
N THR A 69 -70.09 4.22 -42.71
CA THR A 69 -69.07 4.80 -41.84
C THR A 69 -68.42 3.80 -40.88
N GLY A 70 -69.11 2.71 -40.62
CA GLY A 70 -68.53 1.71 -39.73
C GLY A 70 -68.29 0.43 -40.48
N PHE A 71 -67.10 -0.14 -40.34
CA PHE A 71 -66.79 -1.39 -41.01
C PHE A 71 -66.14 -2.25 -39.99
N THR A 72 -66.19 -3.55 -40.20
CA THR A 72 -65.56 -4.43 -39.24
C THR A 72 -64.91 -5.58 -39.95
N LEU A 73 -63.81 -6.04 -39.40
CA LEU A 73 -63.07 -7.18 -39.92
C LEU A 73 -63.29 -8.22 -38.84
N THR A 74 -63.40 -9.48 -39.24
CA THR A 74 -63.63 -10.53 -38.26
C THR A 74 -62.88 -11.80 -38.60
N ILE A 75 -62.09 -12.25 -37.64
CA ILE A 75 -61.31 -13.47 -37.82
C ILE A 75 -61.88 -14.58 -36.95
N SER A 76 -62.04 -15.75 -37.56
CA SER A 76 -62.57 -16.91 -36.88
C SER A 76 -61.39 -17.86 -36.68
N SER A 77 -61.48 -18.70 -35.65
CA SER A 77 -60.43 -19.68 -35.35
C SER A 77 -59.01 -19.16 -35.57
N LEU A 78 -58.65 -18.16 -34.77
CA LEU A 78 -57.34 -17.56 -34.84
C LEU A 78 -56.24 -18.56 -35.07
N GLN A 79 -55.63 -18.48 -36.25
CA GLN A 79 -54.53 -19.35 -36.62
C GLN A 79 -53.25 -18.52 -36.46
N PRO A 80 -52.27 -19.04 -35.70
CA PRO A 80 -50.98 -18.39 -35.42
C PRO A 80 -50.54 -17.30 -36.39
N GLU A 81 -50.60 -17.58 -37.69
CA GLU A 81 -50.19 -16.62 -38.72
C GLU A 81 -51.17 -15.47 -38.94
N ASP A 82 -51.85 -15.07 -37.88
CA ASP A 82 -52.77 -13.95 -37.93
C ASP A 82 -52.15 -12.84 -37.13
N ILE A 83 -51.35 -13.22 -36.14
CA ILE A 83 -50.69 -12.24 -35.28
C ILE A 83 -49.96 -11.23 -36.12
N ALA A 84 -50.52 -10.04 -36.19
CA ALA A 84 -49.97 -8.95 -36.97
C ALA A 84 -50.68 -7.71 -36.51
N THR A 85 -50.57 -6.66 -37.31
CA THR A 85 -51.25 -5.43 -37.00
C THR A 85 -52.15 -5.22 -38.19
N TYR A 86 -53.40 -4.86 -37.94
CA TYR A 86 -54.35 -4.63 -39.00
C TYR A 86 -54.65 -3.17 -39.12
N TYR A 87 -54.84 -2.73 -40.34
CA TYR A 87 -55.15 -1.34 -40.62
C TYR A 87 -56.27 -1.33 -41.66
N CYS A 88 -57.19 -0.40 -41.52
CA CYS A 88 -58.25 -0.27 -42.49
C CYS A 88 -57.88 1.00 -43.21
N GLN A 89 -58.43 1.19 -44.41
CA GLN A 89 -58.15 2.41 -45.17
C GLN A 89 -59.28 2.70 -46.12
N GLN A 90 -59.79 3.92 -46.04
CA GLN A 90 -60.87 4.36 -46.90
C GLN A 90 -60.27 4.62 -48.27
N GLY A 91 -61.10 4.48 -49.28
CA GLY A 91 -60.64 4.73 -50.63
C GLY A 91 -61.72 5.50 -51.35
N GLN A 92 -62.56 6.21 -50.60
CA GLN A 92 -63.64 7.00 -51.21
C GLN A 92 -63.09 8.24 -51.85
N SER A 93 -62.23 8.96 -51.15
CA SER A 93 -61.69 10.18 -51.70
C SER A 93 -60.25 10.43 -51.28
N TYR A 94 -59.66 11.46 -51.88
CA TYR A 94 -58.29 11.84 -51.59
C TYR A 94 -58.21 12.89 -50.50
N PRO A 95 -57.19 12.79 -49.63
CA PRO A 95 -56.13 11.78 -49.67
C PRO A 95 -56.54 10.43 -49.07
N LEU A 96 -55.79 9.40 -49.44
CA LEU A 96 -56.05 8.08 -48.94
C LEU A 96 -55.50 8.05 -47.53
N THR A 97 -56.35 7.69 -46.59
CA THR A 97 -55.95 7.66 -45.20
C THR A 97 -56.16 6.30 -44.61
N PHE A 98 -55.34 5.95 -43.63
CA PHE A 98 -55.46 4.66 -42.95
C PHE A 98 -56.00 4.91 -41.58
N GLY A 99 -56.34 3.86 -40.85
CA GLY A 99 -56.93 4.10 -39.55
C GLY A 99 -56.09 3.70 -38.38
N GLY A 100 -54.91 4.30 -38.23
CA GLY A 100 -54.05 3.92 -37.12
C GLY A 100 -53.79 2.45 -37.35
N GLY A 101 -54.03 1.61 -36.35
CA GLY A 101 -53.84 0.18 -36.51
C GLY A 101 -54.42 -0.55 -35.31
N THR A 102 -54.45 -1.88 -35.36
CA THR A 102 -54.92 -2.64 -34.21
C THR A 102 -53.96 -3.80 -34.18
N LYS A 103 -53.19 -3.91 -33.09
CA LYS A 103 -52.23 -4.99 -32.98
C LYS A 103 -52.82 -6.20 -32.27
N LEU A 104 -52.47 -7.37 -32.79
CA LEU A 104 -52.95 -8.64 -32.27
C LEU A 104 -51.92 -9.30 -31.36
N GLU A 105 -52.40 -9.81 -30.23
CA GLU A 105 -51.59 -10.47 -29.21
C GLU A 105 -52.24 -11.81 -28.86
N ILE A 106 -51.44 -12.87 -28.77
CA ILE A 106 -51.96 -14.20 -28.41
C ILE A 106 -51.99 -14.29 -26.89
N LYS A 107 -52.96 -15.02 -26.35
CA LYS A 107 -53.07 -15.19 -24.90
C LYS A 107 -52.40 -16.52 -24.59
N ARG A 108 -51.68 -16.57 -23.46
CA ARG A 108 -50.96 -17.76 -23.01
C ARG A 108 -50.96 -17.84 -21.48
N ALA A 109 -50.64 -19.01 -20.93
CA ALA A 109 -50.57 -19.19 -19.48
C ALA A 109 -49.47 -18.27 -18.98
N ASP A 110 -49.64 -17.74 -17.77
CA ASP A 110 -48.65 -16.83 -17.20
C ASP A 110 -47.29 -17.54 -17.06
N ALA A 111 -46.21 -16.75 -17.10
CA ALA A 111 -44.86 -17.31 -16.96
C ALA A 111 -43.96 -16.39 -16.18
N ALA A 112 -43.09 -17.00 -15.39
CA ALA A 112 -42.17 -16.26 -14.53
C ALA A 112 -40.91 -15.79 -15.24
N PRO A 113 -40.68 -14.48 -15.22
CA PRO A 113 -39.52 -13.84 -15.83
C PRO A 113 -38.22 -14.27 -15.22
N THR A 114 -37.27 -14.66 -16.06
CA THR A 114 -35.94 -15.04 -15.61
C THR A 114 -35.12 -13.75 -15.61
N VAL A 115 -34.76 -13.25 -14.44
CA VAL A 115 -34.01 -12.00 -14.40
C VAL A 115 -32.51 -12.22 -14.23
N SER A 116 -31.73 -11.25 -14.68
CA SER A 116 -30.31 -11.38 -14.56
C SER A 116 -29.68 -10.01 -14.58
N ILE A 117 -28.84 -9.77 -13.59
CA ILE A 117 -28.18 -8.48 -13.46
C ILE A 117 -26.76 -8.59 -14.00
N PHE A 118 -26.27 -7.50 -14.56
CA PHE A 118 -24.95 -7.45 -15.13
C PHE A 118 -24.23 -6.16 -14.76
N PRO A 119 -23.13 -6.30 -14.01
CA PRO A 119 -22.29 -5.19 -13.56
C PRO A 119 -21.61 -4.65 -14.81
N PRO A 120 -21.22 -3.38 -14.79
CA PRO A 120 -20.56 -2.78 -15.95
C PRO A 120 -19.35 -3.60 -16.35
N SER A 121 -18.92 -3.45 -17.59
CA SER A 121 -17.76 -4.20 -18.07
C SER A 121 -16.52 -3.40 -17.76
N SER A 122 -15.44 -4.09 -17.40
CA SER A 122 -14.18 -3.42 -17.10
C SER A 122 -13.82 -2.55 -18.29
N GLU A 123 -14.14 -3.03 -19.48
CA GLU A 123 -13.86 -2.32 -20.71
C GLU A 123 -14.59 -0.97 -20.70
N GLN A 124 -15.81 -0.95 -20.17
CA GLN A 124 -16.59 0.29 -20.14
C GLN A 124 -16.07 1.23 -19.07
N LEU A 125 -15.75 0.68 -17.91
CA LEU A 125 -15.24 1.49 -16.80
C LEU A 125 -14.03 2.29 -17.29
N THR A 126 -13.08 1.59 -17.93
CA THR A 126 -11.91 2.26 -18.46
C THR A 126 -12.33 3.48 -19.28
N SER A 127 -13.44 3.34 -20.01
CA SER A 127 -13.97 4.41 -20.85
C SER A 127 -14.46 5.62 -20.07
N GLY A 128 -15.03 5.38 -18.88
CA GLY A 128 -15.51 6.48 -18.07
C GLY A 128 -17.00 6.53 -17.77
N GLY A 129 -17.68 5.41 -17.98
CA GLY A 129 -19.11 5.35 -17.73
C GLY A 129 -19.45 4.01 -17.14
N ALA A 130 -20.67 3.86 -16.63
CA ALA A 130 -21.05 2.60 -16.03
C ALA A 130 -22.50 2.29 -16.35
N SER A 131 -22.73 1.10 -16.88
CA SER A 131 -24.06 0.70 -17.23
C SER A 131 -24.33 -0.65 -16.60
N VAL A 132 -25.32 -0.69 -15.72
CA VAL A 132 -25.70 -1.91 -15.05
C VAL A 132 -26.93 -2.33 -15.85
N VAL A 133 -26.90 -3.54 -16.37
CA VAL A 133 -28.00 -4.03 -17.17
C VAL A 133 -28.70 -5.18 -16.49
N CYS A 134 -30.01 -5.20 -16.66
CA CYS A 134 -30.80 -6.23 -16.06
C CYS A 134 -31.73 -6.81 -17.13
N PHE A 135 -31.71 -8.13 -17.28
CA PHE A 135 -32.51 -8.82 -18.28
C PHE A 135 -33.69 -9.59 -17.72
N LEU A 136 -34.90 -9.11 -17.95
CA LEU A 136 -36.10 -9.82 -17.48
C LEU A 136 -36.62 -10.64 -18.66
N ASN A 137 -36.03 -11.80 -18.90
CA ASN A 137 -36.45 -12.62 -20.04
C ASN A 137 -37.74 -13.44 -19.87
N ASN A 138 -38.15 -14.03 -21.00
CA ASN A 138 -39.31 -14.90 -21.16
C ASN A 138 -40.39 -14.83 -20.11
N PHE A 139 -41.38 -13.98 -20.31
CA PHE A 139 -42.47 -13.87 -19.36
C PHE A 139 -43.76 -13.41 -20.01
N TYR A 140 -44.85 -13.56 -19.27
CA TYR A 140 -46.18 -13.16 -19.71
C TYR A 140 -47.05 -13.04 -18.47
N PRO A 141 -47.94 -12.03 -18.40
CA PRO A 141 -48.25 -10.98 -19.37
C PRO A 141 -47.15 -9.95 -19.51
N LYS A 142 -47.36 -9.00 -20.41
CA LYS A 142 -46.42 -7.92 -20.69
C LYS A 142 -46.30 -6.98 -19.51
N ASP A 143 -47.39 -6.85 -18.76
CA ASP A 143 -47.41 -5.97 -17.60
C ASP A 143 -46.39 -6.43 -16.57
N ILE A 144 -45.41 -5.57 -16.32
CA ILE A 144 -44.36 -5.83 -15.35
C ILE A 144 -43.74 -4.49 -15.05
N ASN A 145 -43.19 -4.35 -13.85
CA ASN A 145 -42.58 -3.09 -13.48
C ASN A 145 -41.29 -3.38 -12.78
N VAL A 146 -40.23 -2.77 -13.27
CA VAL A 146 -38.94 -2.97 -12.67
C VAL A 146 -38.47 -1.63 -12.11
N LYS A 147 -37.68 -1.70 -11.07
CA LYS A 147 -37.16 -0.51 -10.42
C LYS A 147 -35.78 -0.82 -9.87
N TRP A 148 -34.84 0.08 -10.13
CA TRP A 148 -33.48 -0.09 -9.65
C TRP A 148 -33.36 0.48 -8.24
N LYS A 149 -32.41 -0.06 -7.49
CA LYS A 149 -32.15 0.38 -6.11
C LYS A 149 -30.65 0.38 -5.93
N ILE A 150 -30.09 1.49 -5.49
CA ILE A 150 -28.64 1.56 -5.26
C ILE A 150 -28.35 0.98 -3.85
N ASP A 151 -27.79 1.79 -2.95
CA ASP A 151 -27.49 1.27 -1.64
C ASP A 151 -28.77 1.10 -0.84
N GLY A 152 -28.81 0.02 -0.06
CA GLY A 152 -29.99 -0.26 0.74
C GLY A 152 -31.18 -0.57 -0.13
N SER A 153 -32.00 0.45 -0.39
CA SER A 153 -33.20 0.31 -1.22
C SER A 153 -33.65 1.67 -1.79
N GLU A 154 -32.69 2.46 -2.26
CA GLU A 154 -32.99 3.77 -2.82
C GLU A 154 -33.27 3.67 -4.33
N ARG A 155 -34.47 4.09 -4.73
CA ARG A 155 -34.89 4.04 -6.13
C ARG A 155 -34.26 5.16 -6.97
N GLN A 156 -34.16 4.92 -8.28
CA GLN A 156 -33.58 5.88 -9.22
C GLN A 156 -34.53 6.07 -10.44
N ASN A 157 -34.31 7.14 -11.20
CA ASN A 157 -35.15 7.47 -12.37
C ASN A 157 -34.44 7.47 -13.74
N GLY A 158 -33.13 7.70 -13.77
CA GLY A 158 -32.41 7.71 -15.03
C GLY A 158 -32.16 6.32 -15.64
N VAL A 159 -33.22 5.70 -16.14
CA VAL A 159 -33.14 4.36 -16.73
C VAL A 159 -33.53 4.39 -18.20
N LEU A 160 -33.28 3.28 -18.89
CA LEU A 160 -33.58 3.11 -20.31
C LEU A 160 -34.15 1.72 -20.50
N ASN A 161 -35.46 1.63 -20.66
CA ASN A 161 -36.11 0.32 -20.82
C ASN A 161 -36.47 -0.04 -22.23
N SER A 162 -36.61 -1.32 -22.49
CA SER A 162 -36.95 -1.81 -23.81
C SER A 162 -37.50 -3.23 -23.75
N TRP A 163 -38.70 -3.43 -24.31
CA TRP A 163 -39.34 -4.74 -24.38
C TRP A 163 -39.32 -5.17 -25.83
N THR A 164 -39.57 -6.45 -26.05
CA THR A 164 -39.65 -6.99 -27.39
C THR A 164 -41.12 -7.28 -27.71
N ASP A 165 -41.41 -7.65 -28.95
CA ASP A 165 -42.78 -7.98 -29.34
C ASP A 165 -42.98 -9.41 -28.87
N GLN A 166 -44.23 -9.83 -28.75
CA GLN A 166 -44.51 -11.19 -28.32
C GLN A 166 -43.76 -12.17 -29.19
N ASP A 167 -42.90 -12.97 -28.57
CA ASP A 167 -42.11 -13.96 -29.31
C ASP A 167 -42.99 -14.97 -30.00
N SER A 168 -42.59 -15.33 -31.22
CA SER A 168 -43.28 -16.29 -32.04
C SER A 168 -43.51 -17.63 -31.34
N LYS A 169 -42.41 -18.34 -31.04
CA LYS A 169 -42.50 -19.65 -30.39
C LYS A 169 -43.08 -19.66 -28.98
N ASP A 170 -42.35 -19.07 -28.04
CA ASP A 170 -42.75 -19.01 -26.63
C ASP A 170 -44.01 -18.21 -26.32
N SER A 171 -44.36 -17.27 -27.19
CA SER A 171 -45.51 -16.39 -26.97
C SER A 171 -45.24 -15.45 -25.81
N THR A 172 -43.99 -15.42 -25.32
CA THR A 172 -43.62 -14.56 -24.20
C THR A 172 -43.01 -13.23 -24.62
N TYR A 173 -42.62 -12.44 -23.62
CA TYR A 173 -41.99 -11.14 -23.86
C TYR A 173 -40.66 -11.15 -23.15
N SER A 174 -39.88 -10.11 -23.39
CA SER A 174 -38.60 -9.95 -22.74
C SER A 174 -38.35 -8.47 -22.60
N MET A 175 -37.46 -8.11 -21.68
CA MET A 175 -37.17 -6.71 -21.41
C MET A 175 -35.73 -6.53 -20.93
N SER A 176 -35.16 -5.39 -21.27
CA SER A 176 -33.81 -5.08 -20.88
C SER A 176 -33.84 -3.69 -20.32
N SER A 177 -33.66 -3.61 -19.00
CA SER A 177 -33.61 -2.35 -18.28
C SER A 177 -32.15 -2.06 -18.01
N THR A 178 -31.74 -0.82 -18.30
CA THR A 178 -30.36 -0.43 -18.14
C THR A 178 -30.19 0.89 -17.40
N LEU A 179 -29.43 0.85 -16.30
CA LEU A 179 -29.15 2.02 -15.49
C LEU A 179 -27.77 2.50 -15.96
N THR A 180 -27.64 3.78 -16.31
CA THR A 180 -26.37 4.31 -16.77
C THR A 180 -25.81 5.47 -15.94
N LEU A 181 -24.72 5.20 -15.23
CA LEU A 181 -24.04 6.16 -14.37
C LEU A 181 -22.70 6.59 -14.92
N THR A 182 -21.98 7.34 -14.08
CA THR A 182 -20.64 7.80 -14.40
C THR A 182 -19.80 6.91 -13.52
N LYS A 183 -18.57 6.60 -13.96
CA LYS A 183 -17.66 5.73 -13.20
C LYS A 183 -17.68 6.09 -11.74
N ASP A 184 -17.23 7.31 -11.48
CA ASP A 184 -17.18 7.90 -10.16
C ASP A 184 -18.48 7.62 -9.42
N GLU A 185 -19.59 8.17 -9.92
CA GLU A 185 -20.90 7.95 -9.28
C GLU A 185 -21.22 6.47 -9.06
N TYR A 186 -20.73 5.60 -9.94
CA TYR A 186 -20.97 4.19 -9.78
C TYR A 186 -20.13 3.73 -8.60
N GLU A 187 -18.93 4.31 -8.50
CA GLU A 187 -17.97 3.96 -7.44
C GLU A 187 -18.31 4.42 -6.03
N ARG A 188 -19.17 5.44 -5.90
CA ARG A 188 -19.55 5.94 -4.59
C ARG A 188 -20.43 4.98 -3.80
N HIS A 189 -21.01 3.98 -4.47
CA HIS A 189 -21.89 3.05 -3.78
C HIS A 189 -21.40 1.62 -3.81
N ASN A 190 -22.09 0.77 -3.05
CA ASN A 190 -21.72 -0.62 -2.96
C ASN A 190 -22.73 -1.61 -3.53
N SER A 191 -24.00 -1.53 -3.15
CA SER A 191 -24.98 -2.48 -3.67
C SER A 191 -25.88 -1.95 -4.79
N TYR A 192 -26.26 -2.85 -5.70
CA TYR A 192 -27.15 -2.52 -6.83
C TYR A 192 -28.19 -3.63 -6.95
N THR A 193 -29.44 -3.21 -7.04
CA THR A 193 -30.56 -4.13 -7.12
C THR A 193 -31.59 -3.80 -8.20
N CYS A 194 -31.97 -4.86 -8.89
CA CYS A 194 -32.92 -4.81 -9.97
C CYS A 194 -34.15 -5.52 -9.37
N GLU A 195 -35.20 -4.75 -9.11
CA GLU A 195 -36.40 -5.31 -8.50
C GLU A 195 -37.57 -5.40 -9.45
N ALA A 196 -38.10 -6.60 -9.62
CA ALA A 196 -39.19 -6.83 -10.55
C ALA A 196 -40.49 -7.26 -9.90
N THR A 197 -41.57 -6.61 -10.29
CA THR A 197 -42.91 -6.91 -9.79
C THR A 197 -43.71 -7.52 -10.94
N HIS A 198 -44.42 -8.63 -10.69
CA HIS A 198 -45.17 -9.25 -11.76
C HIS A 198 -46.17 -10.29 -11.30
N LYS A 199 -47.37 -10.22 -11.87
CA LYS A 199 -48.51 -11.10 -11.59
C LYS A 199 -48.17 -12.50 -11.09
N THR A 200 -47.18 -13.11 -11.73
CA THR A 200 -46.74 -14.46 -11.40
C THR A 200 -46.39 -14.69 -9.94
N SER A 201 -45.77 -13.69 -9.31
CA SER A 201 -45.38 -13.81 -7.91
C SER A 201 -45.87 -12.64 -7.07
N THR A 202 -46.14 -12.94 -5.82
CA THR A 202 -46.61 -11.97 -4.85
C THR A 202 -45.42 -11.15 -4.39
N SER A 203 -44.36 -11.86 -4.02
CA SER A 203 -43.12 -11.26 -3.56
C SER A 203 -42.27 -10.89 -4.78
N PRO A 204 -41.86 -9.62 -4.88
CA PRO A 204 -41.04 -9.08 -5.96
C PRO A 204 -39.78 -9.90 -6.22
N ILE A 205 -39.56 -10.25 -7.49
CA ILE A 205 -38.38 -11.01 -7.87
C ILE A 205 -37.22 -10.03 -7.84
N VAL A 206 -36.21 -10.35 -7.04
CA VAL A 206 -35.03 -9.50 -6.90
C VAL A 206 -33.69 -10.18 -7.10
N LYS A 207 -32.81 -9.50 -7.83
CA LYS A 207 -31.47 -10.00 -8.08
C LYS A 207 -30.59 -8.80 -7.76
N SER A 208 -29.59 -9.04 -6.92
CA SER A 208 -28.70 -7.97 -6.47
C SER A 208 -27.24 -8.39 -6.58
N PHE A 209 -26.36 -7.40 -6.64
CA PHE A 209 -24.94 -7.68 -6.67
C PHE A 209 -24.18 -6.55 -5.94
N ASN A 210 -23.12 -6.92 -5.24
CA ASN A 210 -22.30 -5.96 -4.49
C ASN A 210 -20.97 -5.72 -5.20
N ARG A 211 -20.65 -4.47 -5.48
CA ARG A 211 -19.43 -4.04 -6.16
C ARG A 211 -18.16 -4.40 -5.39
N ASN A 212 -18.32 -4.85 -4.15
CA ASN A 212 -17.22 -5.22 -3.26
C ASN A 212 -16.20 -6.22 -3.82
N GLU A 213 -16.56 -6.94 -4.88
CA GLU A 213 -15.64 -7.92 -5.46
C GLU A 213 -15.29 -7.62 -6.92
N CYS A 214 -16.30 -7.39 -7.74
CA CYS A 214 -16.12 -7.10 -9.17
C CYS A 214 -16.82 -5.78 -9.53
N GLU B 1 -43.71 -13.62 -59.16
CA GLU B 1 -43.77 -12.85 -60.43
C GLU B 1 -43.81 -11.37 -60.10
N VAL B 2 -45.02 -10.85 -59.92
CA VAL B 2 -45.20 -9.44 -59.57
C VAL B 2 -44.39 -9.15 -58.31
N LYS B 3 -43.43 -8.24 -58.43
CA LYS B 3 -42.61 -7.89 -57.30
C LYS B 3 -42.16 -6.45 -57.48
N LEU B 4 -42.22 -5.70 -56.39
CA LEU B 4 -41.84 -4.29 -56.42
C LEU B 4 -40.58 -4.11 -55.59
N GLN B 5 -39.54 -3.57 -56.20
CA GLN B 5 -38.29 -3.37 -55.51
C GLN B 5 -37.81 -1.94 -55.50
N GLU B 6 -38.44 -1.12 -54.64
CA GLU B 6 -38.02 0.27 -54.52
C GLU B 6 -36.70 0.21 -53.78
N SER B 7 -35.82 1.13 -54.10
CA SER B 7 -34.50 1.20 -53.48
C SER B 7 -33.92 2.60 -53.62
N GLY B 8 -32.85 2.85 -52.88
CA GLY B 8 -32.23 4.16 -52.89
C GLY B 8 -32.56 4.75 -51.54
N GLY B 9 -32.11 5.98 -51.28
CA GLY B 9 -32.39 6.58 -49.99
C GLY B 9 -31.65 5.94 -48.82
N GLY B 10 -30.91 6.76 -48.10
CA GLY B 10 -30.18 6.29 -46.93
C GLY B 10 -30.49 7.32 -45.87
N LEU B 11 -29.50 8.13 -45.54
CA LEU B 11 -29.67 9.19 -44.54
C LEU B 11 -29.31 10.52 -45.15
N VAL B 12 -30.05 11.55 -44.76
CA VAL B 12 -29.82 12.89 -45.25
C VAL B 12 -30.27 13.85 -44.17
N GLN B 13 -29.63 15.00 -44.10
CA GLN B 13 -29.93 16.01 -43.10
C GLN B 13 -31.12 16.80 -43.58
N PRO B 14 -31.75 17.60 -42.70
CA PRO B 14 -32.90 18.41 -43.09
C PRO B 14 -32.61 19.28 -44.31
N GLY B 15 -33.66 19.83 -44.93
CA GLY B 15 -33.52 20.68 -46.09
C GLY B 15 -32.94 20.03 -47.32
N GLY B 16 -32.43 18.82 -47.16
CA GLY B 16 -31.82 18.10 -48.28
C GLY B 16 -32.84 17.48 -49.20
N SER B 17 -32.33 16.73 -50.17
CA SER B 17 -33.17 16.07 -51.18
C SER B 17 -32.72 14.61 -51.37
N LEU B 18 -33.59 13.79 -51.94
CA LEU B 18 -33.29 12.37 -52.19
C LEU B 18 -34.26 11.84 -53.25
N LYS B 19 -33.75 11.00 -54.15
CA LYS B 19 -34.55 10.45 -55.24
C LYS B 19 -34.83 8.97 -55.00
N LEU B 20 -36.10 8.64 -54.85
CA LEU B 20 -36.54 7.28 -54.59
C LEU B 20 -37.02 6.54 -55.85
N SER B 21 -36.37 5.42 -56.17
CA SER B 21 -36.70 4.61 -57.32
C SER B 21 -37.47 3.37 -56.90
N CYS B 22 -38.41 2.94 -57.74
CA CYS B 22 -39.22 1.76 -57.46
C CYS B 22 -39.21 0.90 -58.68
N ALA B 23 -38.64 -0.29 -58.57
CA ALA B 23 -38.57 -1.22 -59.68
C ALA B 23 -39.77 -2.17 -59.71
N THR B 24 -40.48 -2.20 -60.84
CA THR B 24 -41.64 -3.05 -61.00
C THR B 24 -41.32 -4.15 -62.00
N SER B 25 -41.79 -5.36 -61.69
CA SER B 25 -41.59 -6.53 -62.54
C SER B 25 -42.76 -7.50 -62.39
N GLY B 26 -43.10 -8.18 -63.48
CA GLY B 26 -44.18 -9.15 -63.44
C GLY B 26 -45.55 -8.75 -63.97
N PHE B 27 -45.69 -7.52 -64.47
CA PHE B 27 -46.98 -7.07 -64.99
C PHE B 27 -46.81 -5.95 -66.00
N THR B 28 -47.88 -5.70 -66.75
CA THR B 28 -47.86 -4.62 -67.73
C THR B 28 -47.91 -3.32 -66.93
N PHE B 29 -46.77 -2.96 -66.34
CA PHE B 29 -46.63 -1.78 -65.51
C PHE B 29 -47.29 -0.55 -66.14
N SER B 30 -47.22 -0.46 -67.46
CA SER B 30 -47.77 0.67 -68.20
C SER B 30 -49.29 0.83 -68.14
N ASP B 31 -49.97 -0.07 -67.44
CA ASP B 31 -51.44 -0.04 -67.34
C ASP B 31 -52.01 0.22 -65.94
N TYR B 32 -51.15 0.37 -64.94
CA TYR B 32 -51.60 0.61 -63.56
C TYR B 32 -51.30 2.00 -63.01
N TYR B 33 -51.99 2.36 -61.93
CA TYR B 33 -51.78 3.64 -61.25
C TYR B 33 -50.93 3.26 -60.06
N MET B 34 -49.93 4.07 -59.74
CA MET B 34 -49.06 3.75 -58.62
C MET B 34 -49.10 4.71 -57.42
N TYR B 35 -48.87 4.13 -56.25
CA TYR B 35 -48.88 4.86 -55.00
C TYR B 35 -47.56 4.80 -54.28
N TRP B 36 -47.30 5.82 -53.50
CA TRP B 36 -46.10 5.88 -52.70
C TRP B 36 -46.69 6.01 -51.30
N VAL B 37 -46.37 5.06 -50.44
CA VAL B 37 -46.87 5.09 -49.07
C VAL B 37 -45.70 5.07 -48.09
N ARG B 38 -45.84 5.78 -46.98
CA ARG B 38 -44.78 5.80 -45.98
C ARG B 38 -45.34 5.41 -44.64
N GLN B 39 -44.55 4.64 -43.89
CA GLN B 39 -44.92 4.19 -42.54
C GLN B 39 -43.83 4.74 -41.62
N THR B 40 -44.20 5.61 -40.67
CA THR B 40 -43.24 6.22 -39.76
C THR B 40 -42.75 5.22 -38.72
N PRO B 41 -41.64 5.52 -38.01
CA PRO B 41 -41.10 4.62 -36.98
C PRO B 41 -42.13 4.26 -35.92
N GLU B 42 -43.11 5.12 -35.74
CA GLU B 42 -44.18 4.91 -34.77
C GLU B 42 -45.15 3.80 -35.25
N LYS B 43 -44.96 3.33 -36.49
CA LYS B 43 -45.77 2.30 -37.15
C LYS B 43 -47.08 2.77 -37.81
N ARG B 44 -47.27 4.08 -37.89
CA ARG B 44 -48.45 4.68 -38.50
C ARG B 44 -48.26 4.72 -40.04
N LEU B 45 -49.35 4.60 -40.79
CA LEU B 45 -49.28 4.62 -42.25
C LEU B 45 -49.73 5.95 -42.85
N GLU B 46 -49.02 6.43 -43.87
CA GLU B 46 -49.39 7.68 -44.52
C GLU B 46 -49.33 7.56 -46.04
N TRP B 47 -50.34 8.04 -46.75
CA TRP B 47 -50.30 7.96 -48.21
C TRP B 47 -49.49 9.14 -48.74
N VAL B 48 -48.36 8.84 -49.34
CA VAL B 48 -47.48 9.87 -49.85
C VAL B 48 -47.89 10.41 -51.21
N ALA B 49 -48.10 9.56 -52.19
CA ALA B 49 -48.50 10.04 -53.52
C ALA B 49 -49.15 9.01 -54.43
N TYR B 50 -49.77 9.52 -55.48
CA TYR B 50 -50.45 8.71 -56.48
C TYR B 50 -50.10 9.29 -57.84
N ILE B 51 -50.06 8.42 -58.84
CA ILE B 51 -49.76 8.85 -60.21
C ILE B 51 -50.69 8.17 -61.23
N SER B 52 -50.98 8.89 -62.31
CA SER B 52 -51.84 8.38 -63.38
C SER B 52 -51.15 7.33 -64.25
N ASN B 53 -51.96 6.61 -65.02
CA ASN B 53 -51.49 5.56 -65.92
C ASN B 53 -50.29 5.99 -66.79
N GLY B 54 -50.41 7.16 -67.42
CA GLY B 54 -49.33 7.66 -68.25
C GLY B 54 -48.84 9.01 -67.76
N GLY B 55 -48.80 9.18 -66.45
CA GLY B 55 -48.36 10.45 -65.87
C GLY B 55 -49.43 11.51 -66.01
N GLY B 56 -49.01 12.78 -66.01
CA GLY B 56 -49.96 13.89 -66.14
C GLY B 56 -50.79 14.12 -64.90
N SER B 57 -51.71 13.21 -64.61
CA SER B 57 -52.56 13.32 -63.44
C SER B 57 -51.80 12.76 -62.24
N THR B 58 -51.44 13.63 -61.29
CA THR B 58 -50.74 13.19 -60.09
C THR B 58 -51.42 13.85 -58.93
N TYR B 59 -51.23 13.26 -57.75
CA TYR B 59 -51.85 13.78 -56.53
C TYR B 59 -50.90 13.57 -55.36
N TYR B 60 -50.85 14.57 -54.48
CA TYR B 60 -50.00 14.53 -53.31
C TYR B 60 -50.72 15.14 -52.12
N PRO B 61 -50.73 14.42 -50.97
CA PRO B 61 -51.40 14.95 -49.78
C PRO B 61 -50.75 16.27 -49.40
N ASP B 62 -51.59 17.19 -48.94
CA ASP B 62 -51.18 18.54 -48.52
C ASP B 62 -49.77 18.55 -47.94
N THR B 63 -49.54 17.70 -46.95
CA THR B 63 -48.25 17.55 -46.28
C THR B 63 -47.08 17.64 -47.26
N VAL B 64 -47.02 16.70 -48.20
CA VAL B 64 -45.96 16.62 -49.17
C VAL B 64 -46.13 17.51 -50.40
N LYS B 65 -47.31 18.10 -50.56
CA LYS B 65 -47.60 18.96 -51.71
C LYS B 65 -46.57 20.10 -51.83
N GLY B 66 -45.87 20.16 -52.96
CA GLY B 66 -44.88 21.20 -53.14
C GLY B 66 -43.47 20.68 -52.91
N ARG B 67 -43.35 19.68 -52.05
CA ARG B 67 -42.03 19.09 -51.77
C ARG B 67 -41.79 17.82 -52.58
N PHE B 68 -42.84 17.05 -52.83
CA PHE B 68 -42.66 15.82 -53.56
C PHE B 68 -43.11 15.84 -55.00
N THR B 69 -42.49 14.96 -55.77
CA THR B 69 -42.77 14.81 -57.17
C THR B 69 -42.70 13.34 -57.54
N ILE B 70 -43.87 12.71 -57.68
CA ILE B 70 -43.94 11.30 -58.06
C ILE B 70 -43.83 11.26 -59.58
N SER B 71 -43.18 10.22 -60.11
CA SER B 71 -43.05 10.10 -61.55
C SER B 71 -42.89 8.66 -61.96
N ARG B 72 -42.84 8.44 -63.26
CA ARG B 72 -42.70 7.11 -63.80
C ARG B 72 -42.14 7.15 -65.21
N ASP B 73 -41.50 6.05 -65.59
CA ASP B 73 -40.92 5.88 -66.92
C ASP B 73 -41.43 4.51 -67.36
N ASN B 74 -42.54 4.53 -68.09
CA ASN B 74 -43.16 3.30 -68.60
C ASN B 74 -42.23 2.69 -69.65
N ALA B 75 -41.07 2.21 -69.20
CA ALA B 75 -40.07 1.62 -70.07
C ALA B 75 -39.13 0.80 -69.20
N LYS B 76 -38.46 1.48 -68.28
CA LYS B 76 -37.54 0.81 -67.37
C LYS B 76 -38.36 0.13 -66.26
N ASN B 77 -39.68 0.33 -66.30
CA ASN B 77 -40.59 -0.23 -65.32
C ASN B 77 -40.25 0.32 -63.94
N THR B 78 -40.12 1.65 -63.84
CA THR B 78 -39.76 2.25 -62.57
C THR B 78 -40.63 3.42 -62.12
N LEU B 79 -41.06 3.36 -60.87
CA LEU B 79 -41.85 4.42 -60.27
C LEU B 79 -40.81 5.21 -59.49
N TYR B 80 -40.97 6.52 -59.42
CA TYR B 80 -40.00 7.37 -58.72
C TYR B 80 -40.68 8.34 -57.77
N LEU B 81 -39.89 8.88 -56.85
CA LEU B 81 -40.35 9.88 -55.89
C LEU B 81 -39.25 10.92 -55.78
N GLN B 82 -39.59 12.18 -56.04
CA GLN B 82 -38.62 13.25 -55.96
C GLN B 82 -38.95 14.04 -54.72
N MET B 83 -38.20 13.73 -53.66
CA MET B 83 -38.37 14.38 -52.38
C MET B 83 -37.41 15.57 -52.32
N SER B 84 -37.93 16.71 -51.90
CA SER B 84 -37.13 17.93 -51.81
C SER B 84 -37.46 18.71 -50.55
N ARG B 85 -36.58 19.66 -50.19
CA ARG B 85 -36.78 20.51 -49.03
C ARG B 85 -37.31 19.68 -47.85
N LEU B 86 -36.62 18.58 -47.54
CA LEU B 86 -37.04 17.67 -46.47
C LEU B 86 -37.18 18.23 -45.05
N LYS B 87 -38.14 17.70 -44.31
CA LYS B 87 -38.42 18.08 -42.93
C LYS B 87 -38.28 16.80 -42.12
N SER B 88 -38.18 16.94 -40.80
CA SER B 88 -38.03 15.80 -39.91
C SER B 88 -39.18 14.82 -40.07
N GLU B 89 -40.39 15.37 -40.08
CA GLU B 89 -41.65 14.64 -40.21
C GLU B 89 -41.61 13.52 -41.26
N ASP B 90 -40.88 13.77 -42.35
CA ASP B 90 -40.74 12.82 -43.46
C ASP B 90 -39.95 11.58 -43.15
N THR B 91 -39.35 11.53 -41.98
CA THR B 91 -38.58 10.38 -41.60
C THR B 91 -39.57 9.22 -41.51
N ALA B 92 -39.38 8.21 -42.36
CA ALA B 92 -40.23 7.03 -42.38
C ALA B 92 -39.76 5.98 -43.39
N MET B 93 -40.45 4.84 -43.39
CA MET B 93 -40.18 3.73 -44.30
C MET B 93 -40.98 4.04 -45.59
N TYR B 94 -40.40 3.83 -46.75
CA TYR B 94 -41.14 4.12 -47.98
C TYR B 94 -41.36 2.90 -48.86
N TYR B 95 -42.61 2.71 -49.26
CA TYR B 95 -42.97 1.60 -50.13
C TYR B 95 -43.79 2.13 -51.29
N CYS B 96 -43.62 1.51 -52.45
CA CYS B 96 -44.40 1.88 -53.61
C CYS B 96 -45.41 0.77 -53.68
N ALA B 97 -46.65 1.10 -54.01
CA ALA B 97 -47.67 0.09 -54.07
C ALA B 97 -48.43 0.22 -55.36
N ARG B 98 -49.09 -0.87 -55.74
CA ARG B 98 -49.86 -0.91 -56.96
C ARG B 98 -51.35 -0.87 -56.64
N HIS B 99 -52.12 -0.21 -57.51
CA HIS B 99 -53.57 -0.11 -57.36
C HIS B 99 -54.20 -1.26 -58.12
N GLY B 100 -54.37 -2.38 -57.45
CA GLY B 100 -54.96 -3.52 -58.14
C GLY B 100 -56.44 -3.64 -57.89
N GLY B 101 -57.19 -2.60 -58.17
CA GLY B 101 -58.61 -2.69 -57.94
C GLY B 101 -59.30 -1.35 -57.78
N TYR B 102 -60.16 -1.26 -56.78
CA TYR B 102 -60.89 -0.02 -56.54
C TYR B 102 -60.25 0.58 -55.29
N TYR B 103 -59.35 1.54 -55.51
CA TYR B 103 -58.63 2.20 -54.43
C TYR B 103 -58.15 1.27 -53.31
N ALA B 104 -57.19 0.41 -53.66
CA ALA B 104 -56.61 -0.53 -52.73
C ALA B 104 -55.22 -0.88 -53.25
N MET B 105 -54.27 -1.03 -52.34
CA MET B 105 -52.89 -1.35 -52.70
C MET B 105 -52.86 -2.87 -52.68
N ASP B 106 -52.61 -3.51 -53.82
CA ASP B 106 -52.61 -4.96 -53.81
C ASP B 106 -51.23 -5.59 -53.67
N TYR B 107 -50.23 -4.87 -54.17
CA TYR B 107 -48.84 -5.30 -54.09
C TYR B 107 -47.97 -4.12 -53.69
N TRP B 108 -47.10 -4.36 -52.72
CA TRP B 108 -46.20 -3.34 -52.18
C TRP B 108 -44.78 -3.80 -52.39
N GLY B 109 -43.85 -2.86 -52.34
CA GLY B 109 -42.46 -3.23 -52.49
C GLY B 109 -41.91 -3.62 -51.12
N GLN B 110 -40.61 -3.90 -51.05
CA GLN B 110 -39.98 -4.28 -49.79
C GLN B 110 -39.89 -3.10 -48.82
N GLY B 111 -39.58 -1.93 -49.34
CA GLY B 111 -39.47 -0.73 -48.53
C GLY B 111 -38.05 -0.24 -48.35
N THR B 112 -37.88 1.07 -48.14
CA THR B 112 -36.56 1.67 -47.92
C THR B 112 -36.62 2.79 -46.87
N THR B 113 -35.80 2.66 -45.82
CA THR B 113 -35.79 3.64 -44.76
C THR B 113 -35.18 4.95 -45.19
N VAL B 114 -35.69 6.03 -44.62
CA VAL B 114 -35.20 7.35 -44.88
C VAL B 114 -35.38 8.06 -43.55
N THR B 115 -34.28 8.57 -43.03
CA THR B 115 -34.29 9.29 -41.78
C THR B 115 -33.65 10.64 -42.08
N VAL B 116 -34.36 11.72 -41.79
CA VAL B 116 -33.79 13.05 -42.00
C VAL B 116 -33.34 13.56 -40.63
N SER B 117 -32.05 13.87 -40.51
CA SER B 117 -31.52 14.32 -39.24
C SER B 117 -30.29 15.19 -39.36
N SER B 118 -30.18 16.12 -38.42
CA SER B 118 -29.05 17.03 -38.33
C SER B 118 -28.04 16.52 -37.28
N ALA B 119 -27.88 15.20 -37.26
CA ALA B 119 -26.95 14.58 -36.34
C ALA B 119 -25.89 13.91 -37.18
N LYS B 120 -24.70 13.82 -36.61
CA LYS B 120 -23.58 13.21 -37.29
C LYS B 120 -23.54 11.73 -36.99
N THR B 121 -23.02 10.95 -37.92
CA THR B 121 -22.91 9.50 -37.77
C THR B 121 -21.89 9.12 -36.69
N THR B 122 -22.27 8.24 -35.77
CA THR B 122 -21.36 7.83 -34.70
C THR B 122 -21.20 6.32 -34.63
N ALA B 123 -19.95 5.88 -34.54
CA ALA B 123 -19.68 4.45 -34.44
C ALA B 123 -20.05 4.04 -33.01
N PRO B 124 -20.57 2.81 -32.85
CA PRO B 124 -20.98 2.26 -31.56
C PRO B 124 -19.83 1.78 -30.68
N SER B 125 -20.17 1.43 -29.44
CA SER B 125 -19.22 0.89 -28.49
C SER B 125 -19.89 -0.39 -28.00
N VAL B 126 -19.15 -1.49 -27.99
CA VAL B 126 -19.68 -2.80 -27.58
C VAL B 126 -19.12 -3.23 -26.23
N TYR B 127 -19.95 -3.78 -25.36
CA TYR B 127 -19.47 -4.21 -24.03
C TYR B 127 -19.95 -5.59 -23.64
N PRO B 128 -19.00 -6.49 -23.44
CA PRO B 128 -19.30 -7.85 -23.06
C PRO B 128 -19.91 -7.94 -21.66
N LEU B 129 -21.18 -8.34 -21.59
CA LEU B 129 -21.83 -8.46 -20.31
C LEU B 129 -21.68 -9.84 -19.77
N ALA B 130 -20.57 -10.12 -19.11
CA ALA B 130 -20.38 -11.43 -18.51
C ALA B 130 -21.27 -11.44 -17.27
N PRO B 131 -21.64 -12.62 -16.75
CA PRO B 131 -22.50 -12.64 -15.57
C PRO B 131 -21.77 -12.15 -14.32
N VAL B 132 -22.50 -12.04 -13.21
CA VAL B 132 -21.94 -11.56 -11.94
C VAL B 132 -20.78 -12.37 -11.42
N CYS B 133 -19.80 -11.67 -10.85
CA CYS B 133 -18.59 -12.25 -10.26
C CYS B 133 -19.00 -13.36 -9.32
N GLY B 134 -20.08 -13.13 -8.59
CA GLY B 134 -20.61 -14.15 -7.70
C GLY B 134 -21.22 -15.16 -8.64
N ASP B 135 -20.38 -16.02 -9.19
CA ASP B 135 -20.76 -17.05 -10.14
C ASP B 135 -22.07 -17.77 -9.81
N THR B 136 -23.17 -17.22 -10.31
CA THR B 136 -24.50 -17.79 -10.11
C THR B 136 -24.61 -19.04 -10.98
N THR B 137 -23.98 -20.13 -10.55
CA THR B 137 -24.03 -21.37 -11.33
C THR B 137 -25.40 -22.04 -11.20
N GLY B 138 -25.77 -22.78 -12.25
CA GLY B 138 -27.06 -23.46 -12.28
C GLY B 138 -27.19 -24.25 -13.56
N SER B 139 -27.83 -23.65 -14.56
CA SER B 139 -28.01 -24.31 -15.85
C SER B 139 -28.22 -23.25 -16.92
N SER B 140 -29.07 -22.27 -16.62
CA SER B 140 -29.36 -21.19 -17.55
C SER B 140 -28.35 -20.06 -17.39
N VAL B 141 -27.16 -20.24 -17.96
CA VAL B 141 -26.12 -19.23 -17.87
C VAL B 141 -26.35 -18.11 -18.89
N THR B 142 -27.33 -17.26 -18.64
CA THR B 142 -27.59 -16.18 -19.57
C THR B 142 -26.47 -15.14 -19.62
N LEU B 143 -26.15 -14.67 -20.82
CA LEU B 143 -25.11 -13.67 -21.02
C LEU B 143 -25.73 -12.59 -21.86
N GLY B 144 -24.92 -11.60 -22.22
CA GLY B 144 -25.41 -10.52 -23.05
C GLY B 144 -24.33 -9.54 -23.41
N CYS B 145 -24.63 -8.61 -24.30
CA CYS B 145 -23.66 -7.59 -24.67
C CYS B 145 -24.40 -6.30 -24.99
N LEU B 146 -23.85 -5.21 -24.49
CA LEU B 146 -24.45 -3.91 -24.66
C LEU B 146 -23.78 -3.25 -25.82
N VAL B 147 -24.58 -2.55 -26.62
CA VAL B 147 -24.09 -1.84 -27.80
C VAL B 147 -24.60 -0.46 -27.54
N LYS B 148 -23.70 0.43 -27.18
CA LYS B 148 -24.14 1.76 -26.82
C LYS B 148 -23.55 2.87 -27.65
N GLY B 149 -24.38 3.88 -27.88
CA GLY B 149 -23.98 5.07 -28.60
C GLY B 149 -23.64 4.95 -30.06
N TYR B 150 -24.66 4.74 -30.89
CA TYR B 150 -24.45 4.63 -32.32
C TYR B 150 -25.55 5.34 -33.08
N PHE B 151 -25.24 5.76 -34.30
CA PHE B 151 -26.21 6.45 -35.14
C PHE B 151 -25.81 6.33 -36.61
N PRO B 152 -26.77 6.04 -37.50
CA PRO B 152 -28.18 5.82 -37.17
C PRO B 152 -28.48 4.33 -37.24
N GLU B 153 -29.76 4.00 -37.18
CA GLU B 153 -30.17 2.62 -37.28
C GLU B 153 -29.80 2.15 -38.69
N PRO B 154 -29.49 0.88 -38.86
CA PRO B 154 -29.47 -0.13 -37.79
C PRO B 154 -28.09 -0.74 -37.63
N VAL B 155 -28.02 -1.78 -36.82
CA VAL B 155 -26.78 -2.50 -36.58
C VAL B 155 -27.13 -3.97 -36.62
N THR B 156 -26.15 -4.82 -36.88
CA THR B 156 -26.43 -6.25 -36.93
C THR B 156 -25.66 -6.90 -35.82
N LEU B 157 -26.41 -7.47 -34.88
CA LEU B 157 -25.79 -8.14 -33.76
C LEU B 157 -26.08 -9.61 -33.89
N THR B 158 -25.03 -10.39 -33.86
CA THR B 158 -25.15 -11.83 -34.00
C THR B 158 -24.18 -12.46 -33.02
N TRP B 159 -24.60 -13.59 -32.45
CA TRP B 159 -23.76 -14.32 -31.50
C TRP B 159 -22.98 -15.39 -32.22
N ASN B 160 -21.66 -15.40 -32.00
CA ASN B 160 -20.78 -16.37 -32.64
C ASN B 160 -20.96 -16.45 -34.15
N SER B 161 -20.97 -15.29 -34.81
CA SER B 161 -21.10 -15.22 -36.25
C SER B 161 -22.40 -15.81 -36.83
N GLY B 162 -23.28 -16.27 -35.94
CA GLY B 162 -24.52 -16.85 -36.39
C GLY B 162 -24.62 -18.27 -35.90
N SER B 163 -23.49 -18.89 -35.58
CA SER B 163 -23.49 -20.25 -35.10
C SER B 163 -24.44 -20.49 -33.94
N LEU B 164 -24.66 -19.45 -33.13
CA LEU B 164 -25.55 -19.53 -31.99
C LEU B 164 -26.75 -18.65 -32.27
N SER B 165 -27.93 -19.24 -32.24
CA SER B 165 -29.15 -18.52 -32.53
C SER B 165 -30.28 -19.05 -31.67
N SER B 166 -30.00 -20.12 -30.93
CA SER B 166 -30.99 -20.74 -30.06
C SER B 166 -30.90 -20.15 -28.64
N GLY B 167 -31.93 -19.41 -28.23
CA GLY B 167 -31.94 -18.82 -26.90
C GLY B 167 -31.44 -17.40 -26.81
N VAL B 168 -31.40 -16.72 -27.95
CA VAL B 168 -30.95 -15.33 -28.02
C VAL B 168 -32.13 -14.39 -28.04
N HIS B 169 -31.90 -13.14 -27.69
CA HIS B 169 -32.92 -12.09 -27.69
C HIS B 169 -32.20 -10.81 -28.05
N THR B 170 -32.81 -10.03 -28.93
CA THR B 170 -32.22 -8.75 -29.33
C THR B 170 -33.28 -7.71 -29.09
N PHE B 171 -32.92 -6.67 -28.33
CA PHE B 171 -33.84 -5.63 -27.94
C PHE B 171 -33.85 -4.43 -28.86
N PRO B 172 -35.05 -3.97 -29.24
CA PRO B 172 -35.17 -2.82 -30.14
C PRO B 172 -34.48 -1.60 -29.59
N ALA B 173 -33.47 -1.18 -30.34
CA ALA B 173 -32.65 -0.02 -30.03
C ALA B 173 -33.50 1.18 -29.69
N VAL B 174 -33.01 2.00 -28.76
CA VAL B 174 -33.71 3.20 -28.33
C VAL B 174 -32.90 4.47 -28.53
N LEU B 175 -33.59 5.53 -28.94
CA LEU B 175 -32.98 6.83 -29.21
C LEU B 175 -32.78 7.69 -27.98
N GLN B 176 -31.59 7.61 -27.41
CA GLN B 176 -31.24 8.40 -26.24
C GLN B 176 -30.46 9.62 -26.71
N SER B 177 -31.18 10.74 -26.89
CA SER B 177 -30.56 11.99 -27.32
C SER B 177 -29.60 11.83 -28.50
N ASP B 178 -30.14 11.78 -29.71
CA ASP B 178 -29.32 11.64 -30.93
C ASP B 178 -28.49 10.35 -31.06
N LEU B 179 -28.32 9.59 -29.98
CA LEU B 179 -27.56 8.35 -30.03
C LEU B 179 -28.42 7.15 -29.62
N TYR B 180 -28.06 5.97 -30.12
CA TYR B 180 -28.82 4.74 -29.85
C TYR B 180 -28.17 3.81 -28.85
N THR B 181 -28.95 2.85 -28.35
CA THR B 181 -28.46 1.86 -27.43
C THR B 181 -29.26 0.60 -27.67
N LEU B 182 -28.57 -0.52 -27.73
CA LEU B 182 -29.21 -1.80 -27.97
C LEU B 182 -28.46 -2.83 -27.17
N SER B 183 -29.18 -3.84 -26.70
CA SER B 183 -28.59 -4.92 -25.94
C SER B 183 -29.17 -6.21 -26.45
N SER B 184 -28.46 -7.31 -26.22
CA SER B 184 -28.93 -8.61 -26.63
C SER B 184 -28.53 -9.58 -25.53
N SER B 185 -29.41 -10.51 -25.18
CA SER B 185 -29.16 -11.49 -24.14
C SER B 185 -29.28 -12.89 -24.70
N VAL B 186 -28.31 -13.73 -24.38
CA VAL B 186 -28.32 -15.09 -24.88
C VAL B 186 -28.31 -16.03 -23.68
N THR B 187 -29.05 -17.12 -23.77
CA THR B 187 -29.11 -18.06 -22.67
C THR B 187 -28.70 -19.51 -23.02
N VAL B 188 -27.50 -19.88 -22.59
CA VAL B 188 -26.92 -21.20 -22.85
C VAL B 188 -27.41 -22.32 -21.93
N THR B 189 -27.32 -23.55 -22.43
CA THR B 189 -27.70 -24.73 -21.68
C THR B 189 -26.58 -25.76 -21.83
N SER B 190 -26.28 -26.44 -20.72
CA SER B 190 -25.23 -27.48 -20.63
C SER B 190 -23.86 -26.86 -20.33
N SER B 191 -23.04 -27.61 -19.61
CA SER B 191 -21.70 -27.18 -19.24
C SER B 191 -20.92 -26.96 -20.54
N THR B 192 -21.20 -25.87 -21.24
CA THR B 192 -20.52 -25.64 -22.51
C THR B 192 -19.85 -24.29 -22.71
N TRP B 193 -20.31 -23.26 -21.99
CA TRP B 193 -19.71 -21.94 -22.21
C TRP B 193 -18.28 -21.62 -21.78
N PRO B 194 -17.98 -21.75 -20.48
CA PRO B 194 -16.60 -21.43 -20.08
C PRO B 194 -15.58 -22.09 -21.02
N SER B 195 -15.85 -23.34 -21.39
CA SER B 195 -15.00 -24.11 -22.30
C SER B 195 -15.11 -23.56 -23.73
N GLN B 196 -16.24 -23.84 -24.41
CA GLN B 196 -16.43 -23.34 -25.76
C GLN B 196 -16.78 -21.85 -25.70
N SER B 197 -15.95 -21.04 -26.34
CA SER B 197 -16.11 -19.59 -26.38
C SER B 197 -17.46 -19.07 -26.90
N ILE B 198 -17.66 -17.76 -26.77
CA ILE B 198 -18.85 -17.07 -27.26
C ILE B 198 -18.45 -15.64 -27.48
N THR B 199 -18.79 -15.08 -28.63
CA THR B 199 -18.43 -13.71 -28.90
C THR B 199 -19.66 -12.97 -29.35
N CYS B 200 -19.65 -11.66 -29.13
CA CYS B 200 -20.74 -10.79 -29.50
C CYS B 200 -20.24 -10.16 -30.81
N ASN B 201 -21.00 -10.34 -31.89
CA ASN B 201 -20.61 -9.79 -33.20
C ASN B 201 -21.60 -8.68 -33.57
N VAL B 202 -21.06 -7.48 -33.77
CA VAL B 202 -21.86 -6.32 -34.10
C VAL B 202 -21.24 -5.56 -35.27
N ALA B 203 -22.08 -5.14 -36.21
CA ALA B 203 -21.60 -4.40 -37.36
C ALA B 203 -22.48 -3.20 -37.58
N HIS B 204 -21.87 -2.10 -37.99
CA HIS B 204 -22.59 -0.88 -38.25
C HIS B 204 -22.21 -0.43 -39.64
N PRO B 205 -23.20 -0.35 -40.54
CA PRO B 205 -23.02 0.07 -41.94
C PRO B 205 -22.51 1.48 -42.12
N ALA B 206 -23.28 2.47 -41.70
CA ALA B 206 -22.90 3.88 -41.90
C ALA B 206 -21.51 4.26 -41.41
N SER B 207 -20.87 3.40 -40.62
CA SER B 207 -19.54 3.68 -40.10
C SER B 207 -18.56 2.55 -40.41
N SER B 208 -19.04 1.52 -41.09
CA SER B 208 -18.22 0.37 -41.45
C SER B 208 -17.43 -0.13 -40.24
N THR B 209 -18.17 -0.55 -39.22
CA THR B 209 -17.53 -1.02 -38.01
C THR B 209 -17.99 -2.43 -37.66
N LYS B 210 -17.04 -3.35 -37.71
CA LYS B 210 -17.31 -4.74 -37.38
C LYS B 210 -16.47 -5.02 -36.15
N VAL B 211 -17.13 -5.29 -35.03
CA VAL B 211 -16.44 -5.57 -33.77
C VAL B 211 -16.90 -6.92 -33.22
N ASP B 212 -15.97 -7.68 -32.67
CA ASP B 212 -16.29 -8.98 -32.10
C ASP B 212 -15.74 -9.03 -30.68
N LYS B 213 -16.60 -8.77 -29.70
CA LYS B 213 -16.19 -8.77 -28.32
C LYS B 213 -16.37 -10.15 -27.71
N LYS B 214 -15.27 -10.84 -27.47
CA LYS B 214 -15.36 -12.16 -26.85
C LYS B 214 -15.83 -11.93 -25.42
N ILE B 215 -16.80 -12.72 -24.98
CA ILE B 215 -17.30 -12.61 -23.63
C ILE B 215 -16.47 -13.51 -22.73
N GLU B 216 -15.55 -12.90 -22.00
CA GLU B 216 -14.67 -13.62 -21.09
C GLU B 216 -15.29 -13.50 -19.70
N PRO B 217 -15.16 -14.55 -18.87
CA PRO B 217 -15.71 -14.57 -17.52
C PRO B 217 -15.17 -13.50 -16.60
N ARG B 218 -16.00 -13.14 -15.63
CA ARG B 218 -15.67 -12.11 -14.68
C ARG B 218 -14.60 -12.68 -13.73
N GLY B 219 -13.48 -11.97 -13.62
CA GLY B 219 -12.38 -12.36 -12.75
C GLY B 219 -12.12 -11.28 -11.70
N PRO B 220 -11.78 -11.66 -10.46
CA PRO B 220 -11.50 -10.80 -9.30
C PRO B 220 -10.59 -9.56 -9.52
N THR B 221 -10.77 -8.56 -8.66
CA THR B 221 -10.01 -7.28 -8.72
C THR B 221 -8.72 -7.28 -7.88
N ILE B 222 -7.62 -7.79 -8.44
CA ILE B 222 -6.33 -7.84 -7.73
C ILE B 222 -5.14 -8.08 -8.67
N LYS B 223 -4.11 -7.22 -8.59
CA LYS B 223 -2.92 -7.35 -9.43
C LYS B 223 -1.61 -7.37 -8.59
N PRO B 224 -0.64 -8.23 -8.96
CA PRO B 224 0.66 -8.41 -8.30
C PRO B 224 1.94 -7.65 -8.76
N CYS B 225 2.77 -7.26 -7.77
CA CYS B 225 4.06 -6.56 -7.91
C CYS B 225 4.15 -5.04 -8.15
N PRO B 226 4.23 -4.24 -7.06
CA PRO B 226 4.33 -2.77 -7.17
C PRO B 226 5.74 -2.10 -7.27
N PRO B 227 6.56 -2.11 -6.18
CA PRO B 227 7.88 -1.47 -6.32
C PRO B 227 9.08 -2.36 -6.67
N CYS B 228 10.04 -1.80 -7.41
CA CYS B 228 11.25 -2.54 -7.78
C CYS B 228 12.53 -1.72 -7.53
N LYS B 229 12.43 -0.72 -6.66
CA LYS B 229 13.58 0.12 -6.31
C LYS B 229 14.31 -0.58 -5.13
N CYS B 230 14.29 -1.91 -5.19
CA CYS B 230 14.88 -2.81 -4.20
C CYS B 230 14.67 -2.48 -2.74
N PRO B 231 13.66 -3.14 -2.09
CA PRO B 231 13.49 -2.88 -0.65
C PRO B 231 14.77 -3.41 -0.02
N ALA B 232 15.80 -2.58 -0.05
CA ALA B 232 17.11 -2.92 0.47
C ALA B 232 17.00 -2.80 1.99
N PRO B 233 17.99 -3.28 2.76
CA PRO B 233 17.94 -3.17 4.24
C PRO B 233 18.12 -1.67 4.60
N ASN B 234 17.23 -0.90 4.01
CA ASN B 234 17.06 0.55 4.01
C ASN B 234 15.96 0.91 5.01
N LEU B 235 15.74 2.21 5.23
CA LEU B 235 14.76 2.85 6.11
C LEU B 235 14.90 4.39 6.00
N LEU B 236 14.18 5.11 6.86
CA LEU B 236 14.16 6.57 6.96
C LEU B 236 14.71 7.02 8.32
N GLY B 237 15.51 8.08 8.31
CA GLY B 237 16.10 8.59 9.55
C GLY B 237 15.12 8.95 10.66
N GLY B 238 13.96 9.48 10.29
CA GLY B 238 12.97 9.88 11.26
C GLY B 238 12.76 11.36 11.08
N PRO B 239 12.01 12.02 11.96
CA PRO B 239 11.79 13.46 11.80
C PRO B 239 13.05 14.26 12.01
N SER B 240 13.11 15.43 11.39
CA SER B 240 14.25 16.27 11.52
C SER B 240 13.73 17.60 12.02
N VAL B 241 14.58 18.34 12.74
CA VAL B 241 14.21 19.65 13.27
C VAL B 241 15.20 20.72 12.83
N PHE B 242 14.70 21.92 12.58
CA PHE B 242 15.53 23.02 12.14
C PHE B 242 14.99 24.26 12.82
N ILE B 243 15.83 25.25 13.07
CA ILE B 243 15.40 26.43 13.78
C ILE B 243 15.77 27.67 12.97
N PHE B 244 14.96 28.71 13.05
CA PHE B 244 15.23 29.92 12.29
C PHE B 244 15.06 31.22 13.05
N PRO B 245 15.99 32.15 12.86
CA PRO B 245 15.99 33.46 13.49
C PRO B 245 14.96 34.34 12.87
N PRO B 246 14.55 35.37 13.58
CA PRO B 246 13.55 36.29 13.03
C PRO B 246 14.23 37.18 12.00
N LYS B 247 13.45 37.76 11.10
CA LYS B 247 14.05 38.59 10.09
C LYS B 247 14.55 39.83 10.79
N ILE B 248 15.75 40.26 10.44
CA ILE B 248 16.31 41.45 11.05
C ILE B 248 15.37 42.65 10.91
N LYS B 249 14.45 42.59 9.97
CA LYS B 249 13.51 43.71 9.81
C LYS B 249 12.51 43.75 10.96
N ASP B 250 11.94 42.59 11.30
CA ASP B 250 10.96 42.49 12.37
C ASP B 250 11.56 42.97 13.68
N VAL B 251 12.75 42.45 13.98
CA VAL B 251 13.47 42.79 15.21
C VAL B 251 13.89 44.25 15.39
N LEU B 252 14.37 44.88 14.33
CA LEU B 252 14.78 46.26 14.47
C LEU B 252 13.60 47.20 14.40
N MET B 253 12.46 46.72 13.88
CA MET B 253 11.29 47.57 13.75
C MET B 253 10.27 47.38 14.84
N ILE B 254 10.11 48.44 15.63
CA ILE B 254 9.16 48.47 16.73
C ILE B 254 7.80 47.88 16.37
N SER B 255 7.19 48.42 15.33
CA SER B 255 5.88 48.01 14.86
C SER B 255 5.77 46.54 14.47
N LEU B 256 6.83 46.02 13.86
CA LEU B 256 6.83 44.64 13.41
C LEU B 256 6.75 43.67 14.56
N SER B 257 6.61 42.40 14.24
CA SER B 257 6.51 41.34 15.24
C SER B 257 7.41 40.16 14.88
N PRO B 258 8.59 40.11 15.51
CA PRO B 258 9.60 39.06 15.32
C PRO B 258 9.12 37.77 15.93
N ILE B 259 9.53 36.65 15.32
CA ILE B 259 9.12 35.33 15.78
C ILE B 259 10.25 34.36 15.51
N VAL B 260 10.32 33.30 16.32
CA VAL B 260 11.35 32.29 16.19
C VAL B 260 10.64 31.04 15.78
N THR B 261 11.05 30.50 14.64
CA THR B 261 10.46 29.32 14.04
C THR B 261 11.25 28.03 14.25
N CYS B 262 10.53 26.95 14.46
CA CYS B 262 11.15 25.66 14.62
C CYS B 262 10.30 24.80 13.70
N VAL B 263 10.92 24.17 12.72
CA VAL B 263 10.23 23.33 11.74
C VAL B 263 10.67 21.88 11.87
N VAL B 264 9.71 20.97 11.88
CA VAL B 264 9.99 19.55 12.04
C VAL B 264 9.60 18.85 10.76
N VAL B 265 10.56 18.22 10.08
CA VAL B 265 10.22 17.53 8.85
C VAL B 265 10.24 16.03 9.02
N ASP B 266 9.69 15.34 8.02
CA ASP B 266 9.58 13.89 7.99
C ASP B 266 8.71 13.36 9.14
N VAL B 267 7.51 13.91 9.27
CA VAL B 267 6.58 13.46 10.29
C VAL B 267 5.73 12.38 9.68
N SER B 268 5.63 11.23 10.34
CA SER B 268 4.83 10.12 9.82
C SER B 268 3.37 10.52 9.82
N GLU B 269 2.69 10.23 8.73
CA GLU B 269 1.27 10.56 8.64
C GLU B 269 0.45 9.84 9.71
N ASP B 270 1.01 8.76 10.28
CA ASP B 270 0.29 8.00 11.31
C ASP B 270 0.54 8.46 12.75
N ASP B 271 1.44 9.43 12.91
CA ASP B 271 1.77 9.97 14.22
C ASP B 271 2.00 11.47 14.01
N PRO B 272 0.92 12.21 13.70
CA PRO B 272 1.00 13.65 13.47
C PRO B 272 1.04 14.51 14.74
N ASP B 273 0.84 13.90 15.90
CA ASP B 273 0.85 14.66 17.15
C ASP B 273 2.18 14.74 17.90
N VAL B 274 3.07 15.57 17.36
CA VAL B 274 4.37 15.75 17.98
C VAL B 274 4.29 16.81 19.05
N GLN B 275 5.02 16.57 20.13
CA GLN B 275 5.04 17.48 21.26
C GLN B 275 6.20 18.46 21.10
N ILE B 276 5.86 19.71 20.80
CA ILE B 276 6.87 20.75 20.65
C ILE B 276 6.84 21.61 21.90
N SER B 277 7.96 21.59 22.60
CA SER B 277 8.12 22.34 23.84
C SER B 277 9.12 23.44 23.54
N TRP B 278 8.78 24.67 23.93
CA TRP B 278 9.66 25.80 23.71
C TRP B 278 10.27 26.27 25.01
N PHE B 279 11.44 26.90 24.93
CA PHE B 279 12.16 27.40 26.10
C PHE B 279 12.97 28.67 25.90
N VAL B 280 12.53 29.79 26.45
CA VAL B 280 13.34 31.00 26.32
C VAL B 280 14.30 30.96 27.49
N ASN B 281 15.60 30.94 27.22
CA ASN B 281 16.58 30.96 28.29
C ASN B 281 16.45 29.82 29.28
N ASN B 282 16.13 28.64 28.78
CA ASN B 282 15.98 27.48 29.63
C ASN B 282 14.80 27.51 30.58
N VAL B 283 13.96 28.55 30.46
CA VAL B 283 12.76 28.59 31.27
C VAL B 283 11.62 28.36 30.30
N GLU B 284 10.79 27.37 30.60
CA GLU B 284 9.65 27.03 29.74
C GLU B 284 8.66 28.15 29.52
N VAL B 285 8.23 28.28 28.27
CA VAL B 285 7.22 29.27 27.95
C VAL B 285 6.07 28.44 27.42
N HIS B 286 5.57 27.57 28.30
CA HIS B 286 4.47 26.72 27.93
C HIS B 286 3.44 27.68 27.38
N THR B 287 3.31 27.62 26.05
CA THR B 287 2.41 28.44 25.26
C THR B 287 3.15 29.67 24.83
N ALA B 288 3.13 30.70 25.67
CA ALA B 288 3.77 31.99 25.36
C ALA B 288 3.40 32.39 23.95
N GLN B 289 2.28 31.84 23.48
CA GLN B 289 1.72 32.02 22.14
C GLN B 289 2.43 31.21 21.06
N THR B 290 2.91 30.02 21.41
CA THR B 290 3.56 29.16 20.43
C THR B 290 2.46 28.71 19.49
N GLN B 291 2.47 29.20 18.26
CA GLN B 291 1.45 28.83 17.28
C GLN B 291 1.92 27.69 16.40
N THR B 292 1.48 26.49 16.71
CA THR B 292 1.85 25.33 15.92
C THR B 292 0.69 24.90 15.04
N HIS B 293 1.01 24.15 13.99
CA HIS B 293 0.03 23.64 13.03
C HIS B 293 0.79 22.95 11.91
N ARG B 294 0.25 21.84 11.41
CA ARG B 294 0.90 21.06 10.34
C ARG B 294 0.56 21.37 8.87
N GLU B 295 1.36 20.81 7.96
CA GLU B 295 1.18 20.95 6.51
C GLU B 295 1.48 19.57 5.92
N ASP B 296 0.64 19.10 4.99
CA ASP B 296 0.87 17.82 4.31
C ASP B 296 1.87 18.16 3.18
N TYR B 297 2.45 17.16 2.51
CA TYR B 297 3.38 17.46 1.42
C TYR B 297 3.62 16.44 0.28
N ASN B 298 4.90 16.29 -0.11
CA ASN B 298 5.36 15.35 -1.15
C ASN B 298 4.78 13.97 -0.93
N SER B 299 4.51 13.67 0.34
CA SER B 299 4.00 12.38 0.80
C SER B 299 4.05 12.34 2.33
N THR B 300 4.72 13.33 2.92
CA THR B 300 4.89 13.43 4.39
C THR B 300 4.18 14.63 5.00
N LEU B 301 4.43 14.85 6.29
CA LEU B 301 3.86 15.96 7.06
C LEU B 301 5.01 16.81 7.60
N ARG B 302 4.78 18.11 7.70
CA ARG B 302 5.76 19.05 8.21
C ARG B 302 5.12 19.90 9.29
N VAL B 303 5.60 19.82 10.54
CA VAL B 303 5.02 20.65 11.59
C VAL B 303 5.79 21.96 11.70
N VAL B 304 5.06 23.06 11.86
CA VAL B 304 5.73 24.34 11.96
C VAL B 304 5.32 25.09 13.22
N SER B 305 6.24 25.18 14.17
CA SER B 305 6.00 25.85 15.45
C SER B 305 6.58 27.26 15.42
N ALA B 306 5.73 28.25 15.72
CA ALA B 306 6.16 29.64 15.72
C ALA B 306 6.00 30.25 17.08
N LEU B 307 7.08 30.79 17.61
CA LEU B 307 7.06 31.40 18.92
C LEU B 307 7.34 32.88 18.79
N PRO B 308 6.36 33.72 19.11
CA PRO B 308 6.49 35.19 19.03
C PRO B 308 7.51 35.59 20.07
N ILE B 309 8.27 36.62 19.77
CA ILE B 309 9.29 37.07 20.70
C ILE B 309 9.15 38.56 20.92
N GLN B 310 9.82 39.05 21.95
CA GLN B 310 9.79 40.47 22.22
C GLN B 310 11.10 40.96 21.62
N HIS B 311 11.02 41.96 20.76
CA HIS B 311 12.21 42.51 20.10
C HIS B 311 13.46 42.42 20.95
N GLN B 312 13.44 43.14 22.07
CA GLN B 312 14.58 43.18 22.97
C GLN B 312 15.07 41.81 23.42
N ASP B 313 14.15 40.88 23.68
CA ASP B 313 14.56 39.54 24.11
C ASP B 313 15.63 38.98 23.22
N TRP B 314 15.47 39.15 21.91
CA TRP B 314 16.46 38.65 20.93
C TRP B 314 17.79 39.39 21.04
N MET B 315 17.72 40.72 21.04
CA MET B 315 18.89 41.57 21.12
C MET B 315 19.68 41.38 22.41
N SER B 316 18.99 41.10 23.51
CA SER B 316 19.66 40.90 24.77
C SER B 316 20.29 39.52 24.84
N GLY B 317 20.72 39.00 23.70
CA GLY B 317 21.33 37.70 23.62
C GLY B 317 20.65 36.52 24.32
N LYS B 318 19.33 36.52 24.41
CA LYS B 318 18.65 35.38 25.04
C LYS B 318 18.83 34.17 24.16
N GLU B 319 18.56 32.99 24.69
CA GLU B 319 18.71 31.77 23.91
C GLU B 319 17.44 30.96 23.79
N PHE B 320 16.87 30.97 22.59
CA PHE B 320 15.65 30.23 22.36
C PHE B 320 15.94 28.80 22.00
N LYS B 321 15.31 27.90 22.74
CA LYS B 321 15.47 26.47 22.58
C LYS B 321 14.15 25.90 22.08
N CYS B 322 14.23 24.76 21.39
CA CYS B 322 13.07 24.10 20.85
C CYS B 322 13.29 22.62 21.04
N LYS B 323 12.41 22.00 21.81
CA LYS B 323 12.53 20.59 22.13
C LYS B 323 11.35 19.81 21.58
N VAL B 324 11.62 18.92 20.64
CA VAL B 324 10.58 18.13 20.01
C VAL B 324 10.62 16.67 20.43
N ASN B 325 9.47 16.08 20.64
CA ASN B 325 9.41 14.67 21.01
C ASN B 325 8.19 13.97 20.45
N ASN B 326 8.34 12.66 20.22
CA ASN B 326 7.28 11.80 19.73
C ASN B 326 7.69 10.35 20.04
N LYS B 327 6.74 9.44 19.95
CA LYS B 327 6.99 8.03 20.26
C LYS B 327 8.17 7.33 19.56
N ASP B 328 8.33 7.59 18.27
CA ASP B 328 9.41 6.97 17.50
C ASP B 328 10.79 7.55 17.79
N LEU B 329 10.85 8.57 18.63
CA LEU B 329 12.10 9.21 18.98
C LEU B 329 12.76 8.51 20.15
N PRO B 330 13.98 7.99 19.95
CA PRO B 330 14.70 7.29 21.02
C PRO B 330 14.98 8.26 22.17
N ALA B 331 15.26 9.50 21.80
CA ALA B 331 15.54 10.57 22.74
C ALA B 331 15.11 11.85 22.07
N PRO B 332 14.57 12.80 22.85
CA PRO B 332 14.10 14.10 22.36
C PRO B 332 15.18 14.88 21.62
N ILE B 333 14.78 15.51 20.52
CA ILE B 333 15.68 16.28 19.69
C ILE B 333 15.45 17.73 20.06
N GLU B 334 16.51 18.46 20.39
CA GLU B 334 16.40 19.88 20.76
C GLU B 334 17.30 20.72 19.88
N ARG B 335 16.91 21.97 19.67
CA ARG B 335 17.69 22.91 18.84
C ARG B 335 17.61 24.29 19.51
N THR B 336 18.72 25.03 19.48
CA THR B 336 18.80 26.36 20.11
C THR B 336 19.31 27.46 19.17
N ILE B 337 18.85 28.68 19.40
CA ILE B 337 19.24 29.80 18.57
C ILE B 337 19.42 31.00 19.49
N SER B 338 20.29 31.93 19.11
CA SER B 338 20.56 33.13 19.91
C SER B 338 21.32 34.07 19.02
N LYS B 339 21.15 35.36 19.21
CA LYS B 339 21.85 36.35 18.37
C LYS B 339 23.36 36.28 18.57
N PRO B 340 24.10 35.94 17.50
CA PRO B 340 25.56 35.83 17.53
C PRO B 340 26.19 37.12 18.05
N LYS B 341 26.95 37.00 19.13
CA LYS B 341 27.62 38.13 19.77
C LYS B 341 28.88 38.51 18.99
N GLY B 342 29.00 39.79 18.63
CA GLY B 342 30.16 40.24 17.88
C GLY B 342 30.16 41.74 17.67
N SER B 343 31.15 42.20 16.91
CA SER B 343 31.30 43.62 16.65
C SER B 343 30.09 44.18 15.93
N VAL B 344 30.12 45.47 15.57
CA VAL B 344 29.02 46.11 14.88
C VAL B 344 29.53 47.32 14.12
N ARG B 345 29.26 47.36 12.81
CA ARG B 345 29.69 48.48 11.98
C ARG B 345 28.53 48.94 11.12
N ALA B 346 28.34 50.26 11.07
CA ALA B 346 27.28 50.81 10.25
C ALA B 346 27.80 50.67 8.83
N PRO B 347 26.91 50.40 7.86
CA PRO B 347 27.28 50.23 6.46
C PRO B 347 27.35 51.56 5.76
N GLN B 348 28.30 51.67 4.83
CA GLN B 348 28.49 52.88 4.04
C GLN B 348 27.57 52.60 2.86
N VAL B 349 26.52 53.41 2.69
CA VAL B 349 25.60 53.15 1.59
C VAL B 349 25.57 54.21 0.48
N TYR B 350 26.00 53.81 -0.71
CA TYR B 350 25.99 54.73 -1.84
C TYR B 350 25.15 54.18 -2.97
N VAL B 351 24.72 55.08 -3.85
CA VAL B 351 23.90 54.70 -5.00
C VAL B 351 24.63 55.12 -6.28
N LEU B 352 24.85 54.15 -7.16
CA LEU B 352 25.54 54.38 -8.41
C LEU B 352 24.53 54.48 -9.55
N PRO B 353 24.76 55.42 -10.47
CA PRO B 353 23.87 55.63 -11.62
C PRO B 353 24.27 54.69 -12.70
N PRO B 354 23.34 54.39 -13.61
CA PRO B 354 23.60 53.49 -14.73
C PRO B 354 24.78 54.05 -15.52
N PRO B 355 25.70 53.17 -15.95
CA PRO B 355 26.87 53.58 -16.72
C PRO B 355 26.48 54.27 -18.03
N GLU B 356 27.16 55.37 -18.35
CA GLU B 356 26.88 56.14 -19.55
C GLU B 356 26.72 55.32 -20.83
N GLU B 357 27.51 54.26 -20.96
CA GLU B 357 27.44 53.40 -22.12
C GLU B 357 26.26 52.42 -22.05
N GLU B 358 25.15 52.90 -21.52
CA GLU B 358 23.96 52.08 -21.40
C GLU B 358 22.75 52.98 -21.56
N MET B 359 22.99 54.26 -21.79
CA MET B 359 21.90 55.22 -21.97
C MET B 359 21.34 55.15 -23.39
N THR B 360 21.07 53.93 -23.85
CA THR B 360 20.54 53.72 -25.18
C THR B 360 19.36 52.77 -25.10
N LYS B 361 19.56 51.66 -24.39
CA LYS B 361 18.52 50.64 -24.21
C LYS B 361 17.31 51.26 -23.51
N LYS B 362 16.16 50.58 -23.53
CA LYS B 362 14.98 51.14 -22.89
C LYS B 362 15.01 51.02 -21.37
N GLN B 363 15.74 50.02 -20.88
CA GLN B 363 15.88 49.76 -19.46
C GLN B 363 17.26 50.24 -19.01
N VAL B 364 17.40 50.68 -17.75
CA VAL B 364 18.69 51.11 -17.19
C VAL B 364 18.88 50.40 -15.86
N THR B 365 20.11 50.41 -15.36
CA THR B 365 20.39 49.73 -14.11
C THR B 365 20.97 50.55 -12.98
N LEU B 366 20.13 50.76 -11.99
CA LEU B 366 20.52 51.51 -10.81
C LEU B 366 21.18 50.48 -9.89
N THR B 367 22.29 50.88 -9.29
CA THR B 367 23.05 50.01 -8.42
C THR B 367 23.19 50.62 -7.04
N CYS B 368 22.86 49.87 -6.00
CA CYS B 368 23.03 50.35 -4.61
C CYS B 368 24.15 49.54 -3.99
N MET B 369 25.20 50.24 -3.57
CA MET B 369 26.38 49.61 -2.99
C MET B 369 26.38 49.73 -1.48
N VAL B 370 26.53 48.61 -0.80
CA VAL B 370 26.54 48.64 0.64
C VAL B 370 27.83 48.01 1.09
N THR B 371 28.62 48.77 1.84
CA THR B 371 29.91 48.27 2.27
C THR B 371 30.26 48.43 3.76
N ASP B 372 31.39 47.84 4.13
CA ASP B 372 31.93 47.89 5.48
C ASP B 372 30.89 47.83 6.55
N PHE B 373 30.33 46.65 6.80
CA PHE B 373 29.34 46.52 7.85
C PHE B 373 29.36 45.17 8.53
N MET B 374 29.02 45.17 9.81
CA MET B 374 28.96 43.93 10.59
C MET B 374 27.79 44.08 11.56
N PRO B 375 27.04 43.00 11.82
CA PRO B 375 27.26 41.66 11.26
C PRO B 375 26.58 41.41 9.91
N GLU B 376 26.70 40.19 9.42
CA GLU B 376 26.13 39.79 8.14
C GLU B 376 24.71 40.35 7.98
N ASP B 377 23.87 40.00 8.95
CA ASP B 377 22.47 40.38 9.00
C ASP B 377 22.13 41.82 8.60
N ILE B 378 21.39 41.97 7.50
CA ILE B 378 20.97 43.27 6.98
C ILE B 378 19.73 43.07 6.12
N TYR B 379 19.15 44.19 5.68
CA TYR B 379 17.97 44.17 4.84
C TYR B 379 17.92 45.45 4.04
N VAL B 380 17.99 45.33 2.72
CA VAL B 380 17.94 46.51 1.86
C VAL B 380 16.87 46.32 0.82
N GLU B 381 16.18 47.41 0.47
CA GLU B 381 15.09 47.39 -0.51
C GLU B 381 15.19 48.70 -1.28
N TRP B 382 14.45 48.83 -2.38
CA TRP B 382 14.44 50.06 -3.19
C TRP B 382 13.05 50.64 -3.03
N THR B 383 12.94 51.96 -3.08
CA THR B 383 11.63 52.60 -2.93
C THR B 383 11.49 53.71 -3.93
N ASN B 384 10.24 53.99 -4.30
CA ASN B 384 9.94 55.05 -5.24
C ASN B 384 8.79 55.86 -4.69
N ASN B 385 9.09 57.11 -4.35
CA ASN B 385 8.10 58.04 -3.79
C ASN B 385 7.31 57.43 -2.63
N GLY B 386 7.99 56.62 -1.81
CA GLY B 386 7.34 56.00 -0.68
C GLY B 386 7.02 54.52 -0.83
N LYS B 387 6.42 54.12 -1.94
CA LYS B 387 6.07 52.72 -2.15
C LYS B 387 7.29 51.84 -2.43
N THR B 388 7.28 50.64 -1.84
CA THR B 388 8.37 49.68 -2.02
C THR B 388 8.44 49.30 -3.51
N GLU B 389 9.53 49.65 -4.15
CA GLU B 389 9.72 49.38 -5.56
C GLU B 389 9.83 47.89 -5.88
N LEU B 390 9.37 47.52 -7.07
CA LEU B 390 9.42 46.14 -7.53
C LEU B 390 10.61 46.07 -8.48
N ASN B 391 11.01 44.86 -8.86
CA ASN B 391 12.10 44.67 -9.81
C ASN B 391 13.51 45.08 -9.38
N TYR B 392 13.87 44.75 -8.14
CA TYR B 392 15.21 45.03 -7.65
C TYR B 392 15.65 43.66 -7.18
N LYS B 393 16.94 43.35 -7.32
CA LYS B 393 17.44 42.06 -6.89
C LYS B 393 18.66 42.29 -5.99
N ASN B 394 18.77 41.51 -4.91
CA ASN B 394 19.88 41.67 -3.98
C ASN B 394 20.85 40.55 -3.95
N THR B 395 22.12 40.90 -3.93
CA THR B 395 23.16 39.90 -3.85
C THR B 395 23.16 39.44 -2.40
N GLU B 396 23.76 38.29 -2.14
CA GLU B 396 23.85 37.82 -0.78
C GLU B 396 25.11 38.58 -0.33
N PRO B 397 25.23 38.89 0.98
CA PRO B 397 26.37 39.61 1.54
C PRO B 397 27.67 38.82 1.49
N VAL B 398 28.73 39.49 1.05
CA VAL B 398 30.04 38.87 0.92
C VAL B 398 31.04 39.45 1.90
N LEU B 399 31.93 38.60 2.42
CA LEU B 399 32.95 39.00 3.38
C LEU B 399 34.14 39.63 2.69
N ASP B 400 34.25 40.95 2.85
CA ASP B 400 35.33 41.73 2.25
C ASP B 400 36.62 41.33 2.93
N SER B 401 37.71 41.92 2.45
CA SER B 401 39.03 41.66 3.00
C SER B 401 39.14 42.00 4.49
N ASP B 402 38.74 43.22 4.86
CA ASP B 402 38.82 43.67 6.25
C ASP B 402 37.76 43.14 7.23
N GLY B 403 37.36 41.89 7.09
CA GLY B 403 36.38 41.33 7.98
C GLY B 403 34.96 41.90 7.91
N SER B 404 34.76 42.99 7.15
CA SER B 404 33.44 43.57 7.04
C SER B 404 32.73 42.94 5.84
N TYR B 405 31.44 43.22 5.72
CA TYR B 405 30.63 42.71 4.61
C TYR B 405 30.20 43.80 3.66
N PHE B 406 29.90 43.40 2.42
CA PHE B 406 29.43 44.32 1.39
C PHE B 406 28.39 43.56 0.60
N MET B 407 27.63 44.28 -0.21
CA MET B 407 26.61 43.67 -1.05
C MET B 407 25.89 44.75 -1.84
N TYR B 408 25.35 44.37 -3.00
CA TYR B 408 24.67 45.29 -3.89
C TYR B 408 23.21 44.94 -4.11
N SER B 409 22.46 45.94 -4.57
CA SER B 409 21.04 45.78 -4.87
C SER B 409 20.88 46.44 -6.20
N LYS B 410 20.54 45.64 -7.19
CA LYS B 410 20.36 46.10 -8.56
C LYS B 410 18.90 46.44 -8.79
N LEU B 411 18.65 47.53 -9.51
CA LEU B 411 17.28 47.94 -9.82
C LEU B 411 17.22 48.27 -11.29
N ARG B 412 16.28 47.62 -11.98
CA ARG B 412 16.07 47.82 -13.41
C ARG B 412 14.88 48.74 -13.61
N VAL B 413 15.05 49.79 -14.39
CA VAL B 413 13.94 50.69 -14.65
C VAL B 413 13.93 51.23 -16.09
N GLU B 414 12.75 51.62 -16.56
CA GLU B 414 12.57 52.16 -17.91
C GLU B 414 13.17 53.56 -18.00
N LYS B 415 14.21 53.71 -18.81
CA LYS B 415 14.93 54.96 -19.01
C LYS B 415 14.13 56.24 -18.88
N LYS B 416 12.90 56.24 -19.36
CA LYS B 416 12.05 57.43 -19.28
C LYS B 416 11.98 57.95 -17.85
N ASN B 417 11.68 57.06 -16.92
CA ASN B 417 11.56 57.39 -15.51
C ASN B 417 12.86 57.94 -14.92
N TRP B 418 13.99 57.51 -15.47
CA TRP B 418 15.30 57.94 -14.99
C TRP B 418 15.63 59.40 -15.32
N VAL B 419 15.60 59.74 -16.62
CA VAL B 419 15.92 61.10 -17.05
C VAL B 419 14.88 62.14 -16.64
N GLU B 420 13.63 61.73 -16.51
CA GLU B 420 12.57 62.66 -16.11
C GLU B 420 12.64 62.95 -14.61
N ARG B 421 13.57 62.26 -13.94
CA ARG B 421 13.81 62.36 -12.50
C ARG B 421 12.66 61.80 -11.68
N ASN B 422 12.97 60.78 -10.89
CA ASN B 422 11.99 60.14 -10.04
C ASN B 422 12.64 59.82 -8.70
N SER B 423 11.82 59.63 -7.68
CA SER B 423 12.29 59.35 -6.34
C SER B 423 12.69 57.91 -6.06
N TYR B 424 13.75 57.43 -6.71
CA TYR B 424 14.24 56.08 -6.47
C TYR B 424 15.28 56.16 -5.37
N SER B 425 15.07 55.36 -4.33
CA SER B 425 15.96 55.37 -3.19
C SER B 425 16.28 53.99 -2.67
N CYS B 426 17.54 53.80 -2.27
CA CYS B 426 17.99 52.54 -1.70
C CYS B 426 17.71 52.72 -0.20
N SER B 427 16.96 51.80 0.39
CA SER B 427 16.59 51.90 1.80
C SER B 427 17.16 50.73 2.60
N VAL B 428 18.18 50.98 3.41
CA VAL B 428 18.80 49.93 4.23
C VAL B 428 18.37 50.00 5.67
N VAL B 429 18.35 48.85 6.33
CA VAL B 429 17.99 48.73 7.72
C VAL B 429 19.01 47.78 8.30
N HIS B 430 19.76 48.25 9.29
CA HIS B 430 20.81 47.46 9.94
C HIS B 430 21.00 47.98 11.36
N GLU B 431 21.32 47.09 12.28
CA GLU B 431 21.47 47.48 13.68
C GLU B 431 22.48 48.57 13.99
N GLY B 432 23.57 48.63 13.25
CA GLY B 432 24.56 49.66 13.51
C GLY B 432 24.23 51.06 13.02
N LEU B 433 23.07 51.24 12.42
CA LEU B 433 22.75 52.57 11.93
C LEU B 433 21.96 53.33 12.97
N HIS B 434 22.13 54.65 12.99
CA HIS B 434 21.36 55.46 13.94
C HIS B 434 19.88 55.32 13.57
N ASN B 435 19.11 54.78 14.51
CA ASN B 435 17.69 54.51 14.34
C ASN B 435 17.48 53.31 13.43
N HIS B 436 18.57 52.60 13.17
CA HIS B 436 18.56 51.39 12.35
C HIS B 436 17.95 51.58 10.98
N HIS B 437 18.07 52.78 10.42
CA HIS B 437 17.46 53.04 9.13
C HIS B 437 18.00 54.23 8.36
N THR B 438 18.72 53.98 7.28
CA THR B 438 19.23 55.06 6.46
C THR B 438 18.54 55.02 5.09
N THR B 439 18.61 56.13 4.34
CA THR B 439 17.96 56.22 3.05
C THR B 439 18.75 57.14 2.12
N LYS B 440 19.42 56.54 1.13
CA LYS B 440 20.25 57.26 0.17
C LYS B 440 19.53 57.43 -1.16
N SER B 441 19.77 58.54 -1.84
CA SER B 441 19.13 58.80 -3.13
C SER B 441 20.02 59.61 -4.05
N PHE B 442 19.50 59.93 -5.23
CA PHE B 442 20.23 60.70 -6.22
C PHE B 442 19.95 62.20 -6.15
N SER B 443 20.97 63.00 -5.84
CA SER B 443 20.81 64.45 -5.78
C SER B 443 20.65 64.89 -7.24
N ARG B 444 19.41 64.83 -7.73
CA ARG B 444 19.11 65.16 -9.12
C ARG B 444 18.03 66.24 -9.17
N ASP C 1 29.52 -47.13 55.02
CA ASP C 1 28.78 -45.87 54.83
C ASP C 1 27.37 -46.10 55.41
N ILE C 2 26.74 -45.05 55.92
CA ILE C 2 25.41 -45.19 56.50
C ILE C 2 24.36 -44.96 55.41
N VAL C 3 23.43 -45.88 55.28
CA VAL C 3 22.42 -45.76 54.24
C VAL C 3 21.05 -45.32 54.76
N LEU C 4 20.43 -44.37 54.06
CA LEU C 4 19.13 -43.85 54.46
C LEU C 4 18.01 -44.21 53.48
N THR C 5 16.95 -44.81 54.03
CA THR C 5 15.80 -45.22 53.23
C THR C 5 14.58 -44.36 53.51
N GLN C 6 14.04 -43.75 52.46
CA GLN C 6 12.85 -42.93 52.60
C GLN C 6 11.64 -43.68 52.04
N SER C 7 10.50 -43.48 52.67
CA SER C 7 9.25 -44.12 52.27
C SER C 7 8.10 -43.22 52.69
N PRO C 8 7.16 -42.91 51.77
CA PRO C 8 7.06 -43.31 50.36
C PRO C 8 7.98 -42.50 49.45
N SER C 9 8.14 -42.98 48.22
CA SER C 9 8.98 -42.31 47.24
C SER C 9 8.18 -41.21 46.59
N SER C 10 6.89 -41.24 46.80
CA SER C 10 6.01 -40.25 46.22
C SER C 10 4.76 -40.13 47.05
N LEU C 11 4.21 -38.93 47.10
CA LEU C 11 3.02 -38.72 47.87
C LEU C 11 2.16 -37.60 47.27
N SER C 12 0.87 -37.86 47.21
CA SER C 12 -0.12 -36.92 46.70
C SER C 12 -1.12 -36.88 47.86
N ALA C 13 -1.44 -35.68 48.32
CA ALA C 13 -2.36 -35.57 49.43
C ALA C 13 -3.12 -34.27 49.35
N SER C 14 -4.35 -34.32 49.82
CA SER C 14 -5.28 -33.20 49.82
C SER C 14 -4.88 -32.05 50.74
N LEU C 15 -4.76 -30.85 50.15
CA LEU C 15 -4.40 -29.65 50.88
C LEU C 15 -5.06 -29.63 52.26
N GLY C 16 -4.26 -29.36 53.29
CA GLY C 16 -4.79 -29.31 54.64
C GLY C 16 -4.48 -30.55 55.47
N ASP C 17 -4.27 -31.67 54.78
CA ASP C 17 -3.97 -32.92 55.45
C ASP C 17 -2.67 -32.83 56.26
N THR C 18 -2.31 -33.94 56.88
CA THR C 18 -1.10 -34.05 57.69
C THR C 18 -0.21 -35.17 57.15
N ILE C 19 1.03 -34.83 56.82
CA ILE C 19 1.98 -35.79 56.28
C ILE C 19 2.99 -36.35 57.28
N THR C 20 3.20 -37.65 57.22
CA THR C 20 4.16 -38.29 58.08
C THR C 20 5.10 -39.05 57.16
N ILE C 21 6.11 -38.32 56.69
CA ILE C 21 7.12 -38.89 55.82
C ILE C 21 8.22 -39.43 56.74
N THR C 22 8.77 -40.59 56.38
CA THR C 22 9.80 -41.22 57.18
C THR C 22 11.18 -41.21 56.56
N CYS C 23 12.16 -41.67 57.34
CA CYS C 23 13.54 -41.76 56.93
C CYS C 23 14.15 -42.77 57.88
N HIS C 24 14.91 -43.71 57.34
CA HIS C 24 15.51 -44.74 58.17
C HIS C 24 16.97 -44.88 57.85
N ALA C 25 17.75 -45.35 58.82
CA ALA C 25 19.18 -45.54 58.63
C ALA C 25 19.54 -46.99 58.89
N SER C 26 20.78 -47.34 58.54
CA SER C 26 21.28 -48.70 58.72
C SER C 26 21.93 -48.94 60.09
N GLN C 27 22.37 -47.86 60.73
CA GLN C 27 23.02 -47.94 62.03
C GLN C 27 22.47 -46.84 62.92
N ASN C 28 22.79 -46.92 64.20
CA ASN C 28 22.35 -45.93 65.19
C ASN C 28 22.99 -44.56 64.91
N ILE C 29 22.17 -43.52 64.73
CA ILE C 29 22.68 -42.18 64.47
C ILE C 29 22.19 -41.13 65.49
N ASN C 30 21.87 -41.61 66.67
CA ASN C 30 21.43 -40.73 67.74
C ASN C 30 20.35 -39.78 67.26
N VAL C 31 20.64 -38.49 67.16
CA VAL C 31 19.64 -37.56 66.74
C VAL C 31 20.22 -36.65 65.67
N TRP C 32 21.20 -37.18 64.96
CA TRP C 32 21.85 -36.41 63.92
C TRP C 32 21.16 -36.56 62.59
N LEU C 33 20.12 -35.75 62.37
CA LEU C 33 19.35 -35.84 61.14
C LEU C 33 18.68 -34.54 60.68
N SER C 34 18.88 -34.22 59.41
CA SER C 34 18.35 -33.01 58.82
C SER C 34 17.25 -33.28 57.79
N TRP C 35 16.47 -32.27 57.53
CA TRP C 35 15.38 -32.37 56.57
C TRP C 35 15.45 -31.13 55.69
N TYR C 36 15.84 -31.30 54.44
CA TYR C 36 15.88 -30.14 53.54
C TYR C 36 14.64 -30.24 52.64
N GLN C 37 14.19 -29.13 52.08
CA GLN C 37 13.01 -29.14 51.22
C GLN C 37 13.26 -28.45 49.89
N GLN C 38 13.37 -29.24 48.82
CA GLN C 38 13.64 -28.71 47.50
C GLN C 38 12.40 -28.52 46.67
N LYS C 39 12.07 -27.27 46.40
CA LYS C 39 10.93 -26.97 45.58
C LYS C 39 11.54 -27.05 44.20
N PRO C 40 10.79 -27.56 43.21
CA PRO C 40 11.29 -27.70 41.84
C PRO C 40 11.94 -26.42 41.31
N GLY C 41 13.06 -26.61 40.62
CA GLY C 41 13.79 -25.49 40.06
C GLY C 41 14.36 -24.59 41.15
N ASN C 42 14.63 -25.17 42.32
CA ASN C 42 15.17 -24.41 43.43
C ASN C 42 16.20 -25.20 44.24
N ILE C 43 17.06 -24.48 45.00
CA ILE C 43 18.09 -25.12 45.83
C ILE C 43 17.45 -25.59 47.11
N PRO C 44 17.99 -26.65 47.72
CA PRO C 44 17.43 -27.18 48.97
C PRO C 44 17.47 -26.08 50.01
N LYS C 45 16.60 -26.17 51.00
CA LYS C 45 16.57 -25.21 52.07
C LYS C 45 16.55 -26.09 53.29
N LEU C 46 17.33 -25.73 54.30
CA LEU C 46 17.34 -26.54 55.50
C LEU C 46 16.04 -26.28 56.24
N LEU C 47 15.37 -27.35 56.63
CA LEU C 47 14.10 -27.24 57.34
C LEU C 47 14.27 -27.56 58.80
N ILE C 48 14.85 -28.72 59.08
CA ILE C 48 15.02 -29.19 60.45
C ILE C 48 16.36 -29.91 60.59
N TYR C 49 16.99 -29.78 61.76
CA TYR C 49 18.28 -30.42 62.01
C TYR C 49 18.33 -31.04 63.37
N LYS C 50 19.26 -31.98 63.55
CA LYS C 50 19.41 -32.67 64.82
C LYS C 50 18.04 -33.12 65.30
N ALA C 51 17.44 -34.01 64.53
CA ALA C 51 16.13 -34.59 64.83
C ALA C 51 14.87 -33.73 64.78
N SER C 52 14.87 -32.55 65.42
CA SER C 52 13.67 -31.72 65.44
C SER C 52 13.86 -30.23 65.64
N ASN C 53 15.08 -29.81 65.90
CA ASN C 53 15.35 -28.40 66.12
C ASN C 53 15.12 -27.63 64.80
N LEU C 54 14.03 -26.87 64.74
CA LEU C 54 13.69 -26.09 63.56
C LEU C 54 14.70 -25.03 63.25
N HIS C 55 14.88 -24.80 61.96
CA HIS C 55 15.82 -23.80 61.50
C HIS C 55 15.07 -22.46 61.50
N THR C 56 15.81 -21.36 61.34
CA THR C 56 15.22 -20.03 61.31
C THR C 56 14.55 -19.77 59.96
N GLY C 57 13.34 -19.21 59.99
CA GLY C 57 12.62 -18.93 58.76
C GLY C 57 11.56 -19.99 58.51
N VAL C 58 11.82 -21.19 59.03
CA VAL C 58 10.93 -22.35 58.90
C VAL C 58 9.71 -22.26 59.82
N PRO C 59 8.49 -22.30 59.22
CA PRO C 59 7.18 -22.23 59.88
C PRO C 59 6.85 -23.40 60.81
N SER C 60 6.08 -23.11 61.86
CA SER C 60 5.67 -24.10 62.85
C SER C 60 4.91 -25.31 62.30
N ARG C 61 4.45 -25.21 61.06
CA ARG C 61 3.72 -26.31 60.43
C ARG C 61 4.55 -27.58 60.39
N PHE C 62 5.78 -27.44 59.89
CA PHE C 62 6.70 -28.56 59.76
C PHE C 62 7.22 -28.90 61.14
N SER C 63 7.23 -30.19 61.48
CA SER C 63 7.71 -30.62 62.78
C SER C 63 8.38 -31.97 62.69
N GLY C 64 9.66 -31.97 63.01
CA GLY C 64 10.42 -33.21 62.99
C GLY C 64 10.27 -33.83 64.36
N SER C 65 10.44 -35.15 64.42
CA SER C 65 10.33 -35.91 65.65
C SER C 65 11.04 -37.23 65.38
N GLY C 66 11.17 -38.08 66.40
CA GLY C 66 11.83 -39.37 66.23
C GLY C 66 13.33 -39.31 66.46
N SER C 67 13.92 -40.42 66.92
CA SER C 67 15.35 -40.50 67.19
C SER C 67 15.75 -41.95 67.32
N GLY C 68 17.04 -42.23 67.12
CA GLY C 68 17.54 -43.58 67.21
C GLY C 68 17.81 -44.12 65.81
N THR C 69 16.78 -44.72 65.22
CA THR C 69 16.86 -45.28 63.88
C THR C 69 15.48 -45.22 63.16
N GLY C 70 15.07 -44.01 62.80
CA GLY C 70 13.79 -43.81 62.12
C GLY C 70 13.21 -42.49 62.57
N PHE C 71 13.23 -41.50 61.70
CA PHE C 71 12.75 -40.16 62.06
C PHE C 71 11.52 -39.80 61.23
N THR C 72 10.79 -38.76 61.65
CA THR C 72 9.58 -38.39 60.93
C THR C 72 9.32 -36.91 60.75
N LEU C 73 9.25 -36.47 59.50
CA LEU C 73 8.94 -35.09 59.21
C LEU C 73 7.42 -35.09 59.15
N THR C 74 6.81 -34.01 59.64
CA THR C 74 5.36 -33.91 59.64
C THR C 74 4.87 -32.51 59.32
N ILE C 75 4.16 -32.39 58.20
CA ILE C 75 3.61 -31.10 57.80
C ILE C 75 2.14 -31.09 58.22
N SER C 76 1.82 -30.19 59.15
CA SER C 76 0.48 -30.06 59.72
C SER C 76 -0.67 -29.83 58.75
N SER C 77 -0.79 -28.63 58.22
CA SER C 77 -1.86 -28.33 57.29
C SER C 77 -1.25 -28.02 55.92
N LEU C 78 -1.18 -29.02 55.05
CA LEU C 78 -0.59 -28.83 53.73
C LEU C 78 -1.05 -27.59 53.02
N GLN C 79 -0.16 -27.03 52.21
CA GLN C 79 -0.46 -25.82 51.46
C GLN C 79 0.36 -25.82 50.17
N PRO C 80 -0.04 -24.97 49.20
CA PRO C 80 0.65 -24.84 47.91
C PRO C 80 2.15 -24.62 48.06
N GLU C 81 2.52 -23.70 48.95
CA GLU C 81 3.92 -23.38 49.18
C GLU C 81 4.72 -24.61 49.57
N ASP C 82 4.02 -25.73 49.77
CA ASP C 82 4.70 -26.94 50.17
C ASP C 82 4.89 -27.99 49.12
N ILE C 83 4.63 -27.64 47.86
CA ILE C 83 4.83 -28.58 46.77
C ILE C 83 6.35 -28.61 46.65
N ALA C 84 6.96 -29.75 46.89
CA ALA C 84 8.40 -29.84 46.80
C ALA C 84 8.83 -31.29 46.89
N THR C 85 10.14 -31.52 46.92
CA THR C 85 10.69 -32.86 47.10
C THR C 85 11.33 -32.69 48.48
N TYR C 86 11.17 -33.66 49.37
CA TYR C 86 11.75 -33.54 50.70
C TYR C 86 12.78 -34.64 50.99
N TYR C 87 13.99 -34.22 51.38
CA TYR C 87 15.08 -35.16 51.70
C TYR C 87 15.43 -35.13 53.20
N CYS C 88 15.98 -36.24 53.66
CA CYS C 88 16.38 -36.40 55.05
C CYS C 88 17.83 -36.87 55.07
N GLN C 89 18.73 -35.95 55.37
CA GLN C 89 20.16 -36.24 55.39
C GLN C 89 20.60 -36.52 56.82
N GLN C 90 21.69 -37.25 56.99
CA GLN C 90 22.17 -37.55 58.34
C GLN C 90 23.59 -37.07 58.51
N GLY C 91 24.03 -36.96 59.76
CA GLY C 91 25.38 -36.49 60.01
C GLY C 91 26.15 -37.10 61.17
N GLN C 92 25.77 -38.30 61.60
CA GLN C 92 26.50 -38.97 62.68
C GLN C 92 27.91 -39.17 62.19
N SER C 93 28.05 -39.96 61.12
CA SER C 93 29.34 -40.26 60.55
C SER C 93 29.48 -39.79 59.11
N TYR C 94 30.71 -39.84 58.61
CA TYR C 94 31.00 -39.44 57.24
C TYR C 94 31.07 -40.69 56.37
N PRO C 95 30.66 -40.58 55.09
CA PRO C 95 30.17 -39.35 54.47
C PRO C 95 28.71 -39.03 54.82
N LEU C 96 28.33 -37.77 54.63
CA LEU C 96 26.97 -37.39 54.93
C LEU C 96 26.16 -38.01 53.80
N THR C 97 25.23 -38.89 54.14
CA THR C 97 24.42 -39.49 53.11
C THR C 97 22.98 -39.01 53.25
N PHE C 98 22.25 -39.01 52.15
CA PHE C 98 20.86 -38.57 52.11
C PHE C 98 19.96 -39.73 51.70
N GLY C 99 18.67 -39.47 51.75
CA GLY C 99 17.69 -40.46 51.37
C GLY C 99 17.21 -40.13 49.97
N GLY C 100 16.49 -41.08 49.37
CA GLY C 100 15.97 -40.93 48.02
C GLY C 100 15.14 -39.69 47.76
N GLY C 101 14.43 -39.21 48.77
CA GLY C 101 13.63 -38.02 48.61
C GLY C 101 12.18 -38.41 48.64
N THR C 102 11.30 -37.42 48.49
CA THR C 102 9.87 -37.67 48.49
C THR C 102 9.20 -36.56 47.68
N LYS C 103 8.60 -36.93 46.55
CA LYS C 103 7.92 -35.93 45.74
C LYS C 103 6.59 -35.66 46.41
N LEU C 104 6.07 -34.46 46.21
CA LEU C 104 4.78 -34.10 46.80
C LEU C 104 3.84 -33.46 45.78
N GLU C 105 2.59 -33.95 45.76
CA GLU C 105 1.56 -33.44 44.87
C GLU C 105 0.31 -33.15 45.67
N ILE C 106 -0.42 -32.14 45.22
CA ILE C 106 -1.63 -31.67 45.87
C ILE C 106 -2.90 -32.10 45.11
N LYS C 107 -3.66 -33.02 45.70
CA LYS C 107 -4.88 -33.49 45.09
C LYS C 107 -5.94 -32.40 45.04
N ARG C 108 -5.98 -31.68 43.93
CA ARG C 108 -6.96 -30.63 43.76
C ARG C 108 -8.03 -31.04 42.74
N ALA C 109 -9.05 -30.21 42.58
CA ALA C 109 -10.15 -30.52 41.67
C ALA C 109 -9.64 -30.70 40.25
N ASP C 110 -10.26 -31.59 39.50
CA ASP C 110 -9.84 -31.84 38.11
C ASP C 110 -9.93 -30.54 37.30
N ALA C 111 -9.09 -30.44 36.27
CA ALA C 111 -9.06 -29.25 35.42
C ALA C 111 -8.83 -29.60 33.96
N ALA C 112 -9.52 -28.89 33.07
CA ALA C 112 -9.42 -29.12 31.65
C ALA C 112 -8.23 -28.45 30.97
N PRO C 113 -7.36 -29.27 30.35
CA PRO C 113 -6.16 -28.82 29.64
C PRO C 113 -6.46 -27.91 28.48
N THR C 114 -5.86 -26.74 28.47
CA THR C 114 -6.04 -25.81 27.37
C THR C 114 -4.96 -26.17 26.34
N VAL C 115 -5.37 -26.78 25.22
CA VAL C 115 -4.44 -27.19 24.17
C VAL C 115 -4.17 -26.11 23.12
N SER C 116 -3.03 -26.20 22.44
CA SER C 116 -2.68 -25.22 21.42
C SER C 116 -1.61 -25.78 20.49
N ILE C 117 -1.94 -25.80 19.19
CA ILE C 117 -1.04 -26.31 18.17
C ILE C 117 -0.30 -25.16 17.54
N PHE C 118 0.94 -25.42 17.16
CA PHE C 118 1.79 -24.43 16.55
C PHE C 118 2.51 -25.03 15.36
N PRO C 119 2.23 -24.52 14.16
CA PRO C 119 2.85 -24.98 12.93
C PRO C 119 4.29 -24.48 12.95
N PRO C 120 5.20 -25.14 12.22
CA PRO C 120 6.61 -24.75 12.18
C PRO C 120 6.76 -23.28 11.86
N SER C 121 7.86 -22.68 12.27
CA SER C 121 8.07 -21.26 11.97
C SER C 121 8.71 -21.17 10.60
N SER C 122 8.38 -20.13 9.84
CA SER C 122 8.97 -19.95 8.52
C SER C 122 10.48 -19.92 8.67
N GLU C 123 10.93 -19.37 9.79
CA GLU C 123 12.34 -19.26 10.11
C GLU C 123 12.98 -20.65 10.17
N GLN C 124 12.25 -21.60 10.73
CA GLN C 124 12.73 -22.97 10.85
C GLN C 124 12.71 -23.66 9.51
N LEU C 125 11.62 -23.48 8.76
CA LEU C 125 11.48 -24.10 7.43
C LEU C 125 12.70 -23.77 6.60
N THR C 126 13.02 -22.49 6.55
CA THR C 126 14.19 -22.01 5.82
C THR C 126 15.40 -22.87 6.18
N SER C 127 15.50 -23.21 7.46
CA SER C 127 16.60 -24.01 7.98
C SER C 127 16.64 -25.45 7.45
N GLY C 128 15.47 -26.05 7.22
CA GLY C 128 15.44 -27.41 6.71
C GLY C 128 14.77 -28.46 7.58
N GLY C 129 14.02 -28.03 8.59
CA GLY C 129 13.34 -28.98 9.46
C GLY C 129 11.99 -28.43 9.85
N ALA C 130 11.15 -29.26 10.47
CA ALA C 130 9.82 -28.83 10.86
C ALA C 130 9.45 -29.38 12.21
N SER C 131 9.02 -28.50 13.10
CA SER C 131 8.61 -28.94 14.43
C SER C 131 7.24 -28.40 14.68
N VAL C 132 6.29 -29.29 14.88
CA VAL C 132 4.93 -28.88 15.17
C VAL C 132 4.85 -29.06 16.67
N VAL C 133 4.48 -27.99 17.35
CA VAL C 133 4.42 -28.02 18.80
C VAL C 133 3.01 -27.92 19.28
N CYS C 134 2.74 -28.63 20.35
CA CYS C 134 1.42 -28.60 20.92
C CYS C 134 1.53 -28.40 22.43
N PHE C 135 0.85 -27.38 22.95
CA PHE C 135 0.91 -27.09 24.38
C PHE C 135 -0.37 -27.46 25.13
N LEU C 136 -0.27 -28.45 26.00
CA LEU C 136 -1.41 -28.85 26.80
C LEU C 136 -1.25 -28.23 28.19
N ASN C 137 -1.60 -26.95 28.31
CA ASN C 137 -1.46 -26.20 29.55
C ASN C 137 -2.42 -26.54 30.69
N ASN C 138 -2.12 -25.93 31.85
CA ASN C 138 -2.84 -26.04 33.11
C ASN C 138 -3.91 -27.10 33.23
N PHE C 139 -3.53 -28.26 33.75
CA PHE C 139 -4.45 -29.36 33.92
C PHE C 139 -4.11 -30.25 35.09
N TYR C 140 -5.07 -31.07 35.51
CA TYR C 140 -4.91 -32.02 36.61
C TYR C 140 -6.01 -33.05 36.46
N PRO C 141 -5.72 -34.35 36.71
CA PRO C 141 -4.44 -34.95 37.13
C PRO C 141 -3.36 -34.91 36.07
N LYS C 142 -2.18 -35.41 36.44
CA LYS C 142 -1.03 -35.47 35.55
C LYS C 142 -1.27 -36.47 34.43
N ASP C 143 -2.04 -37.51 34.73
CA ASP C 143 -2.35 -38.54 33.76
C ASP C 143 -3.09 -37.96 32.56
N ILE C 144 -2.44 -38.02 31.42
CA ILE C 144 -2.99 -37.52 30.16
C ILE C 144 -2.17 -38.20 29.07
N ASN C 145 -2.77 -38.43 27.91
CA ASN C 145 -2.04 -39.04 26.81
C ASN C 145 -2.35 -38.27 25.56
N VAL C 146 -1.30 -37.85 24.87
CA VAL C 146 -1.47 -37.10 23.65
C VAL C 146 -0.90 -37.96 22.54
N LYS C 147 -1.45 -37.80 21.35
CA LYS C 147 -0.99 -38.53 20.19
C LYS C 147 -1.18 -37.67 18.96
N TRP C 148 -0.15 -37.64 18.12
CA TRP C 148 -0.18 -36.86 16.90
C TRP C 148 -0.82 -37.67 15.79
N LYS C 149 -1.40 -36.98 14.82
CA LYS C 149 -2.04 -37.61 13.68
C LYS C 149 -1.76 -36.72 12.48
N ILE C 150 -1.21 -37.29 11.42
CA ILE C 150 -0.92 -36.52 10.23
C ILE C 150 -2.18 -36.42 9.36
N ASP C 151 -2.15 -36.95 8.15
CA ASP C 151 -3.33 -36.84 7.32
C ASP C 151 -4.37 -37.80 7.81
N GLY C 152 -5.63 -37.35 7.76
CA GLY C 152 -6.73 -38.16 8.22
C GLY C 152 -6.67 -38.37 9.72
N SER C 153 -6.09 -39.49 10.13
CA SER C 153 -5.95 -39.85 11.54
C SER C 153 -4.83 -40.90 11.73
N GLU C 154 -3.71 -40.68 11.07
CA GLU C 154 -2.58 -41.60 11.16
C GLU C 154 -1.64 -41.19 12.30
N ARG C 155 -1.44 -42.08 13.27
CA ARG C 155 -0.57 -41.77 14.41
C ARG C 155 0.92 -41.91 14.07
N GLN C 156 1.79 -41.23 14.83
CA GLN C 156 3.25 -41.25 14.62
C GLN C 156 4.03 -41.64 15.88
N ASN C 157 5.35 -41.78 15.74
CA ASN C 157 6.21 -42.14 16.87
C ASN C 157 7.37 -41.17 17.22
N GLY C 158 7.73 -40.25 16.31
CA GLY C 158 8.82 -39.33 16.58
C GLY C 158 8.53 -38.16 17.52
N VAL C 159 7.70 -38.41 18.52
CA VAL C 159 7.28 -37.38 19.45
C VAL C 159 8.18 -37.13 20.66
N LEU C 160 8.25 -35.86 21.03
CA LEU C 160 9.01 -35.40 22.20
C LEU C 160 8.15 -34.50 23.07
N ASN C 161 7.58 -35.08 24.12
CA ASN C 161 6.75 -34.33 25.05
C ASN C 161 7.57 -34.11 26.30
N SER C 162 7.25 -33.04 27.04
CA SER C 162 7.95 -32.70 28.28
C SER C 162 6.90 -32.29 29.29
N TRP C 163 7.15 -32.58 30.57
CA TRP C 163 6.23 -32.25 31.66
C TRP C 163 6.81 -31.25 32.66
N THR C 164 5.93 -30.53 33.33
CA THR C 164 6.31 -29.56 34.34
C THR C 164 6.00 -30.22 35.69
N ASP C 165 6.56 -29.69 36.77
CA ASP C 165 6.24 -30.21 38.09
C ASP C 165 4.96 -29.48 38.47
N GLN C 166 4.23 -30.01 39.43
CA GLN C 166 2.99 -29.39 39.88
C GLN C 166 3.24 -27.91 40.21
N ASP C 167 2.61 -27.01 39.46
CA ASP C 167 2.80 -25.60 39.69
C ASP C 167 2.35 -25.17 41.08
N SER C 168 3.12 -24.26 41.66
CA SER C 168 2.87 -23.72 43.00
C SER C 168 1.47 -23.15 43.16
N LYS C 169 1.17 -22.09 42.42
CA LYS C 169 -0.13 -21.42 42.50
C LYS C 169 -1.36 -22.25 42.09
N ASP C 170 -1.51 -22.55 40.80
CA ASP C 170 -2.68 -23.31 40.40
C ASP C 170 -2.71 -24.80 40.72
N SER C 171 -1.59 -25.35 41.20
CA SER C 171 -1.52 -26.77 41.54
C SER C 171 -1.68 -27.67 40.33
N THR C 172 -1.62 -27.07 39.13
CA THR C 172 -1.79 -27.78 37.87
C THR C 172 -0.47 -28.25 37.26
N TYR C 173 -0.57 -28.90 36.11
CA TYR C 173 0.59 -29.38 35.38
C TYR C 173 0.51 -28.75 33.99
N SER C 174 1.56 -28.94 33.21
CA SER C 174 1.61 -28.44 31.84
C SER C 174 2.46 -29.42 31.06
N MET C 175 2.27 -29.45 29.74
CA MET C 175 3.05 -30.34 28.89
C MET C 175 3.29 -29.75 27.53
N SER C 176 4.41 -30.12 26.93
CA SER C 176 4.77 -29.63 25.62
C SER C 176 5.19 -30.82 24.79
N SER C 177 4.33 -31.21 23.86
CA SER C 177 4.61 -32.33 22.98
C SER C 177 4.98 -31.77 21.61
N THR C 178 6.09 -32.21 21.06
CA THR C 178 6.46 -31.71 19.76
C THR C 178 6.92 -32.78 18.79
N LEU C 179 6.38 -32.69 17.59
CA LEU C 179 6.70 -33.63 16.54
C LEU C 179 7.68 -32.93 15.66
N THR C 180 8.79 -33.60 15.36
CA THR C 180 9.82 -32.99 14.53
C THR C 180 10.12 -33.77 13.25
N LEU C 181 9.70 -33.18 12.14
CA LEU C 181 9.86 -33.75 10.80
C LEU C 181 10.84 -32.94 9.98
N THR C 182 11.07 -33.41 8.75
CA THR C 182 11.94 -32.73 7.82
C THR C 182 11.04 -31.80 7.03
N LYS C 183 11.59 -30.71 6.47
CA LYS C 183 10.75 -29.81 5.68
C LYS C 183 10.00 -30.67 4.66
N ASP C 184 10.77 -31.43 3.88
CA ASP C 184 10.21 -32.30 2.85
C ASP C 184 9.10 -33.19 3.40
N GLU C 185 9.39 -33.99 4.42
CA GLU C 185 8.36 -34.87 4.96
C GLU C 185 7.19 -34.12 5.58
N TYR C 186 7.39 -32.87 5.93
CA TYR C 186 6.29 -32.10 6.49
C TYR C 186 5.42 -31.69 5.32
N GLU C 187 6.05 -31.26 4.24
CA GLU C 187 5.31 -30.83 3.07
C GLU C 187 4.48 -31.92 2.37
N ARG C 188 4.95 -33.16 2.34
CA ARG C 188 4.17 -34.22 1.67
C ARG C 188 2.99 -34.76 2.50
N HIS C 189 2.36 -33.87 3.26
CA HIS C 189 1.20 -34.19 4.08
C HIS C 189 0.43 -32.89 4.21
N ASN C 190 -0.79 -32.92 4.73
CA ASN C 190 -1.55 -31.67 4.83
C ASN C 190 -2.08 -31.32 6.20
N SER C 191 -2.90 -32.22 6.74
CA SER C 191 -3.49 -32.00 8.04
C SER C 191 -2.59 -32.52 9.16
N TYR C 192 -2.59 -31.81 10.30
CA TYR C 192 -1.82 -32.16 11.49
C TYR C 192 -2.75 -32.01 12.67
N THR C 193 -2.79 -33.05 13.50
CA THR C 193 -3.67 -33.07 14.65
C THR C 193 -3.02 -33.54 15.94
N CYS C 194 -3.27 -32.77 16.99
CA CYS C 194 -2.76 -33.06 18.32
C CYS C 194 -3.98 -33.52 19.06
N GLU C 195 -4.01 -34.79 19.44
CA GLU C 195 -5.17 -35.34 20.12
C GLU C 195 -4.90 -35.68 21.57
N ALA C 196 -5.67 -35.08 22.47
CA ALA C 196 -5.49 -35.29 23.90
C ALA C 196 -6.62 -36.02 24.63
N THR C 197 -6.28 -37.03 25.40
CA THR C 197 -7.25 -37.80 26.18
C THR C 197 -7.01 -37.46 27.65
N HIS C 198 -8.07 -37.18 28.40
CA HIS C 198 -7.92 -36.83 29.80
C HIS C 198 -9.21 -36.93 30.58
N LYS C 199 -9.13 -37.53 31.78
CA LYS C 199 -10.26 -37.73 32.69
C LYS C 199 -11.37 -36.68 32.64
N THR C 200 -11.00 -35.41 32.52
CA THR C 200 -11.96 -34.31 32.48
C THR C 200 -13.02 -34.40 31.40
N SER C 201 -12.65 -34.94 30.24
CA SER C 201 -13.58 -35.07 29.13
C SER C 201 -13.62 -36.51 28.61
N THR C 202 -14.79 -36.91 28.17
CA THR C 202 -15.01 -38.25 27.63
C THR C 202 -14.51 -38.26 26.18
N SER C 203 -14.90 -37.23 25.42
CA SER C 203 -14.47 -37.10 24.04
C SER C 203 -13.13 -36.37 24.02
N PRO C 204 -12.12 -36.99 23.37
CA PRO C 204 -10.75 -36.48 23.24
C PRO C 204 -10.69 -35.02 22.76
N ILE C 205 -9.97 -34.19 23.51
CA ILE C 205 -9.84 -32.78 23.15
C ILE C 205 -8.86 -32.74 21.96
N VAL C 206 -9.34 -32.18 20.85
CA VAL C 206 -8.58 -32.12 19.61
C VAL C 206 -8.42 -30.73 19.02
N LYS C 207 -7.21 -30.44 18.57
CA LYS C 207 -6.91 -29.15 17.93
C LYS C 207 -6.14 -29.55 16.68
N SER C 208 -6.57 -29.05 15.53
CA SER C 208 -5.89 -29.41 14.29
C SER C 208 -5.64 -28.20 13.42
N PHE C 209 -4.73 -28.35 12.46
CA PHE C 209 -4.40 -27.26 11.53
C PHE C 209 -4.06 -27.85 10.17
N ASN C 210 -4.40 -27.14 9.09
CA ASN C 210 -4.10 -27.63 7.75
C ASN C 210 -3.09 -26.69 7.11
N ARG C 211 -1.98 -27.26 6.64
CA ARG C 211 -0.93 -26.45 6.04
C ARG C 211 -1.29 -25.76 4.74
N ASN C 212 -2.51 -25.98 4.27
CA ASN C 212 -2.93 -25.36 3.02
C ASN C 212 -2.97 -23.83 2.99
N GLU C 213 -2.72 -23.19 4.13
CA GLU C 213 -2.71 -21.72 4.20
C GLU C 213 -1.35 -21.21 4.69
N CYS C 214 -0.90 -21.74 5.83
CA CYS C 214 0.37 -21.35 6.41
C CYS C 214 1.24 -22.58 6.67
N GLU D 1 23.01 -10.07 54.13
CA GLU D 1 22.54 -11.47 53.97
C GLU D 1 23.78 -12.32 53.68
N VAL D 2 23.62 -13.65 53.71
CA VAL D 2 24.70 -14.59 53.44
C VAL D 2 24.54 -15.15 52.02
N LYS D 3 25.60 -15.06 51.21
CA LYS D 3 25.55 -15.56 49.85
C LYS D 3 26.70 -16.50 49.49
N LEU D 4 26.41 -17.45 48.63
CA LEU D 4 27.40 -18.42 48.13
C LEU D 4 27.17 -18.54 46.61
N GLN D 5 28.00 -17.87 45.81
CA GLN D 5 27.87 -17.90 44.37
C GLN D 5 28.92 -18.83 43.78
N GLU D 6 28.48 -19.94 43.17
CA GLU D 6 29.43 -20.87 42.54
C GLU D 6 29.74 -20.38 41.16
N SER D 7 30.85 -20.87 40.62
CA SER D 7 31.30 -20.49 39.29
C SER D 7 32.16 -21.59 38.69
N GLY D 8 32.43 -21.49 37.40
CA GLY D 8 33.27 -22.47 36.75
C GLY D 8 32.60 -23.74 36.26
N GLY D 9 31.28 -23.70 36.07
CA GLY D 9 30.59 -24.86 35.55
C GLY D 9 30.81 -24.88 34.05
N GLY D 10 30.60 -26.03 33.43
CA GLY D 10 30.78 -26.14 31.99
C GLY D 10 30.79 -27.57 31.49
N LEU D 11 31.47 -27.79 30.38
CA LEU D 11 31.57 -29.12 29.79
C LEU D 11 33.02 -29.53 29.70
N VAL D 12 33.28 -30.82 29.98
CA VAL D 12 34.63 -31.35 29.87
C VAL D 12 34.63 -32.79 29.45
N GLN D 13 35.53 -33.08 28.52
CA GLN D 13 35.66 -34.41 27.97
C GLN D 13 36.03 -35.32 29.12
N PRO D 14 35.67 -36.61 29.02
CA PRO D 14 36.04 -37.50 30.11
C PRO D 14 37.55 -37.41 30.29
N GLY D 15 38.00 -37.61 31.52
CA GLY D 15 39.43 -37.55 31.82
C GLY D 15 40.03 -36.16 31.91
N GLY D 16 39.19 -35.12 31.84
CA GLY D 16 39.68 -33.75 31.92
C GLY D 16 39.43 -33.10 33.28
N SER D 17 40.26 -32.13 33.63
CA SER D 17 40.14 -31.45 34.90
C SER D 17 39.25 -30.21 34.85
N LEU D 18 38.69 -29.87 36.01
CA LEU D 18 37.81 -28.71 36.15
C LEU D 18 37.99 -28.18 37.58
N LYS D 19 38.00 -26.86 37.73
CA LYS D 19 38.17 -26.27 39.06
C LYS D 19 37.01 -25.32 39.38
N LEU D 20 36.14 -25.75 40.29
CA LEU D 20 35.00 -24.95 40.69
C LEU D 20 35.35 -23.98 41.82
N SER D 21 34.82 -22.77 41.74
CA SER D 21 35.04 -21.73 42.74
C SER D 21 33.69 -21.45 43.39
N CYS D 22 33.68 -21.20 44.69
CA CYS D 22 32.45 -20.90 45.40
C CYS D 22 32.61 -19.64 46.25
N ALA D 23 32.65 -18.49 45.57
CA ALA D 23 32.82 -17.21 46.24
C ALA D 23 31.75 -17.01 47.30
N THR D 24 32.20 -16.84 48.52
CA THR D 24 31.33 -16.65 49.65
C THR D 24 31.48 -15.22 50.12
N SER D 25 30.40 -14.62 50.61
CA SER D 25 30.44 -13.25 51.12
C SER D 25 29.21 -12.83 51.89
N GLY D 26 29.28 -12.94 53.22
CA GLY D 26 28.19 -12.55 54.11
C GLY D 26 28.42 -12.99 55.55
N PHE D 27 29.62 -13.52 55.82
CA PHE D 27 29.98 -14.00 57.14
C PHE D 27 31.49 -14.24 57.28
N THR D 28 31.88 -14.84 58.40
CA THR D 28 33.29 -15.09 58.66
C THR D 28 33.66 -16.49 58.22
N PHE D 29 34.09 -16.57 56.96
CA PHE D 29 34.48 -17.81 56.32
C PHE D 29 35.29 -18.71 57.23
N SER D 30 36.38 -18.16 57.77
CA SER D 30 37.29 -18.91 58.62
C SER D 30 36.67 -19.55 59.84
N ASP D 31 35.40 -19.28 60.08
CA ASP D 31 34.74 -19.82 61.25
C ASP D 31 33.86 -21.02 60.96
N TYR D 32 33.87 -21.49 59.71
CA TYR D 32 33.03 -22.62 59.33
C TYR D 32 33.72 -23.66 58.44
N TYR D 33 33.25 -24.90 58.53
CA TYR D 33 33.76 -25.97 57.67
C TYR D 33 32.87 -25.82 56.45
N MET D 34 33.41 -25.97 55.24
CA MET D 34 32.58 -25.86 54.04
C MET D 34 32.38 -27.24 53.44
N TYR D 35 31.39 -27.36 52.54
CA TYR D 35 31.16 -28.63 51.87
C TYR D 35 30.80 -28.42 50.43
N TRP D 36 30.85 -29.51 49.67
CA TRP D 36 30.49 -29.48 48.28
C TRP D 36 29.60 -30.68 48.15
N VAL D 37 28.44 -30.48 47.56
CA VAL D 37 27.51 -31.57 47.35
C VAL D 37 26.98 -31.43 45.95
N ARG D 38 26.85 -32.53 45.24
CA ARG D 38 26.33 -32.45 43.89
C ARG D 38 25.02 -33.17 43.87
N GLN D 39 24.22 -32.88 42.85
CA GLN D 39 22.91 -33.50 42.64
C GLN D 39 22.79 -33.92 41.17
N THR D 40 22.72 -35.23 40.92
CA THR D 40 22.63 -35.78 39.57
C THR D 40 21.45 -35.20 38.79
N PRO D 41 21.43 -35.33 37.44
CA PRO D 41 20.29 -34.77 36.70
C PRO D 41 19.03 -35.56 37.07
N GLU D 42 19.26 -36.73 37.67
CA GLU D 42 18.20 -37.62 38.11
C GLU D 42 17.64 -37.18 39.48
N LYS D 43 18.26 -36.15 40.06
CA LYS D 43 17.88 -35.54 41.34
C LYS D 43 18.38 -36.09 42.68
N ARG D 44 19.16 -37.16 42.63
CA ARG D 44 19.72 -37.72 43.87
C ARG D 44 20.86 -36.78 44.24
N LEU D 45 21.02 -36.52 45.54
CA LEU D 45 22.09 -35.65 46.02
C LEU D 45 23.19 -36.48 46.63
N GLU D 46 24.42 -36.07 46.40
CA GLU D 46 25.56 -36.80 46.91
C GLU D 46 26.53 -35.83 47.55
N TRP D 47 26.96 -36.20 48.73
CA TRP D 47 27.89 -35.42 49.49
C TRP D 47 29.23 -35.59 48.80
N VAL D 48 29.93 -34.50 48.57
CA VAL D 48 31.18 -34.62 47.87
C VAL D 48 32.44 -34.42 48.70
N ALA D 49 32.45 -33.44 49.60
CA ALA D 49 33.66 -33.21 50.38
C ALA D 49 33.50 -32.31 51.57
N TYR D 50 34.49 -32.38 52.47
CA TYR D 50 34.55 -31.61 53.71
C TYR D 50 35.95 -31.05 53.94
N ILE D 51 36.04 -29.83 54.46
CA ILE D 51 37.34 -29.22 54.78
C ILE D 51 37.28 -28.24 55.97
N SER D 52 38.05 -28.54 57.01
CA SER D 52 38.12 -27.75 58.25
C SER D 52 38.53 -26.29 58.00
N ASN D 53 38.11 -25.38 58.90
CA ASN D 53 38.41 -23.94 58.80
C ASN D 53 39.80 -23.63 58.33
N GLY D 54 40.75 -24.43 58.82
CA GLY D 54 42.14 -24.25 58.48
C GLY D 54 42.52 -24.83 57.14
N GLY D 55 41.94 -25.99 56.81
CA GLY D 55 42.23 -26.66 55.55
C GLY D 55 43.19 -27.83 55.72
N GLY D 56 43.32 -28.30 56.95
CA GLY D 56 44.24 -29.39 57.21
C GLY D 56 43.56 -30.71 57.44
N SER D 57 42.25 -30.73 57.29
CA SER D 57 41.50 -31.95 57.49
C SER D 57 40.43 -32.04 56.41
N THR D 58 40.58 -33.04 55.55
CA THR D 58 39.65 -33.26 54.44
C THR D 58 39.08 -34.65 54.49
N TYR D 59 37.90 -34.79 53.89
CA TYR D 59 37.24 -36.08 53.82
C TYR D 59 36.50 -36.07 52.49
N TYR D 60 36.52 -37.22 51.81
CA TYR D 60 35.88 -37.41 50.50
C TYR D 60 35.18 -38.78 50.45
N PRO D 61 34.13 -38.93 49.61
CA PRO D 61 33.47 -40.25 49.55
C PRO D 61 34.33 -41.11 48.63
N ASP D 62 34.12 -42.42 48.64
CA ASP D 62 34.93 -43.29 47.79
C ASP D 62 34.76 -43.02 46.30
N THR D 63 33.56 -42.58 45.91
CA THR D 63 33.29 -42.28 44.53
C THR D 63 34.16 -41.16 43.92
N VAL D 64 34.75 -40.29 44.75
CA VAL D 64 35.60 -39.19 44.25
C VAL D 64 37.00 -39.09 44.88
N LYS D 65 37.29 -40.00 45.81
CA LYS D 65 38.56 -40.05 46.51
C LYS D 65 39.74 -40.10 45.54
N GLY D 66 40.54 -39.05 45.54
CA GLY D 66 41.71 -38.98 44.67
C GLY D 66 41.58 -37.98 43.55
N ARG D 67 40.44 -38.05 42.86
CA ARG D 67 40.24 -37.14 41.76
C ARG D 67 39.90 -35.73 42.21
N PHE D 68 39.16 -35.60 43.32
CA PHE D 68 38.81 -34.28 43.82
C PHE D 68 39.57 -33.92 45.06
N THR D 69 39.84 -32.64 45.21
CA THR D 69 40.48 -32.13 46.40
C THR D 69 39.85 -30.77 46.61
N ILE D 70 39.30 -30.58 47.80
CA ILE D 70 38.67 -29.32 48.14
C ILE D 70 39.69 -28.48 48.83
N SER D 71 39.61 -27.18 48.61
CA SER D 71 40.57 -26.31 49.24
C SER D 71 39.89 -24.97 49.45
N ARG D 72 40.54 -24.08 50.19
CA ARG D 72 39.96 -22.79 50.46
C ARG D 72 41.03 -21.75 50.53
N ASP D 73 40.62 -20.51 50.41
CA ASP D 73 41.53 -19.38 50.47
C ASP D 73 40.79 -18.37 51.35
N ASN D 74 40.87 -18.62 52.65
CA ASN D 74 40.20 -17.78 53.64
C ASN D 74 40.54 -16.31 53.44
N ALA D 75 41.73 -16.05 52.89
CA ALA D 75 42.14 -14.68 52.62
C ALA D 75 41.23 -13.98 51.58
N LYS D 76 40.55 -14.76 50.75
CA LYS D 76 39.65 -14.22 49.72
C LYS D 76 38.21 -14.67 49.87
N ASN D 77 37.93 -15.43 50.93
CA ASN D 77 36.58 -15.91 51.21
C ASN D 77 36.09 -17.02 50.27
N THR D 78 36.83 -17.30 49.22
CA THR D 78 36.39 -18.31 48.26
C THR D 78 36.78 -19.73 48.59
N LEU D 79 35.87 -20.65 48.28
CA LEU D 79 36.09 -22.09 48.47
C LEU D 79 36.51 -22.57 47.07
N TYR D 80 36.91 -23.84 46.93
CA TYR D 80 37.33 -24.39 45.63
C TYR D 80 37.13 -25.89 45.54
N LEU D 81 37.15 -26.40 44.32
CA LEU D 81 37.03 -27.83 44.06
C LEU D 81 37.72 -28.10 42.75
N GLN D 82 38.78 -28.89 42.82
CA GLN D 82 39.52 -29.23 41.63
C GLN D 82 39.26 -30.70 41.39
N MET D 83 38.85 -31.00 40.17
CA MET D 83 38.54 -32.36 39.77
C MET D 83 39.52 -32.70 38.65
N SER D 84 40.17 -33.86 38.73
CA SER D 84 41.14 -34.23 37.71
C SER D 84 40.79 -35.35 36.72
N ARG D 85 40.19 -36.44 37.18
CA ARG D 85 39.85 -37.50 36.23
C ARG D 85 38.33 -37.64 36.10
N LEU D 86 37.70 -36.66 35.45
CA LEU D 86 36.25 -36.67 35.31
C LEU D 86 35.61 -37.77 34.44
N LYS D 87 34.48 -38.28 34.92
CA LYS D 87 33.70 -39.32 34.25
C LYS D 87 32.34 -38.71 33.92
N SER D 88 31.57 -39.38 33.09
CA SER D 88 30.25 -38.87 32.77
C SER D 88 29.40 -38.95 34.05
N GLU D 89 29.63 -39.98 34.86
CA GLU D 89 28.89 -40.14 36.11
C GLU D 89 29.04 -38.86 36.93
N ASP D 90 30.23 -38.26 36.84
CA ASP D 90 30.50 -37.04 37.58
C ASP D 90 29.69 -35.86 37.04
N THR D 91 28.67 -36.13 36.22
CA THR D 91 27.87 -35.03 35.72
C THR D 91 26.77 -34.77 36.73
N ALA D 92 26.64 -33.50 37.13
CA ALA D 92 25.62 -33.07 38.09
C ALA D 92 25.75 -31.59 38.38
N MET D 93 24.99 -31.13 39.37
CA MET D 93 25.02 -29.74 39.82
C MET D 93 25.81 -29.78 41.08
N TYR D 94 26.83 -28.95 41.15
CA TYR D 94 27.66 -28.89 42.33
C TYR D 94 27.28 -27.70 43.17
N TYR D 95 27.04 -27.97 44.44
CA TYR D 95 26.66 -26.94 45.40
C TYR D 95 27.68 -26.88 46.53
N CYS D 96 28.20 -25.70 46.83
CA CYS D 96 29.10 -25.58 47.96
C CYS D 96 28.14 -25.17 49.04
N ALA D 97 28.24 -25.82 50.20
CA ALA D 97 27.34 -25.53 51.28
C ALA D 97 28.02 -25.29 52.62
N ARG D 98 27.69 -24.18 53.25
CA ARG D 98 28.24 -23.82 54.55
C ARG D 98 27.72 -24.80 55.59
N HIS D 99 28.49 -25.02 56.63
CA HIS D 99 28.13 -25.93 57.70
C HIS D 99 27.38 -25.17 58.78
N GLY D 100 26.21 -25.64 59.16
CA GLY D 100 25.43 -24.97 60.20
C GLY D 100 25.85 -25.16 61.65
N GLY D 101 26.66 -26.17 61.91
CA GLY D 101 27.13 -26.43 63.25
C GLY D 101 26.74 -27.81 63.73
N TYR D 102 25.48 -28.17 63.50
CA TYR D 102 24.93 -29.45 63.93
C TYR D 102 24.98 -30.59 62.89
N TYR D 103 26.00 -30.55 62.01
CA TYR D 103 26.19 -31.57 60.96
C TYR D 103 25.08 -31.54 59.90
N ALA D 104 24.87 -30.34 59.35
CA ALA D 104 23.84 -30.10 58.34
C ALA D 104 24.08 -28.76 57.64
N MET D 105 23.81 -28.71 56.34
CA MET D 105 24.03 -27.48 55.58
C MET D 105 22.91 -26.50 55.76
N ASP D 106 23.20 -25.43 56.47
CA ASP D 106 22.21 -24.40 56.72
C ASP D 106 22.07 -23.45 55.55
N TYR D 107 23.12 -23.35 54.73
CA TYR D 107 23.09 -22.47 53.57
C TYR D 107 23.73 -23.10 52.36
N TRP D 108 23.03 -23.02 51.23
CA TRP D 108 23.53 -23.57 49.96
C TRP D 108 23.55 -22.48 48.92
N GLY D 109 24.50 -22.58 48.00
CA GLY D 109 24.65 -21.60 46.95
C GLY D 109 23.75 -21.89 45.79
N GLN D 110 23.88 -21.10 44.71
CA GLN D 110 23.05 -21.28 43.52
C GLN D 110 23.35 -22.54 42.70
N GLY D 111 24.53 -23.10 42.85
CA GLY D 111 24.89 -24.29 42.11
C GLY D 111 25.43 -23.93 40.73
N THR D 112 26.32 -24.76 40.22
CA THR D 112 26.87 -24.54 38.90
C THR D 112 26.70 -25.87 38.16
N THR D 113 26.44 -25.79 36.86
CA THR D 113 26.22 -27.00 36.05
C THR D 113 27.50 -27.54 35.46
N VAL D 114 27.71 -28.83 35.63
CA VAL D 114 28.89 -29.45 35.07
C VAL D 114 28.48 -30.70 34.30
N THR D 115 28.89 -30.72 33.04
CA THR D 115 28.58 -31.84 32.15
C THR D 115 29.87 -32.43 31.58
N VAL D 116 30.09 -33.71 31.83
CA VAL D 116 31.27 -34.39 31.30
C VAL D 116 30.81 -35.19 30.06
N SER D 117 31.14 -34.68 28.88
CA SER D 117 30.74 -35.34 27.66
C SER D 117 31.68 -35.04 26.50
N SER D 118 31.92 -36.08 25.69
CA SER D 118 32.80 -36.02 24.52
C SER D 118 32.23 -35.12 23.45
N ALA D 119 30.94 -34.85 23.55
CA ALA D 119 30.21 -34.03 22.59
C ALA D 119 30.76 -32.62 22.55
N LYS D 120 30.61 -31.99 21.40
CA LYS D 120 31.08 -30.63 21.26
C LYS D 120 29.96 -29.67 21.62
N THR D 121 30.32 -28.48 22.06
CA THR D 121 29.38 -27.44 22.44
C THR D 121 28.67 -26.93 21.19
N THR D 122 27.34 -26.81 21.26
CA THR D 122 26.57 -26.34 20.11
C THR D 122 25.62 -25.21 20.45
N ALA D 123 25.71 -24.13 19.67
CA ALA D 123 24.86 -22.97 19.85
C ALA D 123 23.44 -23.36 19.47
N PRO D 124 22.44 -22.90 20.22
CA PRO D 124 21.05 -23.25 19.90
C PRO D 124 20.44 -22.38 18.79
N SER D 125 19.23 -22.75 18.39
CA SER D 125 18.48 -22.02 17.39
C SER D 125 17.12 -21.75 18.03
N VAL D 126 16.66 -20.51 17.92
CA VAL D 126 15.39 -20.07 18.50
C VAL D 126 14.33 -19.84 17.43
N TYR D 127 13.10 -20.28 17.69
CA TYR D 127 12.04 -20.13 16.72
C TYR D 127 10.78 -19.56 17.32
N PRO D 128 10.36 -18.37 16.85
CA PRO D 128 9.15 -17.74 17.38
C PRO D 128 7.89 -18.50 16.95
N LEU D 129 7.22 -19.09 17.93
CA LEU D 129 6.02 -19.84 17.65
C LEU D 129 4.78 -18.97 17.74
N ALA D 130 4.48 -18.27 16.65
CA ALA D 130 3.29 -17.42 16.59
C ALA D 130 2.10 -18.39 16.47
N PRO D 131 0.90 -17.96 16.88
CA PRO D 131 -0.22 -18.90 16.78
C PRO D 131 -0.61 -19.14 15.32
N VAL D 132 -1.55 -20.06 15.11
CA VAL D 132 -2.02 -20.42 13.77
C VAL D 132 -2.53 -19.27 12.92
N CYS D 133 -2.22 -19.31 11.63
CA CYS D 133 -2.65 -18.28 10.69
C CYS D 133 -4.15 -18.10 10.79
N GLY D 134 -4.86 -19.19 11.05
CA GLY D 134 -6.30 -19.11 11.23
C GLY D 134 -6.43 -18.50 12.61
N ASP D 135 -6.28 -17.18 12.66
CA ASP D 135 -6.33 -16.42 13.90
C ASP D 135 -7.44 -16.83 14.86
N THR D 136 -7.10 -17.77 15.74
CA THR D 136 -8.02 -18.27 16.74
C THR D 136 -8.18 -17.21 17.83
N THR D 137 -8.96 -16.18 17.52
CA THR D 137 -9.21 -15.08 18.45
C THR D 137 -10.09 -15.53 19.61
N GLY D 138 -9.89 -14.91 20.77
CA GLY D 138 -10.68 -15.26 21.95
C GLY D 138 -10.30 -14.40 23.13
N SER D 139 -9.40 -14.91 23.97
CA SER D 139 -8.93 -14.19 25.15
C SER D 139 -7.55 -14.70 25.54
N SER D 140 -7.41 -16.02 25.56
CA SER D 140 -6.16 -16.67 25.91
C SER D 140 -5.27 -16.85 24.67
N VAL D 141 -4.62 -15.77 24.23
CA VAL D 141 -3.74 -15.85 23.07
C VAL D 141 -2.37 -16.40 23.46
N THR D 142 -2.32 -17.70 23.69
CA THR D 142 -1.09 -18.37 24.08
C THR D 142 -0.07 -18.36 22.94
N LEU D 143 1.19 -18.08 23.26
CA LEU D 143 2.25 -18.09 22.26
C LEU D 143 3.38 -18.91 22.85
N GLY D 144 4.50 -18.98 22.13
CA GLY D 144 5.64 -19.73 22.62
C GLY D 144 6.83 -19.63 21.71
N CYS D 145 7.95 -20.18 22.13
CA CYS D 145 9.14 -20.19 21.29
C CYS D 145 9.93 -21.47 21.52
N LEU D 146 10.40 -22.02 20.41
CA LEU D 146 11.15 -23.26 20.41
C LEU D 146 12.60 -22.90 20.45
N VAL D 147 13.36 -23.64 21.26
CA VAL D 147 14.79 -23.45 21.38
C VAL D 147 15.31 -24.84 21.08
N LYS D 148 15.84 -25.06 19.89
CA LYS D 148 16.28 -26.39 19.56
C LYS D 148 17.74 -26.52 19.19
N GLY D 149 18.29 -27.67 19.55
CA GLY D 149 19.67 -28.01 19.22
C GLY D 149 20.77 -27.24 19.91
N TYR D 150 20.94 -27.48 21.20
CA TYR D 150 21.99 -26.81 21.97
C TYR D 150 22.64 -27.78 22.95
N PHE D 151 23.90 -27.49 23.30
CA PHE D 151 24.65 -28.32 24.26
C PHE D 151 25.73 -27.46 24.94
N PRO D 152 25.85 -27.57 26.28
CA PRO D 152 25.03 -28.44 27.11
C PRO D 152 24.08 -27.59 27.92
N GLU D 153 23.45 -28.21 28.93
CA GLU D 153 22.55 -27.47 29.80
C GLU D 153 23.42 -26.45 30.53
N PRO D 154 22.86 -25.29 30.87
CA PRO D 154 21.47 -24.95 30.59
C PRO D 154 21.40 -23.67 29.78
N VAL D 155 20.18 -23.18 29.58
CA VAL D 155 19.92 -21.95 28.84
C VAL D 155 18.98 -21.12 29.69
N THR D 156 18.95 -19.83 29.42
CA THR D 156 18.09 -18.95 30.17
C THR D 156 17.08 -18.36 29.19
N LEU D 157 15.83 -18.76 29.36
CA LEU D 157 14.76 -18.30 28.51
C LEU D 157 13.83 -17.39 29.32
N THR D 158 13.67 -16.16 28.85
CA THR D 158 12.82 -15.19 29.52
C THR D 158 12.07 -14.37 28.48
N TRP D 159 10.92 -13.82 28.86
CA TRP D 159 10.13 -13.02 27.94
C TRP D 159 10.22 -11.56 28.37
N ASN D 160 10.26 -10.65 27.38
CA ASN D 160 10.34 -9.22 27.64
C ASN D 160 11.56 -8.88 28.51
N SER D 161 12.62 -9.63 28.29
CA SER D 161 13.87 -9.44 29.03
C SER D 161 13.70 -9.67 30.54
N GLY D 162 12.59 -10.28 30.93
CA GLY D 162 12.37 -10.55 32.33
C GLY D 162 11.03 -10.12 32.90
N SER D 163 10.47 -9.04 32.38
CA SER D 163 9.20 -8.51 32.88
C SER D 163 8.03 -9.49 32.87
N LEU D 164 7.68 -10.00 31.70
CA LEU D 164 6.56 -10.92 31.58
C LEU D 164 6.88 -12.26 32.28
N SER D 165 6.23 -12.48 33.42
CA SER D 165 6.47 -13.71 34.18
C SER D 165 5.17 -14.46 34.46
N SER D 166 4.04 -13.83 34.17
CA SER D 166 2.73 -14.42 34.42
C SER D 166 2.16 -15.23 33.26
N GLY D 167 1.75 -16.46 33.56
CA GLY D 167 1.18 -17.30 32.53
C GLY D 167 2.24 -17.97 31.67
N VAL D 168 3.49 -17.75 32.02
CA VAL D 168 4.57 -18.35 31.27
C VAL D 168 4.80 -19.77 31.79
N HIS D 169 5.38 -20.61 30.94
CA HIS D 169 5.71 -21.99 31.27
C HIS D 169 6.97 -22.31 30.49
N THR D 170 7.94 -22.95 31.14
CA THR D 170 9.17 -23.32 30.47
C THR D 170 9.35 -24.79 30.75
N PHE D 171 9.53 -25.54 29.67
CA PHE D 171 9.65 -26.97 29.76
C PHE D 171 11.04 -27.56 29.92
N PRO D 172 11.18 -28.47 30.92
CA PRO D 172 12.44 -29.14 31.20
C PRO D 172 12.98 -29.60 29.87
N ALA D 173 13.97 -28.88 29.38
CA ALA D 173 14.59 -29.22 28.11
C ALA D 173 14.88 -30.69 28.16
N VAL D 174 14.82 -31.33 27.00
CA VAL D 174 15.10 -32.76 26.91
C VAL D 174 16.07 -32.97 25.75
N LEU D 175 16.75 -34.11 25.73
CA LEU D 175 17.71 -34.39 24.66
C LEU D 175 17.48 -35.62 23.78
N GLN D 176 17.82 -35.48 22.50
CA GLN D 176 17.71 -36.56 21.54
C GLN D 176 18.98 -36.53 20.67
N SER D 177 19.81 -37.55 20.87
CA SER D 177 21.06 -37.70 20.14
C SER D 177 21.98 -36.47 20.17
N ASP D 178 22.67 -36.30 21.29
CA ASP D 178 23.61 -35.21 21.52
C ASP D 178 23.07 -33.79 21.39
N LEU D 179 21.75 -33.62 21.36
CA LEU D 179 21.19 -32.28 21.27
C LEU D 179 20.01 -32.07 22.19
N TYR D 180 19.94 -30.87 22.76
CA TYR D 180 18.86 -30.50 23.65
C TYR D 180 17.82 -29.67 22.91
N THR D 181 16.61 -29.69 23.44
CA THR D 181 15.50 -28.96 22.88
C THR D 181 14.63 -28.52 24.04
N LEU D 182 14.24 -27.26 24.02
CA LEU D 182 13.41 -26.70 25.08
C LEU D 182 12.41 -25.73 24.46
N SER D 183 11.22 -25.68 25.05
CA SER D 183 10.17 -24.81 24.57
C SER D 183 9.56 -24.06 25.76
N SER D 184 8.97 -22.91 25.49
CA SER D 184 8.32 -22.12 26.54
C SER D 184 7.03 -21.59 25.95
N SER D 185 5.97 -21.61 26.75
CA SER D 185 4.66 -21.12 26.31
C SER D 185 4.17 -20.04 27.24
N VAL D 186 3.89 -18.85 26.70
CA VAL D 186 3.36 -17.77 27.52
C VAL D 186 1.91 -17.63 27.12
N THR D 187 1.03 -17.95 28.05
CA THR D 187 -0.39 -17.85 27.79
C THR D 187 -0.84 -16.44 28.14
N VAL D 188 -0.36 -15.46 27.38
CA VAL D 188 -0.68 -14.04 27.63
C VAL D 188 -2.15 -13.68 27.43
N THR D 189 -2.55 -12.53 27.98
CA THR D 189 -3.92 -12.03 27.90
C THR D 189 -4.31 -11.47 26.53
N SER D 190 -5.59 -11.61 26.18
CA SER D 190 -6.14 -11.14 24.92
C SER D 190 -5.67 -9.73 24.58
N SER D 191 -6.16 -8.77 25.36
CA SER D 191 -5.82 -7.35 25.19
C SER D 191 -5.72 -7.06 23.70
N THR D 192 -4.49 -7.08 23.19
CA THR D 192 -4.18 -6.85 21.79
C THR D 192 -2.72 -7.28 21.73
N TRP D 193 -2.50 -8.58 21.51
CA TRP D 193 -1.16 -9.12 21.44
C TRP D 193 -0.18 -8.26 20.65
N PRO D 194 -0.50 -7.90 19.40
CA PRO D 194 0.42 -7.08 18.59
C PRO D 194 0.64 -5.63 19.07
N SER D 195 0.32 -5.34 20.33
CA SER D 195 0.51 -4.00 20.88
C SER D 195 1.86 -3.88 21.59
N GLN D 196 2.13 -4.76 22.54
CA GLN D 196 3.40 -4.72 23.27
C GLN D 196 4.34 -5.80 22.73
N SER D 197 5.47 -5.36 22.21
CA SER D 197 6.46 -6.28 21.64
C SER D 197 6.82 -7.41 22.59
N ILE D 198 6.31 -8.60 22.29
CA ILE D 198 6.60 -9.79 23.09
C ILE D 198 7.81 -10.43 22.44
N THR D 199 8.91 -10.51 23.18
CA THR D 199 10.14 -11.07 22.65
C THR D 199 10.63 -12.28 23.42
N CYS D 200 11.08 -13.29 22.70
CA CYS D 200 11.59 -14.52 23.29
C CYS D 200 13.07 -14.22 23.53
N ASN D 201 13.50 -14.25 24.79
CA ASN D 201 14.91 -13.99 25.13
C ASN D 201 15.57 -15.27 25.60
N VAL D 202 16.62 -15.69 24.90
CA VAL D 202 17.33 -16.90 25.27
C VAL D 202 18.83 -16.66 25.24
N ALA D 203 19.53 -17.18 26.24
CA ALA D 203 20.97 -17.03 26.32
C ALA D 203 21.57 -18.39 26.63
N HIS D 204 22.74 -18.64 26.07
CA HIS D 204 23.45 -19.90 26.29
C HIS D 204 24.85 -19.52 26.72
N PRO D 205 25.25 -19.95 27.93
CA PRO D 205 26.57 -19.68 28.52
C PRO D 205 27.75 -20.24 27.73
N ALA D 206 27.82 -21.56 27.63
CA ALA D 206 28.90 -22.26 26.94
C ALA D 206 29.24 -21.78 25.54
N SER D 207 28.33 -21.02 24.93
CA SER D 207 28.56 -20.51 23.59
C SER D 207 28.38 -19.00 23.48
N SER D 208 28.10 -18.34 24.60
CA SER D 208 27.92 -16.89 24.65
C SER D 208 26.95 -16.44 23.56
N THR D 209 25.73 -16.95 23.63
CA THR D 209 24.72 -16.62 22.63
C THR D 209 23.48 -16.03 23.27
N LYS D 210 23.23 -14.77 22.98
CA LYS D 210 22.06 -14.08 23.50
C LYS D 210 21.25 -13.72 22.26
N VAL D 211 20.07 -14.32 22.15
CA VAL D 211 19.21 -14.07 21.00
C VAL D 211 17.82 -13.63 21.48
N ASP D 212 17.24 -12.67 20.78
CA ASP D 212 15.91 -12.17 21.13
C ASP D 212 15.03 -12.24 19.89
N LYS D 213 14.23 -13.29 19.79
CA LYS D 213 13.35 -13.44 18.64
C LYS D 213 12.01 -12.77 18.92
N LYS D 214 11.73 -11.68 18.23
CA LYS D 214 10.44 -11.01 18.45
C LYS D 214 9.41 -11.91 17.81
N ILE D 215 8.32 -12.14 18.52
CA ILE D 215 7.25 -12.98 18.01
C ILE D 215 6.31 -12.14 17.16
N GLU D 216 6.42 -12.30 15.83
CA GLU D 216 5.61 -11.56 14.86
C GLU D 216 4.45 -12.44 14.31
N PRO D 217 3.25 -11.84 14.11
CA PRO D 217 2.04 -12.50 13.60
C PRO D 217 2.14 -13.22 12.26
N ARG D 218 1.60 -14.44 12.24
CA ARG D 218 1.59 -15.24 11.03
C ARG D 218 0.48 -14.70 10.14
N GLY D 219 0.85 -13.78 9.24
CA GLY D 219 -0.12 -13.16 8.35
C GLY D 219 -0.62 -14.01 7.19
N PRO D 220 -1.75 -13.62 6.57
CA PRO D 220 -2.33 -14.35 5.43
C PRO D 220 -1.40 -14.40 4.21
N THR D 221 -1.16 -15.61 3.72
CA THR D 221 -0.28 -15.86 2.58
C THR D 221 -0.83 -15.34 1.23
N ILE D 222 0.08 -14.93 0.35
CA ILE D 222 -0.23 -14.42 -0.99
C ILE D 222 -1.07 -13.13 -1.08
N LYS D 223 -0.37 -11.99 -1.12
CA LYS D 223 -1.00 -10.67 -1.23
C LYS D 223 -0.10 -9.67 -1.98
N PRO D 224 1.18 -9.49 -1.55
CA PRO D 224 2.09 -8.55 -2.24
C PRO D 224 3.00 -9.27 -3.27
N CYS D 225 4.29 -8.90 -3.30
CA CYS D 225 5.25 -9.50 -4.23
C CYS D 225 6.60 -9.63 -3.52
N PRO D 226 7.34 -10.74 -3.79
CA PRO D 226 8.66 -11.02 -3.19
C PRO D 226 9.70 -9.97 -3.64
N PRO D 227 11.00 -10.14 -3.28
CA PRO D 227 11.95 -9.12 -3.73
C PRO D 227 12.01 -9.11 -5.25
N CYS D 228 11.73 -7.95 -5.86
CA CYS D 228 11.75 -7.80 -7.32
C CYS D 228 13.14 -8.10 -7.88
N LYS D 229 13.49 -9.39 -7.93
CA LYS D 229 14.77 -9.88 -8.41
C LYS D 229 15.98 -9.02 -8.02
N CYS D 230 16.01 -8.52 -6.79
CA CYS D 230 17.14 -7.71 -6.33
C CYS D 230 18.30 -8.67 -6.09
N PRO D 231 19.47 -8.39 -6.71
CA PRO D 231 20.70 -9.18 -6.60
C PRO D 231 21.43 -9.09 -5.25
N ALA D 232 22.73 -9.37 -5.28
CA ALA D 232 23.58 -9.29 -4.10
C ALA D 232 23.72 -7.80 -3.74
N PRO D 233 24.02 -7.48 -2.46
CA PRO D 233 24.16 -6.10 -1.98
C PRO D 233 24.97 -5.15 -2.87
N ASN D 234 24.31 -4.09 -3.34
CA ASN D 234 24.94 -3.09 -4.21
C ASN D 234 25.23 -1.75 -3.51
N LEU D 235 25.35 -1.78 -2.19
CA LEU D 235 25.63 -0.58 -1.39
C LEU D 235 25.89 -0.93 0.09
N LEU D 236 26.37 0.05 0.85
CA LEU D 236 26.67 -0.11 2.28
C LEU D 236 27.10 1.24 2.88
N GLY D 237 27.47 1.22 4.16
CA GLY D 237 27.92 2.41 4.83
C GLY D 237 29.41 2.26 5.11
N GLY D 238 30.23 3.02 4.38
CA GLY D 238 31.67 2.96 4.55
C GLY D 238 32.32 4.08 3.77
N PRO D 239 33.30 3.80 2.88
CA PRO D 239 33.92 4.88 2.12
C PRO D 239 32.86 5.60 1.28
N SER D 240 33.05 6.89 1.07
CA SER D 240 32.11 7.69 0.30
C SER D 240 32.87 8.26 -0.89
N VAL D 241 32.15 8.48 -1.99
CA VAL D 241 32.74 9.01 -3.21
C VAL D 241 32.02 10.29 -3.63
N PHE D 242 32.80 11.27 -4.08
CA PHE D 242 32.27 12.56 -4.53
C PHE D 242 33.01 12.93 -5.81
N ILE D 243 32.34 13.62 -6.73
CA ILE D 243 32.98 13.99 -7.98
C ILE D 243 32.91 15.51 -8.12
N PHE D 244 33.92 16.09 -8.74
CA PHE D 244 33.98 17.55 -8.92
C PHE D 244 34.32 18.01 -10.32
N PRO D 245 33.61 19.03 -10.78
CA PRO D 245 33.80 19.62 -12.10
C PRO D 245 35.00 20.54 -12.10
N PRO D 246 35.67 20.66 -13.24
CA PRO D 246 36.82 21.55 -13.30
C PRO D 246 36.28 22.97 -13.25
N LYS D 247 37.13 23.92 -12.89
CA LYS D 247 36.66 25.27 -12.81
C LYS D 247 36.52 25.91 -14.16
N ILE D 248 35.40 26.61 -14.34
CA ILE D 248 35.10 27.30 -15.57
C ILE D 248 36.31 27.87 -16.30
N LYS D 249 37.24 28.46 -15.56
CA LYS D 249 38.41 29.03 -16.20
C LYS D 249 39.33 27.97 -16.82
N ASP D 250 39.63 26.91 -16.07
CA ASP D 250 40.52 25.86 -16.57
C ASP D 250 40.11 25.31 -17.94
N VAL D 251 38.83 24.97 -18.07
CA VAL D 251 38.33 24.43 -19.34
C VAL D 251 38.23 25.48 -20.46
N LEU D 252 37.55 26.58 -20.20
CA LEU D 252 37.39 27.62 -21.21
C LEU D 252 38.70 28.20 -21.72
N MET D 253 39.77 28.02 -20.97
CA MET D 253 41.05 28.55 -21.41
C MET D 253 41.91 27.44 -21.95
N ILE D 254 42.40 27.65 -23.16
CA ILE D 254 43.26 26.68 -23.83
C ILE D 254 44.44 26.33 -22.93
N SER D 255 45.17 27.35 -22.53
CA SER D 255 46.37 27.21 -21.70
C SER D 255 46.22 26.44 -20.39
N LEU D 256 45.27 26.86 -19.58
CA LEU D 256 45.03 26.22 -18.28
C LEU D 256 44.75 24.74 -18.44
N SER D 257 44.97 23.96 -17.39
CA SER D 257 44.74 22.52 -17.47
C SER D 257 43.57 22.05 -16.64
N PRO D 258 42.44 21.73 -17.29
CA PRO D 258 41.18 21.26 -16.70
C PRO D 258 41.42 19.94 -16.02
N ILE D 259 40.73 19.70 -14.92
CA ILE D 259 40.91 18.45 -14.22
C ILE D 259 39.57 18.04 -13.63
N VAL D 260 39.30 16.75 -13.62
CA VAL D 260 38.07 16.26 -13.00
C VAL D 260 38.52 15.45 -11.80
N THR D 261 38.05 15.85 -10.62
CA THR D 261 38.43 15.17 -9.40
C THR D 261 37.38 14.25 -8.85
N CYS D 262 37.86 13.17 -8.25
CA CYS D 262 36.99 12.19 -7.64
C CYS D 262 37.66 11.97 -6.30
N VAL D 263 36.93 12.24 -5.22
CA VAL D 263 37.50 12.07 -3.89
C VAL D 263 36.74 11.00 -3.12
N VAL D 264 37.49 10.11 -2.48
CA VAL D 264 36.88 9.03 -1.70
C VAL D 264 37.23 9.25 -0.23
N VAL D 265 36.19 9.39 0.59
CA VAL D 265 36.38 9.62 2.01
C VAL D 265 36.01 8.43 2.88
N ASP D 266 36.34 8.56 4.17
CA ASP D 266 36.08 7.57 5.23
C ASP D 266 36.65 6.15 5.08
N VAL D 267 37.95 6.01 5.34
CA VAL D 267 38.66 4.72 5.28
C VAL D 267 39.76 4.71 6.35
N SER D 268 40.12 3.51 6.84
CA SER D 268 41.15 3.37 7.87
C SER D 268 42.26 2.39 7.45
N GLU D 269 43.33 2.32 8.24
CA GLU D 269 44.49 1.48 7.99
C GLU D 269 44.28 0.01 7.59
N ASP D 270 43.14 -0.57 7.96
CA ASP D 270 42.83 -1.96 7.63
C ASP D 270 42.54 -2.13 6.13
N ASP D 271 42.05 -1.07 5.52
CA ASP D 271 41.72 -1.06 4.09
C ASP D 271 42.57 0.05 3.46
N PRO D 272 43.79 -0.29 3.02
CA PRO D 272 44.73 0.64 2.39
C PRO D 272 44.36 1.12 0.99
N ASP D 273 45.21 0.81 0.01
CA ASP D 273 44.99 1.21 -1.38
C ASP D 273 43.59 0.85 -1.86
N VAL D 274 43.02 1.73 -2.68
CA VAL D 274 41.68 1.53 -3.21
C VAL D 274 41.74 1.60 -4.74
N GLN D 275 40.90 0.80 -5.40
CA GLN D 275 40.84 0.74 -6.86
C GLN D 275 40.21 2.00 -7.45
N ILE D 276 40.76 2.48 -8.56
CA ILE D 276 40.25 3.67 -9.23
C ILE D 276 40.06 3.34 -10.70
N SER D 277 39.02 3.89 -11.31
CA SER D 277 38.76 3.65 -12.71
C SER D 277 38.06 4.85 -13.32
N TRP D 278 38.63 5.37 -14.39
CA TRP D 278 38.08 6.53 -15.11
C TRP D 278 37.66 6.11 -16.49
N PHE D 279 36.49 6.57 -16.93
CA PHE D 279 35.98 6.24 -18.27
C PHE D 279 35.16 7.38 -18.87
N VAL D 280 35.68 7.93 -19.97
CA VAL D 280 35.00 9.01 -20.67
C VAL D 280 33.90 8.38 -21.52
N ASN D 281 32.67 8.49 -21.06
CA ASN D 281 31.53 7.93 -21.79
C ASN D 281 31.72 6.41 -21.85
N ASN D 282 32.20 5.86 -20.73
CA ASN D 282 32.44 4.42 -20.59
C ASN D 282 33.67 3.90 -21.33
N VAL D 283 34.33 4.75 -22.11
CA VAL D 283 35.52 4.32 -22.84
C VAL D 283 36.64 4.05 -21.84
N GLU D 284 37.32 2.94 -22.05
CA GLU D 284 38.39 2.53 -21.16
C GLU D 284 39.62 3.44 -21.13
N VAL D 285 39.53 4.58 -20.46
CA VAL D 285 40.69 5.46 -20.35
C VAL D 285 41.49 4.99 -19.14
N HIS D 286 41.96 3.75 -19.24
CA HIS D 286 42.72 3.04 -18.21
C HIS D 286 43.75 3.90 -17.48
N THR D 287 43.32 4.49 -16.37
CA THR D 287 44.16 5.34 -15.51
C THR D 287 44.93 6.37 -16.32
N ALA D 288 44.23 7.04 -17.24
CA ALA D 288 44.81 8.06 -18.09
C ALA D 288 45.54 9.10 -17.23
N GLN D 289 46.80 8.81 -16.95
CA GLN D 289 47.68 9.66 -16.13
C GLN D 289 46.96 10.21 -14.90
N THR D 290 46.03 9.43 -14.38
CA THR D 290 45.27 9.84 -13.21
C THR D 290 46.09 9.72 -11.94
N GLN D 291 46.61 10.85 -11.48
CA GLN D 291 47.38 10.87 -10.25
C GLN D 291 46.40 10.67 -9.09
N THR D 292 46.75 9.80 -8.15
CA THR D 292 45.86 9.56 -7.01
C THR D 292 46.61 9.64 -5.66
N HIS D 293 46.46 10.78 -4.98
CA HIS D 293 47.11 11.01 -3.70
C HIS D 293 46.32 10.37 -2.56
N ARG D 294 46.99 10.13 -1.43
CA ARG D 294 46.38 9.56 -0.24
C ARG D 294 46.81 10.49 0.89
N GLU D 295 45.86 11.25 1.44
CA GLU D 295 46.15 12.22 2.51
C GLU D 295 45.81 11.69 3.92
N ASP D 296 46.07 12.49 4.95
CA ASP D 296 45.80 12.11 6.35
C ASP D 296 45.02 13.24 7.08
N TYR D 297 44.14 12.90 8.02
CA TYR D 297 43.39 13.95 8.72
C TYR D 297 42.84 13.69 10.13
N ASN D 298 41.52 13.71 10.31
CA ASN D 298 40.90 13.55 11.63
C ASN D 298 41.13 12.25 12.37
N SER D 299 41.33 11.16 11.61
CA SER D 299 41.57 9.82 12.14
C SER D 299 41.43 8.82 10.99
N THR D 300 40.98 9.32 9.85
CA THR D 300 40.76 8.51 8.65
C THR D 300 41.70 8.91 7.50
N LEU D 301 41.49 8.29 6.34
CA LEU D 301 42.29 8.56 5.15
C LEU D 301 41.35 8.99 4.01
N ARG D 302 41.79 9.91 3.17
CA ARG D 302 40.98 10.37 2.04
C ARG D 302 41.79 10.29 0.76
N VAL D 303 41.32 9.50 -0.20
CA VAL D 303 42.04 9.37 -1.46
C VAL D 303 41.52 10.39 -2.44
N VAL D 304 42.43 11.02 -3.18
CA VAL D 304 42.04 12.02 -4.14
C VAL D 304 42.58 11.72 -5.54
N SER D 305 41.68 11.31 -6.42
CA SER D 305 42.03 10.98 -7.80
C SER D 305 41.73 12.15 -8.73
N ALA D 306 42.74 12.58 -9.48
CA ALA D 306 42.58 13.69 -10.41
C ALA D 306 42.88 13.27 -11.84
N LEU D 307 41.89 13.45 -12.72
CA LEU D 307 42.05 13.09 -14.11
C LEU D 307 42.10 14.32 -15.00
N PRO D 308 43.25 14.59 -15.61
CA PRO D 308 43.36 15.74 -16.50
C PRO D 308 42.49 15.44 -17.71
N ILE D 309 41.59 16.38 -18.02
CA ILE D 309 40.63 16.24 -19.11
C ILE D 309 41.00 17.07 -20.32
N GLN D 310 40.43 16.74 -21.46
CA GLN D 310 40.67 17.53 -22.65
C GLN D 310 39.60 18.62 -22.67
N HIS D 311 40.02 19.86 -22.85
CA HIS D 311 39.10 21.00 -22.87
C HIS D 311 37.82 20.71 -23.65
N GLN D 312 37.95 20.50 -24.95
CA GLN D 312 36.78 20.24 -25.77
C GLN D 312 35.97 19.05 -25.30
N ASP D 313 36.64 18.08 -24.68
CA ASP D 313 35.96 16.88 -24.19
C ASP D 313 34.82 17.26 -23.26
N TRP D 314 35.16 18.01 -22.21
CA TRP D 314 34.17 18.46 -21.24
C TRP D 314 33.10 19.30 -21.94
N MET D 315 33.55 20.23 -22.77
CA MET D 315 32.66 21.13 -23.51
C MET D 315 31.60 20.43 -24.35
N SER D 316 31.90 19.21 -24.76
CA SER D 316 30.98 18.43 -25.56
C SER D 316 30.07 17.58 -24.68
N GLY D 317 29.78 18.06 -23.49
CA GLY D 317 28.91 17.34 -22.58
C GLY D 317 29.14 15.84 -22.49
N LYS D 318 30.39 15.42 -22.64
CA LYS D 318 30.71 14.01 -22.56
C LYS D 318 30.55 13.55 -21.13
N GLU D 319 30.43 12.23 -20.95
CA GLU D 319 30.27 11.68 -19.61
C GLU D 319 31.61 11.29 -19.00
N PHE D 320 31.81 11.68 -17.74
CA PHE D 320 33.05 11.37 -17.03
C PHE D 320 32.68 10.56 -15.80
N LYS D 321 33.03 9.29 -15.86
CA LYS D 321 32.72 8.36 -14.78
C LYS D 321 33.93 8.08 -13.91
N CYS D 322 33.65 7.71 -12.67
CA CYS D 322 34.68 7.39 -11.71
C CYS D 322 34.16 6.18 -10.94
N LYS D 323 34.85 5.05 -11.09
CA LYS D 323 34.48 3.79 -10.45
C LYS D 323 35.49 3.42 -9.37
N VAL D 324 35.02 3.37 -8.13
CA VAL D 324 35.84 3.06 -6.96
C VAL D 324 35.52 1.64 -6.46
N ASN D 325 36.56 0.89 -6.10
CA ASN D 325 36.39 -0.48 -5.62
C ASN D 325 37.41 -0.84 -4.52
N ASN D 326 36.98 -1.67 -3.57
CA ASN D 326 37.83 -2.12 -2.47
C ASN D 326 37.15 -3.35 -1.87
N LYS D 327 37.90 -4.16 -1.12
CA LYS D 327 37.38 -5.38 -0.50
C LYS D 327 36.10 -5.25 0.35
N ASP D 328 36.02 -4.19 1.17
CA ASP D 328 34.86 -3.99 2.03
C ASP D 328 33.61 -3.52 1.30
N LEU D 329 33.75 -3.25 0.00
CA LEU D 329 32.63 -2.80 -0.79
C LEU D 329 31.83 -3.97 -1.35
N PRO D 330 30.55 -4.07 -0.96
CA PRO D 330 29.71 -5.16 -1.45
C PRO D 330 29.56 -5.08 -2.98
N ALA D 331 29.55 -3.85 -3.49
CA ALA D 331 29.44 -3.59 -4.91
C ALA D 331 30.16 -2.26 -5.17
N PRO D 332 30.85 -2.14 -6.32
CA PRO D 332 31.57 -0.91 -6.66
C PRO D 332 30.67 0.32 -6.76
N ILE D 333 31.16 1.46 -6.27
CA ILE D 333 30.41 2.70 -6.32
C ILE D 333 31.03 3.60 -7.38
N GLU D 334 30.22 4.04 -8.34
CA GLU D 334 30.70 4.90 -9.40
C GLU D 334 29.86 6.16 -9.60
N ARG D 335 30.52 7.31 -9.54
CA ARG D 335 29.85 8.58 -9.74
C ARG D 335 30.02 9.03 -11.19
N THR D 336 29.32 10.10 -11.55
CA THR D 336 29.38 10.63 -12.91
C THR D 336 29.07 12.12 -12.92
N ILE D 337 29.83 12.87 -13.72
CA ILE D 337 29.66 14.31 -13.84
C ILE D 337 29.68 14.61 -15.33
N SER D 338 29.13 15.75 -15.72
CA SER D 338 29.12 16.17 -17.12
C SER D 338 28.65 17.61 -17.18
N LYS D 339 28.81 18.24 -18.34
CA LYS D 339 28.36 19.61 -18.50
C LYS D 339 26.88 19.61 -18.90
N PRO D 340 26.04 20.27 -18.10
CA PRO D 340 24.61 20.36 -18.36
C PRO D 340 24.31 21.19 -19.59
N LYS D 341 23.37 20.72 -20.39
CA LYS D 341 22.95 21.43 -21.59
C LYS D 341 22.26 22.68 -21.09
N GLY D 342 22.65 23.85 -21.57
CA GLY D 342 22.00 25.06 -21.10
C GLY D 342 22.05 26.21 -22.08
N SER D 343 21.03 27.06 -22.02
CA SER D 343 20.95 28.23 -22.90
C SER D 343 22.16 29.07 -22.65
N VAL D 344 22.57 29.91 -23.59
CA VAL D 344 23.73 30.75 -23.31
C VAL D 344 23.49 32.18 -23.76
N ARG D 345 23.96 33.11 -22.96
CA ARG D 345 23.85 34.52 -23.27
C ARG D 345 25.17 35.12 -22.87
N ALA D 346 25.58 36.13 -23.63
CA ALA D 346 26.84 36.79 -23.38
C ALA D 346 26.64 37.85 -22.33
N PRO D 347 27.56 37.89 -21.36
CA PRO D 347 27.53 38.84 -20.26
C PRO D 347 27.79 40.25 -20.72
N GLN D 348 26.84 41.12 -20.44
CA GLN D 348 27.00 42.53 -20.75
C GLN D 348 27.74 43.05 -19.53
N VAL D 349 29.05 43.21 -19.68
CA VAL D 349 29.96 43.69 -18.64
C VAL D 349 30.21 45.22 -18.72
N TYR D 350 29.98 45.93 -17.61
CA TYR D 350 30.18 47.38 -17.49
C TYR D 350 31.07 47.64 -16.28
N VAL D 351 31.78 48.76 -16.28
CA VAL D 351 32.60 49.12 -15.13
C VAL D 351 32.13 50.47 -14.62
N LEU D 352 31.76 50.52 -13.34
CA LEU D 352 31.27 51.76 -12.76
C LEU D 352 32.33 52.42 -11.89
N PRO D 353 32.44 53.75 -11.98
CA PRO D 353 33.40 54.56 -11.21
C PRO D 353 32.90 54.77 -9.80
N PRO D 354 33.83 55.01 -8.86
CA PRO D 354 33.43 55.24 -7.47
C PRO D 354 32.51 56.47 -7.45
N PRO D 355 31.44 56.42 -6.64
CA PRO D 355 30.49 57.52 -6.51
C PRO D 355 31.17 58.81 -6.09
N GLU D 356 30.79 59.91 -6.72
CA GLU D 356 31.36 61.22 -6.45
C GLU D 356 31.44 61.55 -4.94
N GLU D 357 30.41 61.14 -4.20
CA GLU D 357 30.33 61.37 -2.77
C GLU D 357 31.24 60.41 -1.99
N GLU D 358 32.39 60.10 -2.55
CA GLU D 358 33.35 59.20 -1.92
C GLU D 358 34.76 59.61 -2.30
N MET D 359 34.86 60.70 -3.06
CA MET D 359 36.16 61.20 -3.50
C MET D 359 36.82 62.02 -2.38
N THR D 360 36.80 61.49 -1.16
CA THR D 360 37.38 62.15 0.01
C THR D 360 38.29 61.18 0.74
N LYS D 361 37.76 60.00 1.04
CA LYS D 361 38.50 58.97 1.75
C LYS D 361 39.75 58.60 0.95
N LYS D 362 40.67 57.90 1.60
CA LYS D 362 41.92 57.48 0.95
C LYS D 362 41.68 56.38 -0.08
N GLN D 363 40.73 55.50 0.20
CA GLN D 363 40.40 54.41 -0.69
C GLN D 363 39.14 54.74 -1.46
N VAL D 364 39.01 54.14 -2.63
CA VAL D 364 37.85 54.32 -3.51
C VAL D 364 37.36 52.94 -3.95
N THR D 365 36.14 52.88 -4.46
CA THR D 365 35.59 51.61 -4.84
C THR D 365 35.11 51.44 -6.27
N LEU D 366 35.90 50.66 -6.99
CA LEU D 366 35.63 50.36 -8.37
C LEU D 366 34.64 49.20 -8.38
N THR D 367 33.62 49.32 -9.19
CA THR D 367 32.60 48.30 -9.28
C THR D 367 32.46 47.75 -10.69
N CYS D 368 32.53 46.43 -10.82
CA CYS D 368 32.35 45.79 -12.12
C CYS D 368 30.98 45.09 -12.13
N MET D 369 30.11 45.53 -13.04
CA MET D 369 28.77 44.94 -13.12
C MET D 369 28.64 43.95 -14.26
N VAL D 370 28.19 42.74 -13.96
CA VAL D 370 28.02 41.75 -15.01
C VAL D 370 26.56 41.31 -15.06
N THR D 371 25.93 41.49 -16.21
CA THR D 371 24.52 41.14 -16.33
C THR D 371 24.17 40.26 -17.50
N ASP D 372 22.91 39.86 -17.54
CA ASP D 372 22.37 39.04 -18.61
C ASP D 372 23.21 37.91 -19.15
N PHE D 373 23.70 37.02 -18.30
CA PHE D 373 24.50 35.96 -18.84
C PHE D 373 23.97 34.57 -18.49
N MET D 374 24.30 33.60 -19.32
CA MET D 374 23.89 32.21 -19.13
C MET D 374 24.96 31.39 -19.83
N PRO D 375 25.38 30.27 -19.21
CA PRO D 375 24.92 29.78 -17.92
C PRO D 375 25.51 30.59 -16.75
N GLU D 376 25.16 30.20 -15.53
CA GLU D 376 25.63 30.87 -14.32
C GLU D 376 27.15 30.77 -14.12
N ASP D 377 27.76 29.69 -14.60
CA ASP D 377 29.20 29.47 -14.46
C ASP D 377 29.99 30.58 -15.15
N ILE D 378 30.80 31.30 -14.37
CA ILE D 378 31.59 32.38 -14.89
C ILE D 378 32.81 32.58 -14.00
N TYR D 379 33.69 33.47 -14.42
CA TYR D 379 34.89 33.81 -13.68
C TYR D 379 35.31 35.21 -14.08
N VAL D 380 35.34 36.11 -13.12
CA VAL D 380 35.73 37.48 -13.35
C VAL D 380 36.82 37.85 -12.36
N GLU D 381 37.78 38.66 -12.81
CA GLU D 381 38.88 39.11 -11.97
C GLU D 381 39.20 40.53 -12.39
N TRP D 382 40.01 41.23 -11.59
CA TRP D 382 40.40 42.60 -11.92
C TRP D 382 41.87 42.54 -12.29
N THR D 383 42.31 43.45 -13.15
CA THR D 383 43.70 43.42 -13.60
C THR D 383 44.24 44.83 -13.68
N ASN D 384 45.53 44.98 -13.44
CA ASN D 384 46.21 46.27 -13.48
C ASN D 384 47.47 46.16 -14.32
N ASN D 385 47.46 46.81 -15.49
CA ASN D 385 48.60 46.79 -16.39
C ASN D 385 49.08 45.36 -16.70
N GLY D 386 48.15 44.41 -16.74
CA GLY D 386 48.52 43.04 -17.05
C GLY D 386 48.47 42.09 -15.86
N LYS D 387 49.06 42.50 -14.73
CA LYS D 387 49.09 41.66 -13.53
C LYS D 387 47.70 41.53 -12.87
N THR D 388 47.38 40.33 -12.40
CA THR D 388 46.11 40.05 -11.72
C THR D 388 46.07 40.89 -10.44
N GLU D 389 45.16 41.86 -10.39
CA GLU D 389 45.04 42.74 -9.24
C GLU D 389 44.59 42.02 -7.99
N LEU D 390 45.02 42.52 -6.84
CA LEU D 390 44.65 41.93 -5.56
C LEU D 390 43.61 42.88 -4.95
N ASN D 391 42.94 42.43 -3.91
CA ASN D 391 41.93 43.25 -3.24
C ASN D 391 40.63 43.53 -3.99
N TYR D 392 40.09 42.51 -4.64
CA TYR D 392 38.82 42.65 -5.32
C TYR D 392 38.01 41.52 -4.73
N LYS D 393 36.71 41.72 -4.57
CA LYS D 393 35.88 40.64 -4.05
C LYS D 393 34.69 40.43 -4.99
N ASN D 394 34.29 39.19 -5.14
CA ASN D 394 33.22 38.84 -6.05
C ASN D 394 31.97 38.34 -5.40
N THR D 395 30.84 38.92 -5.78
CA THR D 395 29.56 38.46 -5.31
C THR D 395 29.30 37.12 -5.98
N GLU D 396 28.41 36.33 -5.41
CA GLU D 396 28.04 35.06 -6.01
C GLU D 396 27.04 35.52 -7.06
N PRO D 397 26.84 34.76 -8.14
CA PRO D 397 25.91 35.15 -9.20
C PRO D 397 24.48 34.99 -8.75
N VAL D 398 23.66 35.97 -9.09
CA VAL D 398 22.25 35.90 -8.71
C VAL D 398 21.36 35.83 -9.93
N LEU D 399 20.25 35.12 -9.78
CA LEU D 399 19.30 34.96 -10.86
C LEU D 399 18.37 36.16 -10.94
N ASP D 400 18.55 36.95 -12.00
CA ASP D 400 17.76 38.12 -12.29
C ASP D 400 16.34 37.68 -12.65
N SER D 401 15.46 38.64 -12.84
CA SER D 401 14.07 38.36 -13.20
C SER D 401 13.91 37.55 -14.49
N ASP D 402 14.59 37.99 -15.55
CA ASP D 402 14.50 37.33 -16.85
C ASP D 402 15.29 36.03 -17.03
N GLY D 403 15.38 35.21 -16.00
CA GLY D 403 16.10 33.96 -16.14
C GLY D 403 17.61 34.07 -16.31
N SER D 404 18.13 35.27 -16.52
CA SER D 404 19.57 35.45 -16.67
C SER D 404 20.22 35.73 -15.30
N TYR D 405 21.54 35.67 -15.25
CA TYR D 405 22.29 35.93 -14.03
C TYR D 405 23.09 37.23 -14.09
N PHE D 406 23.34 37.81 -12.92
CA PHE D 406 24.14 39.03 -12.84
C PHE D 406 25.04 38.86 -11.63
N MET D 407 26.01 39.74 -11.51
CA MET D 407 26.97 39.70 -10.40
C MET D 407 27.91 40.87 -10.49
N TYR D 408 28.46 41.24 -9.34
CA TYR D 408 29.38 42.36 -9.26
C TYR D 408 30.74 41.96 -8.72
N SER D 409 31.74 42.77 -8.99
CA SER D 409 33.09 42.52 -8.50
C SER D 409 33.61 43.87 -8.07
N LYS D 410 33.78 44.02 -6.76
CA LYS D 410 34.23 45.27 -6.19
C LYS D 410 35.73 45.28 -6.02
N LEU D 411 36.32 46.43 -6.32
CA LEU D 411 37.75 46.61 -6.19
C LEU D 411 38.00 47.86 -5.40
N ARG D 412 38.79 47.72 -4.34
CA ARG D 412 39.12 48.84 -3.48
C ARG D 412 40.54 49.28 -3.82
N VAL D 413 40.71 50.58 -4.07
CA VAL D 413 42.03 51.12 -4.41
C VAL D 413 42.30 52.49 -3.77
N GLU D 414 43.58 52.81 -3.59
CA GLU D 414 44.01 54.08 -3.00
C GLU D 414 43.81 55.21 -4.01
N LYS D 415 42.89 56.13 -3.70
CA LYS D 415 42.54 57.27 -4.56
C LYS D 415 43.63 57.84 -5.45
N LYS D 416 44.85 57.88 -4.95
CA LYS D 416 45.97 58.41 -5.72
C LYS D 416 46.03 57.72 -7.08
N ASN D 417 46.06 56.40 -7.05
CA ASN D 417 46.13 55.59 -8.27
C ASN D 417 44.94 55.80 -9.20
N TRP D 418 43.80 56.20 -8.65
CA TRP D 418 42.61 56.41 -9.45
C TRP D 418 42.67 57.69 -10.30
N VAL D 419 42.87 58.83 -9.66
CA VAL D 419 42.93 60.10 -10.37
C VAL D 419 44.16 60.25 -11.26
N GLU D 420 45.25 59.58 -10.89
CA GLU D 420 46.50 59.63 -11.67
C GLU D 420 46.35 58.83 -12.96
N ARG D 421 45.24 58.09 -13.04
CA ARG D 421 44.91 57.24 -14.18
C ARG D 421 45.80 56.00 -14.20
N ASN D 422 45.17 54.84 -14.08
CA ASN D 422 45.89 53.58 -14.09
C ASN D 422 45.06 52.56 -14.87
N SER D 423 45.72 51.50 -15.32
CA SER D 423 45.06 50.46 -16.10
C SER D 423 44.31 49.40 -15.29
N TYR D 424 43.23 49.80 -14.65
CA TYR D 424 42.41 48.89 -13.87
C TYR D 424 41.33 48.36 -14.82
N SER D 425 41.25 47.04 -14.97
CA SER D 425 40.28 46.45 -15.88
C SER D 425 39.59 45.23 -15.31
N CYS D 426 38.31 45.12 -15.63
CA CYS D 426 37.52 44.00 -15.18
C CYS D 426 37.68 42.99 -16.31
N SER D 427 38.12 41.79 -16.00
CA SER D 427 38.29 40.82 -17.06
C SER D 427 37.47 39.57 -16.79
N VAL D 428 36.43 39.37 -17.61
CA VAL D 428 35.57 38.20 -17.45
C VAL D 428 35.79 37.12 -18.50
N VAL D 429 35.55 35.89 -18.11
CA VAL D 429 35.69 34.77 -18.99
C VAL D 429 34.43 33.94 -18.81
N HIS D 430 33.70 33.78 -19.90
CA HIS D 430 32.44 33.05 -19.90
C HIS D 430 32.36 32.33 -21.23
N GLU D 431 31.83 31.11 -21.23
CA GLU D 431 31.72 30.36 -22.47
C GLU D 431 31.07 31.14 -23.61
N GLY D 432 30.04 31.90 -23.29
CA GLY D 432 29.38 32.65 -24.32
C GLY D 432 30.03 33.98 -24.60
N LEU D 433 31.35 34.01 -24.71
CA LEU D 433 32.07 35.27 -24.96
C LEU D 433 33.02 35.08 -26.12
N HIS D 434 33.27 36.15 -26.88
CA HIS D 434 34.16 36.09 -28.05
C HIS D 434 35.18 34.99 -27.93
N ASN D 435 36.33 35.20 -27.31
CA ASN D 435 37.24 34.07 -27.23
C ASN D 435 37.18 33.53 -25.82
N HIS D 436 35.96 33.51 -25.30
CA HIS D 436 35.67 33.07 -23.96
C HIS D 436 36.08 34.17 -22.98
N HIS D 437 36.68 35.25 -23.48
CA HIS D 437 37.16 36.33 -22.63
C HIS D 437 37.01 37.75 -23.15
N THR D 438 36.29 38.59 -22.43
CA THR D 438 36.19 39.99 -22.80
C THR D 438 36.91 40.67 -21.63
N THR D 439 37.18 41.96 -21.71
CA THR D 439 37.90 42.62 -20.63
C THR D 439 37.71 44.12 -20.73
N LYS D 440 36.55 44.59 -20.30
CA LYS D 440 36.23 46.01 -20.34
C LYS D 440 37.12 46.84 -19.45
N SER D 441 37.54 47.97 -19.98
CA SER D 441 38.45 48.88 -19.28
C SER D 441 37.81 50.21 -18.86
N PHE D 442 38.63 51.10 -18.29
CA PHE D 442 38.18 52.39 -17.83
C PHE D 442 38.58 53.55 -18.74
N SER D 443 38.37 54.77 -18.23
CA SER D 443 38.69 55.98 -18.98
C SER D 443 39.43 57.01 -18.11
N ARG D 444 38.71 57.68 -17.20
CA ARG D 444 39.31 58.70 -16.35
C ARG D 444 38.79 58.57 -14.92
#